data_4GQO
#
_entry.id   4GQO
#
_cell.length_a   44.865
_cell.length_b   120.033
_cell.length_c   221.448
_cell.angle_alpha   90.00
_cell.angle_beta   90.00
_cell.angle_gamma   90.00
#
_symmetry.space_group_name_H-M   'P 21 21 21'
#
loop_
_entity.id
_entity.type
_entity.pdbx_description
1 polymer 'Lmo0859 protein'
2 non-polymer 'TRIETHYLENE GLYCOL'
3 water water
#
_entity_poly.entity_id   1
_entity_poly.type   'polypeptide(L)'
_entity_poly.pdbx_seq_one_letter_code
;(MSE)HHHHHHSSGVDLGTENLYFQSNADDNGKTKVTFWAAPNPTQVKYWDE(MSE)AKAYEKENPDVTIEVSQ(MSE)K
ESPSSEATIQSAIASKTAPT(MSE)SENINRSFAAQLADSKAIVPLNDVKGLDDVVKERN(MSE)SET(MSE)DSWKFSD
GNQYVLPVYSNPILFAWRLDTLKELGYDAPPKTYSEALEVGKKLKAKYPDKVLWAKGDLSDPTAW(MSE)RWFDFFPLYD
AASKGNAFVEDGKLVADDKAGTELLTF(MSE)SELQKNKLLLASKATDPFETGTSI(MSE)ADNGPWTFPNWDEKFPELK
YNENYAITAPLVPDS(MSE)VNEENVATYADSKGVV(MSE)YAQATDKEKEAA(MSE)DFLKFVYNDDKNDLKFLETTNL
IPARDDATENETFTAFFKENPELEVYAANVPYSIPA(MSE)DDAKYNDIQQIIGEEAWNPIVRGEKKPTKAWSD(MSE)K
KAEDGVLQE
;
_entity_poly.pdbx_strand_id   A,B,C
#
loop_
_chem_comp.id
_chem_comp.type
_chem_comp.name
_chem_comp.formula
PGE non-polymer 'TRIETHYLENE GLYCOL' 'C6 H14 O4'
#
# COMPACT_ATOMS: atom_id res chain seq x y z
N LYS A 29 5.55 -12.08 -7.74
CA LYS A 29 4.99 -10.90 -7.06
C LYS A 29 5.09 -9.67 -7.95
N THR A 30 4.04 -8.86 -7.97
CA THR A 30 4.01 -7.66 -8.80
C THR A 30 4.17 -6.45 -7.89
N LYS A 31 4.91 -5.45 -8.36
CA LYS A 31 5.12 -4.25 -7.56
C LYS A 31 4.56 -3.02 -8.26
N VAL A 32 3.71 -2.29 -7.52
CA VAL A 32 3.10 -1.07 -8.01
C VAL A 32 3.79 0.06 -7.29
N THR A 33 4.29 1.05 -8.03
CA THR A 33 4.92 2.19 -7.36
C THR A 33 3.87 3.28 -7.46
N PHE A 34 3.59 3.90 -6.32
N PHE A 34 3.57 3.91 -6.33
CA PHE A 34 2.56 4.94 -6.19
CA PHE A 34 2.56 4.96 -6.30
C PHE A 34 3.13 6.25 -5.64
C PHE A 34 3.07 6.24 -5.65
N TRP A 35 3.11 7.30 -6.44
CA TRP A 35 3.56 8.62 -6.00
C TRP A 35 2.37 9.43 -5.47
N ALA A 36 2.32 9.64 -4.16
CA ALA A 36 1.26 10.41 -3.53
C ALA A 36 1.63 11.91 -3.55
N ALA A 37 0.63 12.73 -3.24
CA ALA A 37 0.77 14.18 -3.22
C ALA A 37 1.88 14.66 -2.26
N PRO A 38 2.38 15.88 -2.48
CA PRO A 38 3.46 16.39 -1.61
C PRO A 38 2.97 16.90 -0.24
N ASN A 39 2.33 16.00 0.50
N ASN A 39 2.30 16.07 0.54
CA ASN A 39 1.78 16.32 1.80
CA ASN A 39 1.89 16.47 1.88
C ASN A 39 1.80 15.08 2.66
C ASN A 39 1.76 15.20 2.69
N PRO A 40 2.48 15.14 3.82
CA PRO A 40 2.56 13.98 4.71
C PRO A 40 1.26 13.29 5.07
N THR A 41 0.21 14.05 5.32
CA THR A 41 -1.07 13.49 5.73
C THR A 41 -1.75 12.67 4.63
N GLN A 42 -1.68 13.19 3.41
CA GLN A 42 -2.25 12.53 2.26
C GLN A 42 -1.39 11.28 1.93
N VAL A 43 -0.06 11.39 2.10
CA VAL A 43 0.82 10.26 1.87
C VAL A 43 0.49 9.15 2.89
N LYS A 44 0.27 9.52 4.16
CA LYS A 44 -0.04 8.52 5.18
C LYS A 44 -1.33 7.76 4.83
N TYR A 45 -2.35 8.51 4.41
CA TYR A 45 -3.62 7.92 4.02
C TYR A 45 -3.39 6.79 3.03
N TRP A 46 -2.67 7.10 1.94
CA TRP A 46 -2.39 6.10 0.92
C TRP A 46 -1.56 4.93 1.42
N ASP A 47 -0.60 5.22 2.28
CA ASP A 47 0.27 4.17 2.83
C ASP A 47 -0.53 3.19 3.70
N GLU A 48 -1.46 3.72 4.50
CA GLU A 48 -2.31 2.89 5.33
C GLU A 48 -3.18 2.00 4.41
N MSE A 49 -3.71 2.59 3.34
CA MSE A 49 -4.52 1.84 2.38
C MSE A 49 -3.64 0.74 1.77
O MSE A 49 -4.05 -0.42 1.67
CB MSE A 49 -5.03 2.71 1.23
CG MSE A 49 -6.05 3.79 1.58
SE MSE A 49 -7.71 3.05 2.33
CE MSE A 49 -7.14 2.58 4.08
N ALA A 50 -2.42 1.10 1.36
CA ALA A 50 -1.47 0.13 0.76
C ALA A 50 -1.15 -1.05 1.70
N LYS A 51 -0.89 -0.77 2.97
CA LYS A 51 -0.58 -1.84 3.93
C LYS A 51 -1.76 -2.77 4.17
N ALA A 52 -2.96 -2.22 4.23
CA ALA A 52 -4.13 -3.07 4.44
C ALA A 52 -4.38 -3.92 3.19
N TYR A 53 -4.15 -3.34 2.00
CA TYR A 53 -4.34 -4.07 0.75
C TYR A 53 -3.35 -5.23 0.64
N GLU A 54 -2.09 -4.99 1.04
CA GLU A 54 -1.06 -6.01 1.00
C GLU A 54 -1.40 -7.18 1.92
N LYS A 55 -2.06 -6.88 3.03
CA LYS A 55 -2.46 -7.96 3.94
C LYS A 55 -3.46 -8.85 3.25
N GLU A 56 -4.29 -8.26 2.40
N GLU A 56 -4.38 -8.28 2.48
CA GLU A 56 -5.34 -8.99 1.69
CA GLU A 56 -5.40 -9.08 1.81
C GLU A 56 -4.78 -9.61 0.38
C GLU A 56 -4.85 -9.81 0.57
N ASN A 57 -3.71 -9.05 -0.18
N ASN A 57 -3.91 -9.18 -0.12
CA ASN A 57 -3.15 -9.62 -1.42
CA ASN A 57 -3.31 -9.78 -1.31
C ASN A 57 -1.65 -9.76 -1.26
C ASN A 57 -1.77 -9.79 -1.22
N PRO A 58 -1.22 -10.85 -0.62
CA PRO A 58 0.21 -11.07 -0.38
C PRO A 58 1.12 -11.09 -1.60
N ASP A 59 0.56 -11.28 -2.79
CA ASP A 59 1.37 -11.31 -4.01
C ASP A 59 1.61 -9.94 -4.64
N VAL A 60 1.04 -8.89 -4.05
CA VAL A 60 1.20 -7.55 -4.57
C VAL A 60 1.83 -6.61 -3.53
N THR A 61 2.74 -5.76 -3.99
CA THR A 61 3.38 -4.75 -3.15
C THR A 61 2.99 -3.38 -3.68
N ILE A 62 2.43 -2.53 -2.82
CA ILE A 62 2.05 -1.17 -3.23
C ILE A 62 2.97 -0.20 -2.50
N GLU A 63 4.02 0.25 -3.18
N GLU A 63 4.03 0.24 -3.16
CA GLU A 63 4.97 1.17 -2.55
CA GLU A 63 4.99 1.17 -2.55
C GLU A 63 4.59 2.64 -2.73
C GLU A 63 4.61 2.65 -2.72
N VAL A 64 4.17 3.25 -1.62
CA VAL A 64 3.76 4.65 -1.60
C VAL A 64 4.92 5.55 -1.18
N SER A 65 5.11 6.64 -1.91
CA SER A 65 6.16 7.60 -1.59
C SER A 65 5.59 8.99 -1.81
N GLN A 66 6.13 9.97 -1.10
CA GLN A 66 5.69 11.35 -1.22
C GLN A 66 6.41 11.95 -2.43
N MSE A 67 5.64 12.48 -3.36
CA MSE A 67 6.19 13.06 -4.56
C MSE A 67 7.01 14.31 -4.20
O MSE A 67 6.65 15.07 -3.29
CB MSE A 67 5.04 13.43 -5.47
CG MSE A 67 5.32 13.81 -6.89
SE MSE A 67 3.55 14.27 -7.57
CE MSE A 67 2.55 12.62 -7.19
N LYS A 68 8.15 14.47 -4.86
CA LYS A 68 9.01 15.62 -4.66
C LYS A 68 8.57 16.76 -5.56
N GLU A 69 8.82 17.98 -5.10
CA GLU A 69 8.50 19.19 -5.86
C GLU A 69 9.86 19.72 -6.31
N SER A 70 10.15 19.61 -7.61
CA SER A 70 11.46 20.01 -8.13
C SER A 70 11.47 20.86 -9.41
N PRO A 71 10.97 22.10 -9.33
CA PRO A 71 10.42 22.81 -8.17
C PRO A 71 8.94 22.56 -7.91
N SER A 72 8.23 21.93 -8.85
CA SER A 72 6.81 21.64 -8.64
C SER A 72 6.58 20.16 -8.97
N SER A 73 5.43 19.65 -8.55
CA SER A 73 5.07 18.25 -8.80
C SER A 73 5.05 17.97 -10.29
N GLU A 74 4.56 18.92 -11.08
CA GLU A 74 4.49 18.75 -12.51
C GLU A 74 5.86 18.62 -13.15
N ALA A 75 6.85 19.37 -12.68
CA ALA A 75 8.18 19.26 -13.27
C ALA A 75 8.81 17.92 -12.83
N THR A 76 8.50 17.47 -11.62
CA THR A 76 9.04 16.20 -11.12
C THR A 76 8.54 15.06 -12.03
N ILE A 77 7.25 15.10 -12.35
CA ILE A 77 6.62 14.10 -13.22
C ILE A 77 7.16 14.18 -14.64
N GLN A 78 7.29 15.38 -15.19
CA GLN A 78 7.80 15.56 -16.55
C GLN A 78 9.23 15.02 -16.68
N SER A 79 10.02 15.23 -15.64
N SER A 79 10.04 15.23 -15.65
CA SER A 79 11.41 14.78 -15.59
CA SER A 79 11.42 14.77 -15.61
C SER A 79 11.49 13.24 -15.51
C SER A 79 11.49 13.24 -15.53
N ALA A 80 10.60 12.64 -14.73
CA ALA A 80 10.54 11.18 -14.58
C ALA A 80 10.18 10.51 -15.91
N ILE A 81 9.24 11.11 -16.63
CA ILE A 81 8.83 10.58 -17.92
C ILE A 81 10.04 10.58 -18.87
N ALA A 82 10.72 11.72 -18.91
CA ALA A 82 11.89 11.89 -19.77
C ALA A 82 13.02 10.90 -19.46
N SER A 83 13.23 10.60 -18.18
CA SER A 83 14.31 9.69 -17.78
C SER A 83 13.83 8.22 -17.67
N LYS A 84 12.57 7.98 -18.03
CA LYS A 84 11.98 6.64 -18.00
C LYS A 84 11.90 6.11 -16.57
N THR A 85 11.66 6.99 -15.60
CA THR A 85 11.56 6.57 -14.19
C THR A 85 10.19 6.86 -13.59
N ALA A 86 9.19 6.98 -14.46
CA ALA A 86 7.84 7.24 -14.01
C ALA A 86 7.35 6.07 -13.16
N PRO A 87 6.56 6.38 -12.11
CA PRO A 87 6.06 5.30 -11.30
C PRO A 87 4.90 4.61 -12.04
N THR A 88 4.28 3.61 -11.44
CA THR A 88 3.15 2.97 -12.07
C THR A 88 1.96 3.93 -12.10
N MSE A 89 1.82 4.70 -11.01
N MSE A 89 1.82 4.68 -11.01
CA MSE A 89 0.74 5.64 -10.86
CA MSE A 89 0.70 5.60 -10.83
C MSE A 89 1.09 6.77 -9.91
C MSE A 89 1.04 6.75 -9.87
O MSE A 89 2.00 6.64 -9.09
O MSE A 89 1.92 6.61 -8.99
CB MSE A 89 -0.49 4.91 -10.30
CB MSE A 89 -0.47 4.75 -10.29
CG MSE A 89 -0.18 4.19 -8.98
CG MSE A 89 -1.71 5.49 -9.77
SE MSE A 89 -1.64 3.19 -8.14
SE MSE A 89 -3.17 4.26 -9.22
CE MSE A 89 -2.77 4.67 -7.55
CE MSE A 89 -2.24 3.18 -7.90
N SER A 90 0.38 7.88 -10.05
CA SER A 90 0.56 9.06 -9.19
C SER A 90 -0.81 9.70 -9.10
N GLU A 91 -1.04 10.44 -8.02
CA GLU A 91 -2.27 11.20 -7.83
C GLU A 91 -1.81 12.64 -8.10
N ASN A 92 -2.55 13.62 -7.60
CA ASN A 92 -2.17 15.00 -7.74
C ASN A 92 -2.20 15.50 -9.21
N ILE A 93 -2.94 14.85 -10.11
CA ILE A 93 -3.01 15.31 -11.51
C ILE A 93 -4.33 16.03 -11.80
N ASN A 94 -4.27 17.28 -12.26
CA ASN A 94 -5.51 17.96 -12.58
C ASN A 94 -5.86 17.66 -14.05
N ARG A 95 -7.03 18.07 -14.49
CA ARG A 95 -7.46 17.72 -15.84
C ARG A 95 -6.66 18.33 -17.00
N SER A 96 -6.20 19.56 -16.84
CA SER A 96 -5.45 20.24 -17.89
C SER A 96 -4.08 19.57 -18.08
N PHE A 97 -3.40 19.29 -16.97
CA PHE A 97 -2.10 18.62 -17.01
C PHE A 97 -2.27 17.21 -17.58
N ALA A 98 -3.36 16.53 -17.20
CA ALA A 98 -3.62 15.20 -17.75
C ALA A 98 -3.75 15.33 -19.27
N ALA A 99 -4.36 16.40 -19.78
CA ALA A 99 -4.46 16.56 -21.25
C ALA A 99 -3.06 16.64 -21.87
N GLN A 100 -2.12 17.33 -21.23
CA GLN A 100 -0.75 17.39 -21.76
C GLN A 100 -0.13 15.99 -21.77
N LEU A 101 -0.24 15.28 -20.66
CA LEU A 101 0.32 13.94 -20.55
C LEU A 101 -0.34 12.98 -21.54
N ALA A 102 -1.64 13.13 -21.76
CA ALA A 102 -2.32 12.25 -22.71
C ALA A 102 -1.83 12.55 -24.14
N ASP A 103 -1.70 13.82 -24.50
CA ASP A 103 -1.23 14.17 -25.84
C ASP A 103 0.16 13.58 -26.17
N SER A 104 1.06 13.50 -25.18
CA SER A 104 2.42 12.91 -25.38
C SER A 104 2.41 11.39 -25.14
N LYS A 105 1.25 10.85 -24.81
CA LYS A 105 1.10 9.42 -24.56
C LYS A 105 1.91 8.89 -23.39
N ALA A 106 2.21 9.76 -22.42
CA ALA A 106 2.96 9.36 -21.23
C ALA A 106 2.04 8.61 -20.25
N ILE A 107 0.74 8.83 -20.36
CA ILE A 107 -0.25 8.15 -19.50
C ILE A 107 -1.22 7.41 -20.43
N VAL A 108 -1.95 6.43 -19.88
CA VAL A 108 -2.84 5.63 -20.68
C VAL A 108 -4.31 5.81 -20.31
N PRO A 109 -5.20 5.47 -21.24
CA PRO A 109 -6.63 5.59 -20.93
C PRO A 109 -7.01 4.59 -19.85
N LEU A 110 -7.61 5.05 -18.77
CA LEU A 110 -7.99 4.13 -17.67
C LEU A 110 -9.07 3.16 -18.09
N ASN A 111 -9.89 3.57 -19.05
CA ASN A 111 -10.95 2.75 -19.56
C ASN A 111 -10.40 1.55 -20.31
N ASP A 112 -9.08 1.50 -20.51
CA ASP A 112 -8.43 0.35 -21.17
C ASP A 112 -7.83 -0.60 -20.15
N VAL A 113 -7.99 -0.28 -18.88
CA VAL A 113 -7.47 -1.13 -17.81
C VAL A 113 -8.66 -1.78 -17.12
N LYS A 114 -8.71 -3.11 -17.13
N LYS A 114 -8.65 -3.11 -17.05
CA LYS A 114 -9.83 -3.81 -16.49
CA LYS A 114 -9.72 -3.85 -16.39
C LYS A 114 -9.99 -3.42 -15.02
C LYS A 114 -9.97 -3.38 -14.97
N GLY A 115 -11.24 -3.19 -14.62
CA GLY A 115 -11.57 -2.79 -13.28
C GLY A 115 -12.05 -1.36 -13.11
N LEU A 116 -11.84 -0.49 -14.10
CA LEU A 116 -12.25 0.93 -13.97
C LEU A 116 -13.76 1.12 -13.63
N ASP A 117 -14.62 0.48 -14.42
CA ASP A 117 -16.04 0.60 -14.18
C ASP A 117 -16.41 0.17 -12.75
N ASP A 118 -15.77 -0.89 -12.23
CA ASP A 118 -16.05 -1.37 -10.86
C ASP A 118 -15.74 -0.27 -9.83
N VAL A 119 -14.63 0.43 -10.01
CA VAL A 119 -14.25 1.49 -9.10
C VAL A 119 -15.29 2.63 -9.13
N VAL A 120 -15.63 3.08 -10.34
CA VAL A 120 -16.58 4.18 -10.53
C VAL A 120 -17.95 3.83 -9.94
N LYS A 121 -18.39 2.61 -10.22
CA LYS A 121 -19.66 2.14 -9.72
C LYS A 121 -19.73 2.06 -8.18
N GLU A 122 -18.74 1.42 -7.55
CA GLU A 122 -18.77 1.23 -6.10
C GLU A 122 -18.64 2.53 -5.28
N ARG A 123 -17.98 3.54 -5.83
CA ARG A 123 -17.78 4.78 -5.10
C ARG A 123 -18.94 5.76 -5.37
N ASN A 124 -19.88 5.35 -6.21
CA ASN A 124 -21.04 6.15 -6.54
C ASN A 124 -20.55 7.52 -7.06
N MSE A 125 -19.64 7.47 -8.02
CA MSE A 125 -19.06 8.68 -8.60
C MSE A 125 -19.30 8.82 -10.11
O MSE A 125 -18.55 9.52 -10.78
CB MSE A 125 -17.55 8.71 -8.32
CG MSE A 125 -16.74 7.62 -9.05
SE MSE A 125 -14.83 7.74 -8.78
CE MSE A 125 -14.54 9.64 -9.22
N SER A 126 -20.33 8.18 -10.65
CA SER A 126 -20.57 8.24 -12.10
C SER A 126 -20.75 9.66 -12.67
N GLU A 127 -21.51 10.51 -12.00
CA GLU A 127 -21.71 11.89 -12.49
C GLU A 127 -20.39 12.68 -12.44
N THR A 128 -19.65 12.56 -11.34
CA THR A 128 -18.38 13.26 -11.18
C THR A 128 -17.40 12.76 -12.24
N MSE A 129 -17.29 11.44 -12.41
CA MSE A 129 -16.38 10.89 -13.41
C MSE A 129 -16.71 11.33 -14.84
O MSE A 129 -15.83 11.64 -15.66
CB MSE A 129 -16.43 9.37 -13.33
CG MSE A 129 -15.53 8.61 -14.27
SE MSE A 129 -13.66 9.18 -14.03
CE MSE A 129 -12.77 7.66 -14.83
N ASP A 130 -18.00 11.35 -15.15
CA ASP A 130 -18.46 11.72 -16.48
C ASP A 130 -18.02 13.15 -16.87
N SER A 131 -18.00 14.07 -15.90
CA SER A 131 -17.60 15.47 -16.15
C SER A 131 -16.10 15.56 -16.56
N TRP A 132 -15.33 14.53 -16.27
CA TRP A 132 -13.92 14.49 -16.65
C TRP A 132 -13.63 13.95 -18.05
N LYS A 133 -14.62 13.32 -18.67
CA LYS A 133 -14.50 12.71 -19.99
C LYS A 133 -13.71 13.58 -20.96
N PHE A 134 -12.69 13.01 -21.59
CA PHE A 134 -11.88 13.78 -22.54
C PHE A 134 -12.43 13.77 -23.97
N SER A 135 -11.96 14.73 -24.74
CA SER A 135 -12.34 14.93 -26.13
C SER A 135 -12.29 13.66 -27.02
N ASP A 136 -11.33 12.77 -26.79
CA ASP A 136 -11.21 11.53 -27.59
C ASP A 136 -12.12 10.39 -27.07
N GLY A 137 -12.90 10.63 -26.03
CA GLY A 137 -13.79 9.59 -25.51
C GLY A 137 -13.23 8.80 -24.34
N ASN A 138 -11.94 8.93 -24.07
CA ASN A 138 -11.29 8.23 -22.95
C ASN A 138 -11.32 8.98 -21.61
N GLN A 139 -10.97 8.26 -20.56
CA GLN A 139 -10.89 8.80 -19.20
C GLN A 139 -9.45 8.55 -18.79
N TYR A 140 -8.68 9.61 -18.55
CA TYR A 140 -7.27 9.46 -18.17
C TYR A 140 -7.00 9.58 -16.67
N VAL A 141 -7.99 10.08 -15.95
CA VAL A 141 -7.85 10.30 -14.54
C VAL A 141 -9.02 9.80 -13.70
N LEU A 142 -8.70 9.24 -12.54
CA LEU A 142 -9.70 8.78 -11.59
C LEU A 142 -9.63 9.86 -10.49
N PRO A 143 -10.62 10.76 -10.46
CA PRO A 143 -10.56 11.82 -9.46
C PRO A 143 -10.59 11.31 -8.05
N VAL A 144 -9.69 11.88 -7.23
CA VAL A 144 -9.55 11.55 -5.83
C VAL A 144 -10.40 12.48 -4.99
N TYR A 145 -10.26 13.77 -5.25
CA TYR A 145 -11.05 14.75 -4.53
C TYR A 145 -11.54 15.77 -5.51
N SER A 146 -12.61 16.44 -5.12
CA SER A 146 -13.21 17.47 -5.90
C SER A 146 -13.76 18.52 -4.93
N ASN A 147 -13.10 19.67 -4.91
CA ASN A 147 -13.47 20.79 -4.05
C ASN A 147 -14.17 21.89 -4.84
N PRO A 148 -15.50 21.95 -4.75
CA PRO A 148 -16.17 23.02 -5.44
C PRO A 148 -15.76 24.40 -4.89
N ILE A 149 -15.66 25.38 -5.76
CA ILE A 149 -15.29 26.71 -5.30
C ILE A 149 -16.59 27.45 -5.04
N LEU A 150 -16.89 27.62 -3.75
CA LEU A 150 -18.08 28.30 -3.33
C LEU A 150 -17.72 29.69 -2.80
N PHE A 151 -18.72 30.46 -2.41
CA PHE A 151 -18.50 31.80 -1.88
C PHE A 151 -18.98 31.95 -0.43
N ALA A 152 -18.10 32.48 0.41
CA ALA A 152 -18.40 32.75 1.79
C ALA A 152 -18.96 34.17 1.81
N TRP A 153 -19.92 34.39 2.71
CA TRP A 153 -20.57 35.68 2.92
C TRP A 153 -20.58 36.08 4.38
N ARG A 154 -20.41 37.37 4.67
CA ARG A 154 -20.46 37.84 6.04
C ARG A 154 -21.93 38.06 6.43
N LEU A 155 -22.53 37.07 7.09
CA LEU A 155 -23.93 37.17 7.53
C LEU A 155 -24.15 38.29 8.51
N ASP A 156 -23.17 38.52 9.39
CA ASP A 156 -23.27 39.59 10.36
C ASP A 156 -23.45 40.94 9.67
N THR A 157 -22.61 41.22 8.66
CA THR A 157 -22.70 42.49 7.91
C THR A 157 -24.01 42.51 7.11
N LEU A 158 -24.36 41.38 6.48
CA LEU A 158 -25.61 41.29 5.72
C LEU A 158 -26.83 41.59 6.62
N LYS A 159 -26.81 41.14 7.88
CA LYS A 159 -27.92 41.42 8.79
C LYS A 159 -28.01 42.91 9.14
N GLU A 160 -26.85 43.56 9.28
CA GLU A 160 -26.85 44.99 9.60
C GLU A 160 -27.47 45.79 8.47
N LEU A 161 -27.38 45.26 7.25
CA LEU A 161 -27.95 45.93 6.08
C LEU A 161 -29.40 45.53 5.78
N GLY A 162 -30.01 44.73 6.64
CA GLY A 162 -31.40 44.31 6.47
C GLY A 162 -31.65 42.98 5.75
N TYR A 163 -30.59 42.20 5.54
CA TYR A 163 -30.74 40.90 4.85
C TYR A 163 -30.53 39.74 5.79
N ASP A 164 -31.33 38.70 5.62
N ASP A 164 -31.33 38.69 5.63
CA ASP A 164 -31.25 37.50 6.44
CA ASP A 164 -31.20 37.51 6.48
C ASP A 164 -30.43 36.42 5.75
C ASP A 164 -30.42 36.40 5.76
N ALA A 165 -30.13 36.60 4.48
CA ALA A 165 -29.38 35.63 3.71
C ALA A 165 -28.67 36.32 2.55
N PRO A 166 -27.63 35.68 2.01
CA PRO A 166 -26.91 36.27 0.89
C PRO A 166 -27.77 36.38 -0.34
N PRO A 167 -27.50 37.35 -1.21
CA PRO A 167 -28.24 37.51 -2.43
C PRO A 167 -27.87 36.36 -3.39
N LYS A 168 -28.74 36.04 -4.34
CA LYS A 168 -28.47 34.97 -5.29
C LYS A 168 -28.18 35.43 -6.71
N THR A 169 -28.77 36.54 -7.10
CA THR A 169 -28.59 37.03 -8.45
C THR A 169 -27.75 38.30 -8.51
N TYR A 170 -27.31 38.62 -9.72
CA TYR A 170 -26.51 39.81 -9.93
C TYR A 170 -27.23 41.08 -9.44
N SER A 171 -28.52 41.21 -9.73
CA SER A 171 -29.26 42.41 -9.30
C SER A 171 -29.35 42.51 -7.78
N GLU A 172 -29.62 41.38 -7.13
CA GLU A 172 -29.69 41.34 -5.67
C GLU A 172 -28.31 41.73 -5.09
N ALA A 173 -27.23 41.28 -5.73
CA ALA A 173 -25.89 41.60 -5.26
C ALA A 173 -25.64 43.09 -5.36
N LEU A 174 -26.08 43.71 -6.45
CA LEU A 174 -25.94 45.15 -6.66
C LEU A 174 -26.75 45.95 -5.62
N GLU A 175 -27.97 45.52 -5.27
N GLU A 175 -27.95 45.47 -5.29
CA GLU A 175 -28.72 46.27 -4.25
CA GLU A 175 -28.78 46.12 -4.28
C GLU A 175 -28.02 46.10 -2.91
C GLU A 175 -28.04 46.08 -2.95
N VAL A 176 -27.55 44.90 -2.59
CA VAL A 176 -26.82 44.70 -1.33
C VAL A 176 -25.63 45.68 -1.32
N GLY A 177 -24.95 45.77 -2.46
CA GLY A 177 -23.79 46.64 -2.64
C GLY A 177 -24.10 48.10 -2.37
N LYS A 178 -25.23 48.59 -2.89
CA LYS A 178 -25.59 49.98 -2.67
C LYS A 178 -25.82 50.23 -1.19
N LYS A 179 -26.50 49.30 -0.53
CA LYS A 179 -26.76 49.46 0.88
C LYS A 179 -25.45 49.37 1.67
N LEU A 180 -24.54 48.52 1.20
CA LEU A 180 -23.26 48.35 1.86
C LEU A 180 -22.49 49.69 1.84
N LYS A 181 -22.35 50.29 0.66
CA LYS A 181 -21.60 51.56 0.54
C LYS A 181 -22.23 52.70 1.34
N ALA A 182 -23.55 52.73 1.44
CA ALA A 182 -24.24 53.78 2.19
C ALA A 182 -23.95 53.71 3.70
N LYS A 183 -23.79 52.51 4.24
CA LYS A 183 -23.50 52.36 5.67
C LYS A 183 -21.98 52.24 5.90
N TYR A 184 -21.28 51.56 5.00
CA TYR A 184 -19.84 51.41 5.15
C TYR A 184 -19.13 51.75 3.84
N PRO A 185 -18.80 53.03 3.61
CA PRO A 185 -18.17 53.42 2.34
C PRO A 185 -16.79 52.80 2.08
N ASP A 186 -16.09 52.41 3.13
CA ASP A 186 -14.78 51.80 2.94
C ASP A 186 -14.88 50.30 2.66
N LYS A 187 -16.08 49.71 2.75
CA LYS A 187 -16.22 48.26 2.48
C LYS A 187 -16.52 48.01 1.01
N VAL A 188 -16.25 46.77 0.59
CA VAL A 188 -16.44 46.34 -0.76
C VAL A 188 -17.09 44.97 -0.75
N LEU A 189 -17.53 44.53 -1.92
CA LEU A 189 -18.15 43.24 -2.05
C LEU A 189 -17.05 42.17 -2.10
N TRP A 190 -16.07 42.37 -2.99
CA TRP A 190 -15.00 41.39 -3.21
C TRP A 190 -13.60 42.04 -3.20
N ALA A 191 -12.72 41.60 -2.31
CA ALA A 191 -11.37 42.14 -2.22
C ALA A 191 -10.35 41.02 -2.45
N LYS A 192 -9.59 41.11 -3.53
CA LYS A 192 -8.59 40.09 -3.83
C LYS A 192 -7.64 40.64 -4.90
N GLY A 193 -6.34 40.63 -4.63
CA GLY A 193 -5.35 41.13 -5.57
C GLY A 193 -5.33 40.35 -6.87
N ASP A 194 -5.62 39.06 -6.77
CA ASP A 194 -5.66 38.17 -7.94
C ASP A 194 -6.63 38.62 -9.04
N LEU A 195 -7.70 39.33 -8.67
CA LEU A 195 -8.66 39.83 -9.66
C LEU A 195 -8.01 40.62 -10.82
N SER A 196 -6.92 41.35 -10.55
CA SER A 196 -6.25 42.17 -11.59
C SER A 196 -4.96 41.54 -12.13
N ASP A 197 -4.71 40.31 -11.74
CA ASP A 197 -3.51 39.57 -12.12
C ASP A 197 -3.90 38.56 -13.19
N PRO A 198 -3.15 38.53 -14.31
CA PRO A 198 -3.46 37.62 -15.41
C PRO A 198 -2.91 36.20 -15.29
N THR A 199 -2.32 35.82 -14.15
CA THR A 199 -1.78 34.47 -14.03
C THR A 199 -2.92 33.48 -14.28
N ALA A 200 -2.69 32.58 -15.24
CA ALA A 200 -3.67 31.58 -15.67
C ALA A 200 -4.45 30.84 -14.59
N TRP A 201 -3.77 30.25 -13.61
CA TRP A 201 -4.48 29.47 -12.57
C TRP A 201 -5.43 30.29 -11.74
N MSE A 202 -5.15 31.57 -11.60
CA MSE A 202 -6.02 32.42 -10.78
C MSE A 202 -7.46 32.50 -11.28
O MSE A 202 -8.40 32.73 -10.49
CB MSE A 202 -5.41 33.78 -10.62
CG MSE A 202 -4.11 33.71 -9.83
SE MSE A 202 -3.26 35.42 -9.72
CE MSE A 202 -1.78 34.94 -8.49
N ARG A 203 -7.66 32.30 -12.59
CA ARG A 203 -8.99 32.32 -13.16
C ARG A 203 -9.88 31.21 -12.59
N TRP A 204 -9.27 30.15 -12.06
CA TRP A 204 -10.05 29.07 -11.48
C TRP A 204 -10.75 29.51 -10.21
N PHE A 205 -10.31 30.65 -9.64
CA PHE A 205 -10.89 31.14 -8.40
C PHE A 205 -11.74 32.42 -8.49
N ASP A 206 -11.96 32.90 -9.72
CA ASP A 206 -12.79 34.08 -9.92
C ASP A 206 -13.70 33.92 -11.14
N PHE A 207 -13.12 33.97 -12.33
CA PHE A 207 -13.90 33.84 -13.54
C PHE A 207 -14.63 32.48 -13.69
N PHE A 208 -13.92 31.38 -13.59
CA PHE A 208 -14.59 30.09 -13.78
C PHE A 208 -15.75 29.76 -12.84
N PRO A 209 -15.64 30.04 -11.53
CA PRO A 209 -16.81 29.70 -10.74
C PRO A 209 -18.05 30.47 -11.22
N LEU A 210 -17.91 31.76 -11.49
CA LEU A 210 -19.05 32.59 -11.98
C LEU A 210 -19.46 32.24 -13.41
N TYR A 211 -18.50 31.99 -14.29
CA TYR A 211 -18.84 31.65 -15.64
C TYR A 211 -19.54 30.28 -15.71
N ASP A 212 -19.02 29.29 -14.99
CA ASP A 212 -19.62 27.96 -14.94
C ASP A 212 -21.07 28.03 -14.42
N ALA A 213 -21.31 28.83 -13.39
CA ALA A 213 -22.67 28.99 -12.85
C ALA A 213 -23.61 29.65 -13.86
N ALA A 214 -23.15 30.72 -14.51
CA ALA A 214 -23.96 31.43 -15.48
C ALA A 214 -24.26 30.64 -16.74
N SER A 215 -23.30 29.85 -17.20
CA SER A 215 -23.45 29.06 -18.43
C SER A 215 -23.89 27.62 -18.20
N LYS A 216 -24.24 27.31 -16.97
CA LYS A 216 -24.67 25.96 -16.63
C LYS A 216 -23.59 24.96 -17.02
N GLY A 217 -22.35 25.28 -16.70
CA GLY A 217 -21.24 24.38 -17.00
C GLY A 217 -20.69 24.31 -18.40
N ASN A 218 -20.77 25.37 -19.19
CA ASN A 218 -20.16 25.33 -20.53
C ASN A 218 -18.64 25.13 -20.37
N ALA A 219 -18.03 24.33 -21.24
CA ALA A 219 -16.59 24.01 -21.16
C ALA A 219 -15.60 25.09 -21.59
N PHE A 220 -16.10 26.20 -22.13
CA PHE A 220 -15.29 27.35 -22.62
C PHE A 220 -14.49 26.95 -23.85
N VAL A 221 -13.65 25.92 -23.71
CA VAL A 221 -12.90 25.37 -24.85
C VAL A 221 -13.08 23.86 -24.82
N GLU A 222 -13.45 23.27 -25.96
CA GLU A 222 -13.62 21.82 -26.02
C GLU A 222 -13.25 21.28 -27.39
N ASP A 223 -12.54 20.15 -27.38
CA ASP A 223 -12.10 19.50 -28.62
C ASP A 223 -11.28 20.49 -29.47
N GLY A 224 -10.52 21.36 -28.80
CA GLY A 224 -9.69 22.34 -29.49
C GLY A 224 -10.42 23.52 -30.09
N LYS A 225 -11.69 23.69 -29.76
CA LYS A 225 -12.46 24.81 -30.33
C LYS A 225 -13.07 25.67 -29.24
N LEU A 226 -13.24 26.95 -29.54
CA LEU A 226 -13.82 27.91 -28.61
C LEU A 226 -15.34 27.69 -28.65
N VAL A 227 -15.92 27.19 -27.56
CA VAL A 227 -17.36 26.94 -27.51
C VAL A 227 -18.02 27.81 -26.45
N ALA A 228 -17.33 28.89 -26.06
CA ALA A 228 -17.81 29.82 -25.04
C ALA A 228 -19.21 30.39 -25.26
N ASP A 229 -19.97 30.44 -24.18
CA ASP A 229 -21.32 30.97 -24.20
C ASP A 229 -21.21 32.49 -24.15
N ASP A 230 -21.37 33.13 -25.31
CA ASP A 230 -21.28 34.59 -25.42
C ASP A 230 -22.22 35.38 -24.53
N LYS A 231 -23.46 34.94 -24.42
CA LYS A 231 -24.45 35.61 -23.58
C LYS A 231 -24.01 35.61 -22.10
N ALA A 232 -23.78 34.43 -21.54
CA ALA A 232 -23.36 34.32 -20.14
C ALA A 232 -22.07 35.10 -19.92
N GLY A 233 -21.14 34.98 -20.86
CA GLY A 233 -19.86 35.66 -20.74
C GLY A 233 -19.94 37.18 -20.68
N THR A 234 -20.69 37.77 -21.59
CA THR A 234 -20.81 39.21 -21.64
C THR A 234 -21.61 39.77 -20.48
N GLU A 235 -22.64 39.05 -20.04
CA GLU A 235 -23.44 39.49 -18.89
C GLU A 235 -22.62 39.40 -17.58
N LEU A 236 -21.69 38.43 -17.51
CA LEU A 236 -20.85 38.33 -16.34
C LEU A 236 -19.91 39.54 -16.31
N LEU A 237 -19.34 39.89 -17.46
CA LEU A 237 -18.47 41.05 -17.50
C LEU A 237 -19.25 42.32 -17.20
N THR A 238 -20.50 42.40 -17.65
CA THR A 238 -21.31 43.59 -17.35
C THR A 238 -21.53 43.74 -15.84
N PHE A 239 -21.77 42.61 -15.20
CA PHE A 239 -21.98 42.59 -13.76
C PHE A 239 -20.71 43.05 -13.07
N MSE A 240 -19.58 42.54 -13.51
CA MSE A 240 -18.31 42.94 -12.92
C MSE A 240 -18.03 44.44 -13.14
O MSE A 240 -17.53 45.12 -12.24
CB MSE A 240 -17.18 42.04 -13.42
CG MSE A 240 -17.31 40.55 -13.01
SE MSE A 240 -17.15 40.23 -11.09
CE MSE A 240 -15.30 40.86 -10.97
N SER A 241 -18.38 44.97 -14.32
CA SER A 241 -18.15 46.40 -14.59
C SER A 241 -18.99 47.28 -13.67
N GLU A 242 -20.21 46.82 -13.36
CA GLU A 242 -21.10 47.54 -12.46
C GLU A 242 -20.47 47.50 -11.06
N LEU A 243 -19.96 46.35 -10.63
CA LEU A 243 -19.32 46.29 -9.32
C LEU A 243 -18.15 47.26 -9.31
N GLN A 244 -17.36 47.25 -10.37
CA GLN A 244 -16.21 48.12 -10.49
C GLN A 244 -16.62 49.60 -10.43
N LYS A 245 -17.63 49.97 -11.21
CA LYS A 245 -18.14 51.35 -11.26
C LYS A 245 -18.60 51.84 -9.90
N ASN A 246 -19.19 50.95 -9.10
CA ASN A 246 -19.69 51.35 -7.79
C ASN A 246 -18.72 51.10 -6.66
N LYS A 247 -17.42 51.02 -6.98
CA LYS A 247 -16.38 50.76 -5.96
C LYS A 247 -16.65 49.55 -5.06
N LEU A 248 -17.09 48.45 -5.65
CA LEU A 248 -17.37 47.24 -4.89
C LEU A 248 -16.29 46.17 -5.01
N LEU A 249 -15.22 46.49 -5.74
CA LEU A 249 -14.10 45.59 -5.95
C LEU A 249 -12.81 46.25 -5.45
N LEU A 250 -11.92 45.48 -4.86
CA LEU A 250 -10.67 46.00 -4.40
C LEU A 250 -9.61 45.02 -4.89
N ALA A 251 -8.90 45.40 -5.94
CA ALA A 251 -7.88 44.54 -6.56
C ALA A 251 -6.45 44.85 -6.17
N SER A 252 -6.23 45.26 -4.95
CA SER A 252 -4.89 45.56 -4.48
C SER A 252 -4.58 44.61 -3.33
N LYS A 253 -3.39 44.75 -2.76
CA LYS A 253 -2.99 43.91 -1.64
C LYS A 253 -3.89 44.29 -0.46
N ALA A 254 -4.31 43.30 0.30
CA ALA A 254 -5.15 43.53 1.46
C ALA A 254 -5.05 42.23 2.22
N THR A 255 -4.74 42.32 3.51
CA THR A 255 -4.59 41.12 4.32
C THR A 255 -5.91 40.73 4.98
N ASP A 256 -6.28 39.47 4.77
CA ASP A 256 -7.49 38.90 5.35
C ASP A 256 -8.70 39.84 5.30
N PRO A 257 -9.01 40.41 4.11
CA PRO A 257 -10.13 41.35 3.98
C PRO A 257 -11.51 40.82 4.41
N PHE A 258 -11.80 39.56 4.11
CA PHE A 258 -13.08 38.97 4.45
C PHE A 258 -13.22 38.71 5.94
N GLU A 259 -12.12 38.24 6.54
CA GLU A 259 -12.10 37.92 7.96
C GLU A 259 -12.03 39.13 8.86
N THR A 260 -11.42 40.22 8.39
CA THR A 260 -11.27 41.43 9.20
C THR A 260 -12.28 42.56 8.92
N GLY A 261 -13.23 42.34 8.03
CA GLY A 261 -14.25 43.35 7.75
C GLY A 261 -14.16 44.24 6.52
N THR A 262 -13.12 44.11 5.69
CA THR A 262 -13.05 44.95 4.50
C THR A 262 -14.02 44.53 3.39
N SER A 263 -14.23 43.23 3.23
CA SER A 263 -15.12 42.75 2.16
C SER A 263 -16.17 41.85 2.77
N ILE A 264 -17.26 41.59 2.06
CA ILE A 264 -18.31 40.74 2.58
C ILE A 264 -18.53 39.45 1.79
N MSE A 265 -17.72 39.21 0.76
CA MSE A 265 -17.85 38.03 -0.06
C MSE A 265 -16.46 37.62 -0.48
O MSE A 265 -15.65 38.46 -0.83
CB MSE A 265 -18.67 38.33 -1.33
CG MSE A 265 -19.02 37.12 -2.19
SE MSE A 265 -19.73 37.54 -4.00
CE MSE A 265 -18.04 38.12 -4.81
N ALA A 266 -16.19 36.32 -0.42
CA ALA A 266 -14.89 35.77 -0.84
C ALA A 266 -15.07 34.35 -1.38
N ASP A 267 -14.30 34.06 -2.45
CA ASP A 267 -14.27 32.73 -3.05
C ASP A 267 -13.62 31.91 -1.94
N ASN A 268 -14.07 30.68 -1.76
CA ASN A 268 -13.58 29.93 -0.62
C ASN A 268 -13.59 28.42 -0.85
N GLY A 269 -12.55 27.74 -0.37
CA GLY A 269 -12.43 26.29 -0.47
C GLY A 269 -12.42 25.74 0.95
N PRO A 270 -12.54 24.41 1.09
CA PRO A 270 -12.52 23.75 2.40
C PRO A 270 -11.26 24.00 3.21
N TRP A 271 -10.15 24.19 2.51
CA TRP A 271 -8.87 24.44 3.19
C TRP A 271 -8.85 25.71 4.04
N THR A 272 -9.81 26.60 3.86
CA THR A 272 -9.80 27.81 4.66
C THR A 272 -10.29 27.60 6.09
N PHE A 273 -11.06 26.55 6.35
CA PHE A 273 -11.60 26.35 7.69
C PHE A 273 -10.60 26.05 8.81
N PRO A 274 -9.60 25.19 8.56
CA PRO A 274 -8.62 24.95 9.61
C PRO A 274 -7.85 26.25 9.93
N ASN A 275 -7.67 27.07 8.91
N ASN A 275 -7.64 27.09 8.93
CA ASN A 275 -6.97 28.35 9.06
CA ASN A 275 -6.94 28.35 9.12
C ASN A 275 -7.80 29.28 9.96
C ASN A 275 -7.80 29.29 9.97
N TRP A 276 -9.10 29.35 9.71
CA TRP A 276 -9.96 30.20 10.52
C TRP A 276 -10.06 29.65 11.95
N ASP A 277 -10.03 28.32 12.13
CA ASP A 277 -10.10 27.72 13.46
C ASP A 277 -9.01 28.33 14.34
N GLU A 278 -7.82 28.43 13.75
CA GLU A 278 -6.62 28.98 14.36
C GLU A 278 -6.59 30.50 14.56
N LYS A 279 -6.65 31.22 13.44
CA LYS A 279 -6.55 32.70 13.40
C LYS A 279 -7.84 33.49 13.60
N PHE A 280 -8.97 32.91 13.22
CA PHE A 280 -10.26 33.61 13.36
C PHE A 280 -11.32 32.73 13.99
N PRO A 281 -11.08 32.28 15.23
CA PRO A 281 -12.02 31.40 15.92
C PRO A 281 -13.43 31.96 16.09
N GLU A 282 -13.63 33.27 15.98
CA GLU A 282 -14.97 33.80 16.14
C GLU A 282 -15.84 33.58 14.91
N LEU A 283 -15.26 33.16 13.79
CA LEU A 283 -16.08 32.92 12.60
C LEU A 283 -16.79 31.61 12.78
N LYS A 284 -18.13 31.67 12.81
CA LYS A 284 -18.97 30.50 13.00
C LYS A 284 -20.04 30.33 11.92
N TYR A 285 -20.09 29.12 11.37
CA TYR A 285 -21.02 28.76 10.29
C TYR A 285 -22.48 29.04 10.67
N ASN A 286 -23.18 29.70 9.77
CA ASN A 286 -24.57 30.09 9.95
C ASN A 286 -24.91 31.05 11.08
N GLU A 287 -23.87 31.70 11.61
CA GLU A 287 -24.03 32.71 12.63
C GLU A 287 -23.46 33.98 12.01
N ASN A 288 -22.14 34.02 11.80
CA ASN A 288 -21.52 35.19 11.18
C ASN A 288 -20.98 34.99 9.75
N TYR A 289 -21.07 33.78 9.19
CA TYR A 289 -20.68 33.54 7.79
C TYR A 289 -21.58 32.43 7.21
N ALA A 290 -21.87 32.54 5.93
CA ALA A 290 -22.67 31.59 5.19
C ALA A 290 -21.84 31.13 4.01
N ILE A 291 -22.20 29.99 3.42
CA ILE A 291 -21.50 29.44 2.24
C ILE A 291 -22.56 29.15 1.16
N THR A 292 -22.35 29.66 -0.05
CA THR A 292 -23.32 29.43 -1.12
C THR A 292 -22.66 29.29 -2.50
N ALA A 293 -23.47 28.88 -3.46
CA ALA A 293 -23.06 28.74 -4.84
C ALA A 293 -22.78 30.15 -5.36
N PRO A 294 -22.08 30.23 -6.49
CA PRO A 294 -21.81 31.55 -7.03
C PRO A 294 -23.09 32.26 -7.45
N LEU A 295 -23.01 33.58 -7.51
CA LEU A 295 -24.12 34.42 -7.94
C LEU A 295 -24.40 34.08 -9.40
N VAL A 296 -25.67 34.18 -9.79
CA VAL A 296 -26.11 33.88 -11.14
C VAL A 296 -26.90 35.07 -11.73
N PRO A 297 -27.04 35.12 -13.05
CA PRO A 297 -27.85 36.19 -13.64
C PRO A 297 -29.29 36.11 -13.12
N ASP A 298 -30.03 37.24 -13.16
CA ASP A 298 -31.42 37.29 -12.66
C ASP A 298 -32.33 36.20 -13.27
N SER A 299 -32.14 35.93 -14.56
CA SER A 299 -32.92 34.91 -15.28
C SER A 299 -32.89 33.53 -14.65
N MSE A 300 -31.89 33.26 -13.81
CA MSE A 300 -31.76 31.96 -13.17
C MSE A 300 -32.06 32.01 -11.68
O MSE A 300 -31.61 31.14 -10.94
CB MSE A 300 -30.34 31.44 -13.42
CG MSE A 300 -30.05 31.08 -14.90
SE MSE A 300 -28.13 30.72 -15.30
CE MSE A 300 -27.60 29.67 -13.78
N VAL A 301 -32.85 32.97 -11.24
CA VAL A 301 -33.19 33.09 -9.82
C VAL A 301 -33.83 31.82 -9.27
N ASN A 302 -34.55 31.09 -10.12
CA ASN A 302 -35.23 29.85 -9.70
C ASN A 302 -34.47 28.56 -9.91
N GLU A 303 -33.24 28.62 -10.41
CA GLU A 303 -32.46 27.41 -10.62
C GLU A 303 -31.94 26.79 -9.32
N GLU A 304 -32.14 25.49 -9.22
N GLU A 304 -32.29 25.53 -9.06
CA GLU A 304 -31.67 24.69 -8.12
CA GLU A 304 -31.91 24.82 -7.81
C GLU A 304 -30.44 23.97 -8.70
C GLU A 304 -30.46 24.38 -7.62
N ASN A 305 -29.45 23.65 -7.88
N ASN A 305 -29.92 23.69 -8.62
CA ASN A 305 -28.28 22.95 -8.39
CA ASN A 305 -28.56 23.18 -8.58
C ASN A 305 -27.33 23.78 -9.29
C ASN A 305 -27.63 24.01 -9.47
N VAL A 306 -27.00 25.00 -8.86
CA VAL A 306 -26.09 25.89 -9.62
C VAL A 306 -24.69 25.30 -9.76
N ALA A 307 -24.14 25.35 -10.97
CA ALA A 307 -22.80 24.81 -11.18
C ALA A 307 -21.69 25.75 -10.74
N THR A 308 -20.49 25.19 -10.53
CA THR A 308 -19.34 26.00 -10.20
C THR A 308 -18.10 25.24 -10.70
N TYR A 309 -16.93 25.81 -10.46
CA TYR A 309 -15.69 25.17 -10.82
C TYR A 309 -15.27 24.27 -9.68
N ALA A 310 -14.75 23.11 -10.02
CA ALA A 310 -14.25 22.20 -9.02
C ALA A 310 -12.72 22.06 -9.11
N ASP A 311 -12.06 22.41 -8.02
CA ASP A 311 -10.62 22.23 -7.88
C ASP A 311 -10.54 20.75 -7.55
N SER A 312 -10.13 19.96 -8.53
CA SER A 312 -10.10 18.52 -8.43
C SER A 312 -8.87 17.87 -9.07
N LYS A 313 -8.32 16.86 -8.40
CA LYS A 313 -7.16 16.15 -8.91
C LYS A 313 -7.33 14.68 -8.65
N GLY A 314 -6.58 13.87 -9.37
CA GLY A 314 -6.69 12.43 -9.22
C GLY A 314 -5.53 11.62 -9.75
N VAL A 315 -5.81 10.34 -9.90
CA VAL A 315 -4.84 9.37 -10.30
C VAL A 315 -4.75 9.07 -11.79
N VAL A 316 -3.52 8.89 -12.26
CA VAL A 316 -3.24 8.54 -13.65
C VAL A 316 -2.31 7.32 -13.63
N MSE A 317 -2.22 6.62 -14.75
CA MSE A 317 -1.32 5.47 -14.89
C MSE A 317 -0.40 5.70 -16.06
O MSE A 317 -0.88 5.96 -17.17
CB MSE A 317 -2.07 4.15 -15.01
CG MSE A 317 -2.86 3.84 -13.76
SE MSE A 317 -3.57 2.05 -13.65
CE MSE A 317 -4.65 2.23 -12.01
N TYR A 318 0.90 5.58 -15.83
CA TYR A 318 1.94 5.83 -16.84
C TYR A 318 2.14 4.70 -17.85
N ALA A 319 2.35 5.11 -19.10
CA ALA A 319 2.54 4.19 -20.21
C ALA A 319 3.67 3.17 -19.99
N GLN A 320 4.68 3.57 -19.24
CA GLN A 320 5.86 2.75 -18.90
C GLN A 320 5.57 1.47 -18.09
N ALA A 321 4.42 1.45 -17.42
CA ALA A 321 3.99 0.32 -16.61
C ALA A 321 3.51 -0.88 -17.45
N THR A 322 3.71 -2.08 -16.95
CA THR A 322 3.24 -3.29 -17.65
C THR A 322 1.76 -3.46 -17.38
N ASP A 323 1.12 -4.34 -18.12
CA ASP A 323 -0.30 -4.58 -17.94
C ASP A 323 -0.57 -5.18 -16.55
N LYS A 324 0.26 -6.11 -16.10
CA LYS A 324 0.02 -6.68 -14.75
C LYS A 324 0.13 -5.60 -13.70
N GLU A 325 1.10 -4.69 -13.83
CA GLU A 325 1.26 -3.59 -12.87
C GLU A 325 0.04 -2.67 -12.89
N LYS A 326 -0.47 -2.39 -14.08
CA LYS A 326 -1.65 -1.52 -14.23
C LYS A 326 -2.91 -2.17 -13.66
N GLU A 327 -3.10 -3.47 -13.88
CA GLU A 327 -4.29 -4.13 -13.34
C GLU A 327 -4.19 -4.20 -11.82
N ALA A 328 -2.99 -4.48 -11.31
CA ALA A 328 -2.76 -4.53 -9.87
C ALA A 328 -3.09 -3.15 -9.25
N ALA A 329 -2.66 -2.08 -9.92
CA ALA A 329 -2.94 -0.72 -9.47
C ALA A 329 -4.46 -0.48 -9.40
N MSE A 330 -5.17 -0.88 -10.44
CA MSE A 330 -6.63 -0.70 -10.46
C MSE A 330 -7.28 -1.57 -9.38
O MSE A 330 -8.27 -1.14 -8.75
CB MSE A 330 -7.20 -1.03 -11.84
CG MSE A 330 -8.65 -0.63 -12.02
SE MSE A 330 -8.89 1.32 -12.01
CE MSE A 330 -8.01 1.74 -13.72
N ASP A 331 -6.71 -2.76 -9.12
CA ASP A 331 -7.31 -3.63 -8.11
C ASP A 331 -7.19 -2.98 -6.70
N PHE A 332 -6.08 -2.27 -6.51
CA PHE A 332 -5.81 -1.56 -5.28
C PHE A 332 -6.88 -0.47 -5.09
N LEU A 333 -7.16 0.28 -6.13
CA LEU A 333 -8.16 1.34 -6.08
C LEU A 333 -9.55 0.72 -5.84
N LYS A 334 -9.76 -0.46 -6.38
CA LYS A 334 -11.02 -1.16 -6.20
C LYS A 334 -11.18 -1.44 -4.71
N PHE A 335 -10.08 -1.89 -4.09
CA PHE A 335 -10.06 -2.19 -2.65
C PHE A 335 -10.32 -0.92 -1.84
N VAL A 336 -9.62 0.15 -2.18
CA VAL A 336 -9.76 1.41 -1.47
C VAL A 336 -11.21 1.94 -1.47
N TYR A 337 -11.86 1.94 -2.62
CA TYR A 337 -13.23 2.47 -2.70
C TYR A 337 -14.38 1.49 -2.47
N ASN A 338 -14.06 0.30 -1.95
CA ASN A 338 -15.06 -0.71 -1.66
C ASN A 338 -15.68 -0.41 -0.27
N ASP A 339 -15.03 0.42 0.54
CA ASP A 339 -15.60 0.77 1.87
C ASP A 339 -15.72 2.28 1.93
N ASP A 340 -16.95 2.78 2.05
CA ASP A 340 -17.22 4.23 2.16
C ASP A 340 -16.46 4.89 3.32
N LYS A 341 -16.16 4.11 4.36
N LYS A 341 -16.16 4.11 4.36
CA LYS A 341 -15.41 4.63 5.51
CA LYS A 341 -15.42 4.64 5.52
C LYS A 341 -14.01 5.16 5.16
C LYS A 341 -14.01 5.16 5.16
N ASN A 342 -13.46 4.68 4.05
CA ASN A 342 -12.15 5.14 3.61
C ASN A 342 -12.24 6.57 3.09
N ASP A 343 -13.33 6.91 2.40
CA ASP A 343 -13.55 8.30 1.93
C ASP A 343 -13.81 9.22 3.12
N LEU A 344 -14.51 8.70 4.14
CA LEU A 344 -14.75 9.47 5.36
C LEU A 344 -13.39 9.79 5.99
N LYS A 345 -12.54 8.77 6.11
CA LYS A 345 -11.22 8.95 6.67
C LYS A 345 -10.41 10.00 5.89
N PHE A 346 -10.49 9.95 4.55
CA PHE A 346 -9.80 10.89 3.66
C PHE A 346 -10.25 12.32 3.96
N LEU A 347 -11.55 12.51 4.03
CA LEU A 347 -12.11 13.81 4.32
C LEU A 347 -11.73 14.32 5.69
N GLU A 348 -11.78 13.45 6.69
CA GLU A 348 -11.49 13.93 8.03
C GLU A 348 -10.03 14.18 8.31
N THR A 349 -9.13 13.56 7.58
CA THR A 349 -7.72 13.73 7.81
C THR A 349 -7.07 14.75 6.89
N THR A 350 -7.51 14.83 5.62
CA THR A 350 -6.90 15.78 4.67
C THR A 350 -7.74 17.04 4.47
N ASN A 351 -9.02 16.99 4.86
CA ASN A 351 -9.93 18.13 4.68
C ASN A 351 -10.21 18.40 3.19
N LEU A 352 -10.02 17.39 2.36
CA LEU A 352 -10.27 17.51 0.93
C LEU A 352 -11.57 16.74 0.68
N ILE A 353 -12.43 17.30 -0.15
CA ILE A 353 -13.72 16.69 -0.43
C ILE A 353 -13.64 15.50 -1.40
N PRO A 354 -14.08 14.32 -0.97
CA PRO A 354 -14.04 13.14 -1.85
C PRO A 354 -14.87 13.31 -3.15
N ALA A 355 -14.32 12.86 -4.26
CA ALA A 355 -14.96 12.97 -5.56
C ALA A 355 -16.03 11.89 -5.75
N ARG A 356 -17.13 12.04 -5.02
CA ARG A 356 -18.29 11.13 -5.09
C ARG A 356 -19.57 11.97 -5.17
N ASP A 357 -20.62 11.36 -5.70
CA ASP A 357 -21.87 12.05 -5.89
C ASP A 357 -22.86 12.04 -4.73
N ASP A 358 -22.67 11.17 -3.73
CA ASP A 358 -23.66 10.98 -2.66
C ASP A 358 -23.29 11.20 -1.20
N ALA A 359 -22.17 11.88 -0.94
CA ALA A 359 -21.71 12.04 0.42
C ALA A 359 -22.72 12.60 1.42
N THR A 360 -23.50 13.59 1.03
CA THR A 360 -24.44 14.21 1.97
C THR A 360 -25.62 13.33 2.36
N GLU A 361 -25.92 12.28 1.59
CA GLU A 361 -27.02 11.39 1.93
C GLU A 361 -26.57 10.05 2.49
N ASN A 362 -25.30 9.72 2.30
CA ASN A 362 -24.73 8.47 2.72
C ASN A 362 -24.54 8.45 4.26
N GLU A 363 -25.18 7.48 4.91
CA GLU A 363 -25.11 7.37 6.37
C GLU A 363 -23.68 7.24 6.92
N THR A 364 -22.74 6.78 6.12
CA THR A 364 -21.38 6.71 6.59
C THR A 364 -20.88 8.12 7.02
N PHE A 365 -21.36 9.17 6.34
CA PHE A 365 -20.90 10.54 6.61
C PHE A 365 -21.83 11.42 7.46
N THR A 366 -22.98 10.90 7.89
CA THR A 366 -23.95 11.70 8.63
C THR A 366 -23.42 12.37 9.88
N ALA A 367 -22.81 11.60 10.76
CA ALA A 367 -22.27 12.13 12.02
C ALA A 367 -21.21 13.18 11.76
N PHE A 368 -20.35 12.96 10.77
CA PHE A 368 -19.32 13.95 10.45
C PHE A 368 -19.91 15.30 10.00
N PHE A 369 -20.82 15.25 9.03
CA PHE A 369 -21.42 16.48 8.52
C PHE A 369 -22.26 17.22 9.55
N LYS A 370 -22.73 16.47 10.54
N LYS A 370 -22.80 16.51 10.54
CA LYS A 370 -23.56 16.98 11.61
CA LYS A 370 -23.57 17.14 11.59
C LYS A 370 -22.66 17.91 12.43
C LYS A 370 -22.61 18.01 12.38
N GLU A 371 -21.39 17.52 12.58
CA GLU A 371 -20.40 18.30 13.31
C GLU A 371 -19.69 19.33 12.44
N ASN A 372 -19.73 19.15 11.12
CA ASN A 372 -19.09 20.05 10.17
C ASN A 372 -20.08 20.52 9.08
N PRO A 373 -21.15 21.23 9.47
CA PRO A 373 -22.12 21.67 8.45
C PRO A 373 -21.51 22.46 7.28
N GLU A 374 -20.43 23.19 7.53
CA GLU A 374 -19.81 23.95 6.46
C GLU A 374 -19.19 23.06 5.37
N LEU A 375 -18.75 21.87 5.74
CA LEU A 375 -18.17 20.97 4.75
C LEU A 375 -19.26 20.27 3.97
N GLU A 376 -20.44 20.13 4.59
CA GLU A 376 -21.56 19.48 3.93
C GLU A 376 -21.98 20.26 2.68
N VAL A 377 -21.99 21.61 2.73
CA VAL A 377 -22.36 22.45 1.57
C VAL A 377 -21.41 22.13 0.40
N TYR A 378 -20.11 21.96 0.69
CA TYR A 378 -19.13 21.61 -0.35
C TYR A 378 -19.41 20.22 -0.98
N ALA A 379 -19.71 19.24 -0.13
CA ALA A 379 -19.98 17.88 -0.56
C ALA A 379 -21.26 17.84 -1.38
N ALA A 380 -22.26 18.64 -0.99
CA ALA A 380 -23.54 18.74 -1.70
C ALA A 380 -23.37 19.27 -3.14
N ASN A 381 -22.36 20.10 -3.37
CA ASN A 381 -22.11 20.69 -4.69
C ASN A 381 -21.19 19.91 -5.65
N VAL A 382 -20.58 18.82 -5.20
CA VAL A 382 -19.68 18.05 -6.06
C VAL A 382 -20.26 17.52 -7.37
N PRO A 383 -21.43 16.88 -7.34
CA PRO A 383 -21.90 16.38 -8.64
C PRO A 383 -22.27 17.46 -9.67
N TYR A 384 -22.42 18.72 -9.27
CA TYR A 384 -22.79 19.77 -10.21
C TYR A 384 -21.59 20.63 -10.62
N SER A 385 -20.40 20.32 -10.11
CA SER A 385 -19.21 21.10 -10.42
C SER A 385 -18.48 20.56 -11.63
N ILE A 386 -17.76 21.43 -12.29
CA ILE A 386 -17.03 21.14 -13.50
C ILE A 386 -15.54 21.37 -13.30
N PRO A 387 -14.71 20.38 -13.70
CA PRO A 387 -13.26 20.50 -13.54
C PRO A 387 -12.62 21.38 -14.60
N ALA A 388 -11.30 21.53 -14.52
CA ALA A 388 -10.51 22.34 -15.44
C ALA A 388 -10.61 21.78 -16.84
N MSE A 389 -10.39 22.62 -17.83
CA MSE A 389 -10.50 22.22 -19.25
C MSE A 389 -9.47 21.17 -19.64
O MSE A 389 -8.34 21.17 -19.12
CB MSE A 389 -10.33 23.44 -20.16
CG MSE A 389 -8.99 24.19 -20.03
SE MSE A 389 -8.90 25.67 -21.31
CE MSE A 389 -10.36 26.75 -20.62
N ASP A 390 -9.86 20.28 -20.56
CA ASP A 390 -8.95 19.23 -21.05
C ASP A 390 -8.27 19.69 -22.32
N ASP A 391 -7.48 20.74 -22.21
CA ASP A 391 -6.75 21.24 -23.34
C ASP A 391 -5.34 21.52 -22.84
N ALA A 392 -4.36 21.03 -23.58
CA ALA A 392 -2.94 21.17 -23.23
C ALA A 392 -2.44 22.63 -23.18
N LYS A 393 -3.07 23.52 -23.95
N LYS A 393 -3.09 23.51 -23.95
CA LYS A 393 -2.69 24.92 -23.99
CA LYS A 393 -2.72 24.92 -24.01
C LYS A 393 -3.51 25.74 -22.99
C LYS A 393 -3.53 25.74 -23.00
N TYR A 394 -4.04 25.10 -21.95
CA TYR A 394 -4.86 25.80 -20.97
C TYR A 394 -4.18 27.03 -20.37
N ASN A 395 -2.85 27.02 -20.30
CA ASN A 395 -2.13 28.15 -19.75
C ASN A 395 -2.32 29.42 -20.58
N ASP A 396 -2.03 29.34 -21.89
CA ASP A 396 -2.22 30.48 -22.75
C ASP A 396 -3.69 30.83 -22.88
N ILE A 397 -4.54 29.82 -22.94
CA ILE A 397 -5.97 30.03 -23.07
C ILE A 397 -6.50 30.82 -21.87
N GLN A 398 -6.13 30.41 -20.67
CA GLN A 398 -6.60 31.07 -19.45
C GLN A 398 -5.92 32.42 -19.18
N GLN A 399 -4.66 32.58 -19.58
CA GLN A 399 -3.95 33.83 -19.38
C GLN A 399 -4.65 34.92 -20.23
N ILE A 400 -5.13 34.54 -21.41
CA ILE A 400 -5.84 35.45 -22.30
C ILE A 400 -7.14 35.95 -21.66
N ILE A 401 -7.82 35.09 -20.93
CA ILE A 401 -9.07 35.48 -20.27
C ILE A 401 -8.81 36.69 -19.36
N GLY A 402 -7.77 36.60 -18.56
CA GLY A 402 -7.41 37.69 -17.64
C GLY A 402 -6.84 38.93 -18.33
N GLU A 403 -5.84 38.74 -19.18
N GLU A 403 -5.83 38.75 -19.17
CA GLU A 403 -5.19 39.83 -19.90
CA GLU A 403 -5.21 39.90 -19.84
C GLU A 403 -6.12 40.65 -20.78
C GLU A 403 -6.14 40.67 -20.77
N GLU A 404 -7.00 39.97 -21.53
CA GLU A 404 -7.91 40.65 -22.46
C GLU A 404 -9.25 41.10 -21.92
N ALA A 405 -9.83 40.34 -20.99
CA ALA A 405 -11.17 40.72 -20.50
C ALA A 405 -11.35 40.91 -19.01
N TRP A 406 -10.96 39.92 -18.22
CA TRP A 406 -11.18 39.98 -16.77
C TRP A 406 -10.43 41.09 -16.05
N ASN A 407 -9.10 41.10 -16.19
CA ASN A 407 -8.32 42.13 -15.52
C ASN A 407 -8.71 43.52 -16.02
N PRO A 408 -8.93 43.71 -17.33
CA PRO A 408 -9.30 45.08 -17.74
C PRO A 408 -10.64 45.55 -17.18
N ILE A 409 -11.61 44.66 -17.08
CA ILE A 409 -12.92 45.01 -16.53
C ILE A 409 -12.80 45.36 -15.03
N VAL A 410 -12.03 44.57 -14.31
CA VAL A 410 -11.81 44.79 -12.89
C VAL A 410 -11.16 46.16 -12.67
N ARG A 411 -10.27 46.55 -13.58
CA ARG A 411 -9.61 47.84 -13.48
C ARG A 411 -10.36 48.99 -14.17
N GLY A 412 -11.49 48.69 -14.83
CA GLY A 412 -12.28 49.71 -15.53
C GLY A 412 -11.58 50.30 -16.75
N GLU A 413 -10.85 49.47 -17.49
CA GLU A 413 -10.12 49.95 -18.68
C GLU A 413 -10.84 49.65 -19.99
N LYS A 414 -11.81 48.73 -19.97
CA LYS A 414 -12.57 48.37 -21.16
C LYS A 414 -14.04 48.14 -20.82
N LYS A 415 -14.89 48.18 -21.83
CA LYS A 415 -16.31 47.92 -21.67
C LYS A 415 -16.50 46.42 -21.92
N PRO A 416 -17.56 45.82 -21.33
CA PRO A 416 -17.86 44.38 -21.44
C PRO A 416 -17.87 43.79 -22.87
N THR A 417 -18.56 44.44 -23.80
CA THR A 417 -18.63 43.93 -25.18
C THR A 417 -17.26 43.86 -25.84
N LYS A 418 -16.55 44.99 -25.84
CA LYS A 418 -15.22 45.05 -26.43
C LYS A 418 -14.28 44.06 -25.78
N ALA A 419 -14.36 43.94 -24.45
CA ALA A 419 -13.49 43.02 -23.73
C ALA A 419 -13.70 41.57 -24.17
N TRP A 420 -14.96 41.15 -24.25
CA TRP A 420 -15.27 39.79 -24.65
C TRP A 420 -14.78 39.52 -26.08
N SER A 421 -14.97 40.47 -27.00
CA SER A 421 -14.52 40.26 -28.39
C SER A 421 -12.99 40.22 -28.49
N ASP A 422 -12.31 41.08 -27.74
CA ASP A 422 -10.85 41.09 -27.73
C ASP A 422 -10.38 39.69 -27.27
N MSE A 423 -11.08 39.13 -26.29
CA MSE A 423 -10.76 37.82 -25.74
C MSE A 423 -10.95 36.72 -26.77
O MSE A 423 -10.07 35.88 -26.98
CB MSE A 423 -11.66 37.52 -24.55
CG MSE A 423 -11.27 36.25 -23.78
SE MSE A 423 -12.72 35.64 -22.66
CE MSE A 423 -13.90 35.15 -24.13
N LYS A 424 -12.12 36.68 -27.40
CA LYS A 424 -12.42 35.66 -28.40
C LYS A 424 -11.42 35.67 -29.56
N LYS A 425 -11.07 36.86 -30.04
CA LYS A 425 -10.12 36.96 -31.14
C LYS A 425 -8.76 36.40 -30.71
N ALA A 426 -8.30 36.75 -29.51
CA ALA A 426 -7.02 36.24 -29.05
C ALA A 426 -7.06 34.70 -28.87
N GLU A 427 -8.17 34.17 -28.33
CA GLU A 427 -8.27 32.72 -28.14
C GLU A 427 -8.13 32.01 -29.50
N ASP A 428 -8.77 32.56 -30.54
CA ASP A 428 -8.70 31.98 -31.88
C ASP A 428 -7.25 31.86 -32.33
N GLY A 429 -6.44 32.86 -31.97
CA GLY A 429 -5.03 32.88 -32.31
C GLY A 429 -4.33 31.68 -31.70
N VAL A 430 -4.46 31.51 -30.39
CA VAL A 430 -3.84 30.36 -29.71
C VAL A 430 -4.35 29.00 -30.24
N LEU A 431 -5.64 28.92 -30.52
CA LEU A 431 -6.27 27.69 -31.04
C LEU A 431 -6.14 27.50 -32.56
N GLN A 432 -5.46 28.42 -33.25
CA GLN A 432 -5.32 28.37 -34.72
C GLN A 432 -6.69 28.25 -35.37
N LYS B 29 -16.07 33.89 41.38
CA LYS B 29 -15.62 32.89 40.36
C LYS B 29 -16.52 31.65 40.35
N THR B 30 -16.67 31.07 39.16
CA THR B 30 -17.47 29.87 39.01
C THR B 30 -16.55 28.72 39.39
N LYS B 31 -17.03 27.85 40.25
CA LYS B 31 -16.24 26.72 40.72
C LYS B 31 -16.69 25.40 40.11
N VAL B 32 -15.74 24.70 39.49
CA VAL B 32 -16.00 23.40 38.89
C VAL B 32 -15.14 22.39 39.64
N THR B 33 -15.76 21.38 40.23
CA THR B 33 -15.02 20.33 40.91
C THR B 33 -14.96 19.17 39.89
N PHE B 34 -13.75 18.64 39.73
N PHE B 34 -13.77 18.63 39.70
CA PHE B 34 -13.45 17.60 38.79
CA PHE B 34 -13.56 17.55 38.74
C PHE B 34 -12.76 16.41 39.47
C PHE B 34 -12.75 16.40 39.36
N TRP B 35 -13.41 15.26 39.46
CA TRP B 35 -12.83 14.04 40.03
C TRP B 35 -12.20 13.25 38.89
N ALA B 36 -10.87 13.20 38.87
CA ALA B 36 -10.09 12.48 37.88
C ALA B 36 -9.97 11.01 38.31
N ALA B 37 -9.51 10.15 37.40
CA ALA B 37 -9.39 8.70 37.69
C ALA B 37 -8.52 8.43 38.93
N PRO B 38 -8.69 7.25 39.54
CA PRO B 38 -7.88 6.91 40.73
C PRO B 38 -6.46 6.50 40.33
N ASN B 39 -5.80 7.41 39.63
CA ASN B 39 -4.45 7.22 39.11
C ASN B 39 -3.72 8.56 39.16
N PRO B 40 -2.60 8.62 39.90
CA PRO B 40 -1.85 9.87 40.05
C PRO B 40 -1.43 10.59 38.76
N THR B 41 -0.94 9.83 37.78
CA THR B 41 -0.50 10.39 36.52
C THR B 41 -1.64 11.07 35.74
N GLN B 42 -2.79 10.42 35.73
CA GLN B 42 -3.96 10.90 35.05
C GLN B 42 -4.51 12.15 35.77
N VAL B 43 -4.44 12.16 37.10
CA VAL B 43 -4.89 13.33 37.87
C VAL B 43 -3.98 14.53 37.58
N LYS B 44 -2.68 14.27 37.46
CA LYS B 44 -1.70 15.34 37.18
C LYS B 44 -1.98 15.97 35.82
N TYR B 45 -2.24 15.14 34.82
CA TYR B 45 -2.59 15.64 33.48
C TYR B 45 -3.74 16.64 33.56
N TRP B 46 -4.83 16.22 34.19
CA TRP B 46 -6.01 17.10 34.31
C TRP B 46 -5.73 18.37 35.13
N ASP B 47 -4.93 18.23 36.20
CA ASP B 47 -4.58 19.36 37.03
C ASP B 47 -3.79 20.39 36.20
N GLU B 48 -2.88 19.92 35.35
CA GLU B 48 -2.08 20.79 34.49
C GLU B 48 -2.99 21.49 33.52
N MSE B 49 -3.93 20.74 32.94
CA MSE B 49 -4.90 21.33 32.04
C MSE B 49 -5.70 22.42 32.79
O MSE B 49 -5.92 23.53 32.28
CB MSE B 49 -5.86 20.27 31.47
CG MSE B 49 -5.28 19.25 30.51
SE MSE B 49 -4.34 20.00 28.98
CE MSE B 49 -2.55 20.27 29.66
N ALA B 50 -6.14 22.11 34.01
CA ALA B 50 -6.91 23.05 34.83
C ALA B 50 -6.13 24.36 35.09
N LYS B 51 -4.87 24.23 35.48
CA LYS B 51 -4.03 25.40 35.76
C LYS B 51 -3.85 26.25 34.49
N ALA B 52 -3.64 25.60 33.35
CA ALA B 52 -3.47 26.33 32.08
C ALA B 52 -4.74 27.09 31.68
N TYR B 53 -5.88 26.46 31.91
CA TYR B 53 -7.18 27.06 31.60
C TYR B 53 -7.45 28.27 32.51
N GLU B 54 -7.19 28.12 33.81
CA GLU B 54 -7.41 29.18 34.80
C GLU B 54 -6.61 30.42 34.44
N LYS B 55 -5.38 30.20 33.97
N LYS B 55 -5.39 30.19 33.96
CA LYS B 55 -4.52 31.29 33.56
CA LYS B 55 -4.51 31.26 33.55
C LYS B 55 -5.19 32.07 32.43
C LYS B 55 -5.16 32.05 32.42
N GLU B 56 -6.00 31.39 31.63
CA GLU B 56 -6.70 32.07 30.52
C GLU B 56 -8.11 32.54 30.86
N ASN B 57 -8.65 32.03 31.96
CA ASN B 57 -9.98 32.40 32.40
C ASN B 57 -10.00 32.63 33.90
N PRO B 58 -9.54 33.80 34.32
CA PRO B 58 -9.48 34.12 35.75
C PRO B 58 -10.80 34.05 36.52
N ASP B 59 -11.93 34.17 35.82
CA ASP B 59 -13.23 34.11 36.50
C ASP B 59 -13.72 32.69 36.80
N VAL B 60 -12.91 31.68 36.48
CA VAL B 60 -13.30 30.29 36.71
C VAL B 60 -12.22 29.46 37.42
N THR B 61 -12.61 28.65 38.39
CA THR B 61 -11.66 27.77 39.08
C THR B 61 -12.07 26.30 38.82
N ILE B 62 -11.10 25.48 38.41
CA ILE B 62 -11.32 24.06 38.14
C ILE B 62 -10.49 23.33 39.17
N GLU B 63 -11.16 22.70 40.13
CA GLU B 63 -10.50 21.96 41.18
C GLU B 63 -10.48 20.46 40.91
N VAL B 64 -9.30 19.96 40.55
CA VAL B 64 -9.12 18.57 40.22
C VAL B 64 -8.66 17.75 41.45
N SER B 65 -9.31 16.61 41.68
CA SER B 65 -8.92 15.73 42.78
C SER B 65 -8.94 14.29 42.28
N GLN B 66 -8.21 13.42 42.96
CA GLN B 66 -8.14 12.02 42.59
C GLN B 66 -9.30 11.30 43.28
N MSE B 67 -10.17 10.67 42.51
CA MSE B 67 -11.32 10.00 43.16
C MSE B 67 -10.80 8.79 43.92
O MSE B 67 -9.81 8.18 43.52
CB MSE B 67 -12.40 9.57 42.16
CG MSE B 67 -12.13 8.29 41.37
SE MSE B 67 -13.64 7.88 40.15
CE MSE B 67 -15.01 8.44 41.44
N LYS B 68 -11.45 8.49 45.04
CA LYS B 68 -11.08 7.35 45.84
C LYS B 68 -11.75 6.11 45.26
N GLU B 69 -11.35 4.97 45.79
CA GLU B 69 -11.90 3.66 45.47
C GLU B 69 -12.30 3.10 46.82
N SER B 70 -13.60 3.15 47.13
CA SER B 70 -14.11 2.71 48.42
C SER B 70 -15.29 1.75 48.29
N PRO B 71 -15.06 0.49 47.84
CA PRO B 71 -13.82 -0.13 47.43
C PRO B 71 -13.54 -0.01 45.94
N SER B 72 -14.53 0.44 45.17
CA SER B 72 -14.36 0.62 43.71
C SER B 72 -14.73 2.07 43.38
N SER B 73 -14.35 2.52 42.19
CA SER B 73 -14.67 3.87 41.79
C SER B 73 -16.18 4.03 41.64
N GLU B 74 -16.85 2.98 41.18
CA GLU B 74 -18.28 3.04 40.99
C GLU B 74 -19.00 3.16 42.34
N ALA B 75 -18.52 2.42 43.35
CA ALA B 75 -19.12 2.52 44.68
C ALA B 75 -18.87 3.94 45.23
N THR B 76 -17.70 4.50 44.96
CA THR B 76 -17.39 5.86 45.41
C THR B 76 -18.39 6.87 44.81
N ILE B 77 -18.67 6.73 43.51
CA ILE B 77 -19.63 7.62 42.85
C ILE B 77 -21.05 7.45 43.43
N GLN B 78 -21.48 6.20 43.59
N GLN B 78 -21.52 6.21 43.60
CA GLN B 78 -22.80 5.90 44.13
CA GLN B 78 -22.85 6.00 44.16
C GLN B 78 -22.93 6.49 45.53
C GLN B 78 -22.95 6.59 45.57
N SER B 79 -21.87 6.37 46.32
N SER B 79 -21.92 6.38 46.39
CA SER B 79 -21.86 6.89 47.67
CA SER B 79 -21.94 6.94 47.74
C SER B 79 -21.93 8.43 47.67
C SER B 79 -21.93 8.47 47.69
N ALA B 80 -21.14 9.04 46.79
CA ALA B 80 -21.09 10.50 46.66
C ALA B 80 -22.49 11.04 46.28
N ILE B 81 -23.16 10.36 45.38
CA ILE B 81 -24.49 10.79 44.96
C ILE B 81 -25.51 10.71 46.10
N ALA B 82 -25.39 9.69 46.95
CA ALA B 82 -26.30 9.50 48.09
C ALA B 82 -26.03 10.51 49.21
N SER B 83 -24.78 10.88 49.41
CA SER B 83 -24.46 11.87 50.44
C SER B 83 -24.46 13.28 49.85
N LYS B 84 -25.00 13.40 48.63
CA LYS B 84 -25.09 14.66 47.91
C LYS B 84 -23.77 15.44 47.84
N THR B 85 -22.67 14.72 47.63
CA THR B 85 -21.36 15.33 47.53
C THR B 85 -20.74 15.05 46.16
N ALA B 86 -21.57 14.76 45.16
CA ALA B 86 -21.03 14.50 43.82
C ALA B 86 -20.40 15.78 43.30
N PRO B 87 -19.34 15.66 42.49
CA PRO B 87 -18.69 16.85 41.94
C PRO B 87 -19.44 17.35 40.72
N THR B 88 -18.95 18.43 40.14
CA THR B 88 -19.55 18.97 38.93
C THR B 88 -19.39 17.92 37.83
N MSE B 89 -18.22 17.31 37.76
CA MSE B 89 -17.91 16.33 36.74
C MSE B 89 -16.87 15.33 37.20
O MSE B 89 -16.11 15.59 38.12
CB MSE B 89 -17.36 17.08 35.51
CG MSE B 89 -16.00 17.77 35.76
SE MSE B 89 -15.34 18.93 34.29
CE MSE B 89 -15.84 17.77 32.79
N SER B 90 -16.86 14.16 36.55
CA SER B 90 -15.86 13.15 36.85
C SER B 90 -15.56 12.45 35.54
N GLU B 91 -14.41 11.79 35.50
CA GLU B 91 -14.04 11.02 34.31
C GLU B 91 -14.19 9.59 34.81
N ASN B 92 -13.58 8.63 34.11
CA ASN B 92 -13.59 7.25 34.54
C ASN B 92 -14.95 6.54 34.49
N ILE B 93 -15.89 7.00 33.66
CA ILE B 93 -17.20 6.37 33.57
C ILE B 93 -17.36 5.60 32.25
N ASN B 94 -17.69 4.30 32.33
CA ASN B 94 -17.90 3.51 31.12
C ASN B 94 -19.38 3.66 30.71
N ARG B 95 -19.71 3.19 29.52
CA ARG B 95 -21.07 3.37 29.01
C ARG B 95 -22.18 2.67 29.78
N SER B 96 -21.91 1.48 30.31
CA SER B 96 -22.90 0.71 31.05
C SER B 96 -23.23 1.38 32.37
N PHE B 97 -22.18 1.85 33.06
CA PHE B 97 -22.37 2.53 34.32
C PHE B 97 -23.06 3.87 34.05
N ALA B 98 -22.70 4.53 32.96
CA ALA B 98 -23.34 5.80 32.61
C ALA B 98 -24.83 5.55 32.45
N ALA B 99 -25.18 4.39 31.88
CA ALA B 99 -26.60 4.02 31.70
C ALA B 99 -27.33 3.93 33.04
N GLN B 100 -26.69 3.35 34.05
CA GLN B 100 -27.30 3.24 35.37
C GLN B 100 -27.48 4.63 35.96
N LEU B 101 -26.47 5.48 35.80
CA LEU B 101 -26.51 6.84 36.32
C LEU B 101 -27.61 7.66 35.63
N ALA B 102 -27.75 7.49 34.32
CA ALA B 102 -28.77 8.21 33.56
C ALA B 102 -30.16 7.75 33.98
N ASP B 103 -30.34 6.45 34.18
CA ASP B 103 -31.66 5.95 34.59
C ASP B 103 -32.13 6.56 35.89
N SER B 104 -31.22 6.76 36.83
CA SER B 104 -31.56 7.35 38.12
C SER B 104 -31.48 8.88 38.09
N LYS B 105 -31.18 9.43 36.91
CA LYS B 105 -31.09 10.88 36.72
C LYS B 105 -29.99 11.55 37.56
N ALA B 106 -28.91 10.81 37.80
CA ALA B 106 -27.78 11.35 38.57
C ALA B 106 -26.85 12.18 37.68
N ILE B 107 -26.88 11.90 36.38
CA ILE B 107 -26.09 12.63 35.41
C ILE B 107 -27.02 13.18 34.31
N VAL B 108 -26.56 14.22 33.64
CA VAL B 108 -27.35 14.89 32.61
C VAL B 108 -26.85 14.72 31.19
N PRO B 109 -27.74 14.95 30.21
CA PRO B 109 -27.31 14.83 28.81
C PRO B 109 -26.35 15.95 28.43
N LEU B 110 -25.18 15.60 27.90
CA LEU B 110 -24.18 16.60 27.54
C LEU B 110 -24.64 17.41 26.33
N ASN B 111 -25.48 16.80 25.51
CA ASN B 111 -26.01 17.46 24.33
C ASN B 111 -26.91 18.64 24.70
N ASP B 112 -27.29 18.76 25.99
CA ASP B 112 -28.07 19.89 26.49
C ASP B 112 -27.16 20.99 27.04
N VAL B 113 -25.85 20.79 26.98
CA VAL B 113 -24.89 21.78 27.49
C VAL B 113 -24.15 22.36 26.28
N LYS B 114 -24.22 23.68 26.10
CA LYS B 114 -23.56 24.25 24.93
C LYS B 114 -22.05 24.09 25.00
N GLY B 115 -21.49 23.89 23.82
CA GLY B 115 -20.06 23.69 23.68
C GLY B 115 -19.77 22.24 23.33
N LEU B 116 -20.71 21.32 23.54
CA LEU B 116 -20.46 19.88 23.24
C LEU B 116 -20.03 19.64 21.80
N ASP B 117 -20.79 20.16 20.84
CA ASP B 117 -20.47 19.98 19.42
C ASP B 117 -19.07 20.54 19.11
N ASP B 118 -18.72 21.68 19.71
CA ASP B 118 -17.41 22.30 19.48
C ASP B 118 -16.31 21.36 19.90
N VAL B 119 -16.46 20.69 21.05
CA VAL B 119 -15.47 19.70 21.53
C VAL B 119 -15.35 18.52 20.55
N VAL B 120 -16.48 17.92 20.18
CA VAL B 120 -16.49 16.76 19.26
C VAL B 120 -15.86 17.10 17.92
N LYS B 121 -16.21 18.27 17.41
CA LYS B 121 -15.68 18.73 16.16
C LYS B 121 -14.16 18.97 16.15
N GLU B 122 -13.66 19.73 17.14
CA GLU B 122 -12.23 20.09 17.20
C GLU B 122 -11.31 18.90 17.46
N ARG B 123 -11.82 17.89 18.17
CA ARG B 123 -11.02 16.70 18.47
C ARG B 123 -11.08 15.66 17.34
N ASN B 124 -11.94 15.89 16.36
CA ASN B 124 -12.11 15.02 15.19
C ASN B 124 -12.55 13.65 15.70
N MSE B 125 -13.55 13.65 16.58
CA MSE B 125 -14.02 12.41 17.16
C MSE B 125 -15.49 12.11 16.83
O MSE B 125 -16.15 11.38 17.60
CB MSE B 125 -13.84 12.43 18.70
CG MSE B 125 -14.74 13.46 19.43
SE MSE B 125 -14.60 13.52 21.36
CE MSE B 125 -15.08 11.70 21.74
N SER B 126 -15.99 12.61 15.71
CA SER B 126 -17.41 12.38 15.35
C SER B 126 -17.81 10.90 15.26
N GLU B 127 -16.98 10.06 14.65
CA GLU B 127 -17.30 8.62 14.50
C GLU B 127 -17.27 7.90 15.87
N THR B 128 -16.21 8.15 16.63
CA THR B 128 -16.06 7.55 17.94
C THR B 128 -17.24 7.96 18.85
N MSE B 129 -17.57 9.25 18.88
CA MSE B 129 -18.68 9.76 19.71
C MSE B 129 -20.04 9.23 19.28
O MSE B 129 -20.93 9.00 20.11
CB MSE B 129 -18.72 11.29 19.61
CG MSE B 129 -19.81 12.00 20.38
SE MSE B 129 -19.74 11.51 22.29
CE MSE B 129 -20.45 13.16 23.08
N ASP B 130 -20.22 9.06 17.97
CA ASP B 130 -21.49 8.59 17.47
C ASP B 130 -21.81 7.18 17.98
N SER B 131 -20.77 6.36 18.14
CA SER B 131 -20.97 4.99 18.62
C SER B 131 -21.46 4.94 20.10
N TRP B 132 -21.27 6.01 20.86
CA TRP B 132 -21.75 6.08 22.24
C TRP B 132 -23.23 6.46 22.40
N LYS B 133 -23.82 7.04 21.35
CA LYS B 133 -25.22 7.49 21.33
C LYS B 133 -26.13 6.57 22.15
N PHE B 134 -26.87 7.12 23.12
CA PHE B 134 -27.78 6.31 23.94
C PHE B 134 -29.14 6.11 23.27
N SER B 135 -29.88 5.10 23.71
N SER B 135 -29.87 5.10 23.72
CA SER B 135 -31.17 4.78 23.14
CA SER B 135 -31.19 4.77 23.16
C SER B 135 -32.16 5.95 23.19
C SER B 135 -32.16 5.95 23.19
N ASP B 136 -32.08 6.79 24.22
CA ASP B 136 -32.97 7.96 24.32
C ASP B 136 -32.54 9.12 23.41
N GLY B 137 -31.49 8.91 22.62
CA GLY B 137 -30.99 9.93 21.70
C GLY B 137 -29.95 10.87 22.27
N ASN B 138 -29.71 10.79 23.58
CA ASN B 138 -28.73 11.64 24.24
C ASN B 138 -27.34 11.03 24.32
N GLN B 139 -26.38 11.90 24.67
CA GLN B 139 -25.00 11.52 24.89
C GLN B 139 -24.75 11.92 26.34
N TYR B 140 -24.46 10.94 27.18
CA TYR B 140 -24.20 11.24 28.60
C TYR B 140 -22.71 11.26 28.91
N VAL B 141 -21.88 10.74 27.99
CA VAL B 141 -20.46 10.68 28.24
C VAL B 141 -19.60 11.26 27.11
N LEU B 142 -18.55 12.00 27.49
CA LEU B 142 -17.59 12.54 26.52
C LEU B 142 -16.41 11.59 26.70
N PRO B 143 -16.25 10.62 25.81
CA PRO B 143 -15.16 9.67 25.96
C PRO B 143 -13.78 10.33 26.00
N VAL B 144 -12.97 9.91 26.96
CA VAL B 144 -11.63 10.46 27.10
C VAL B 144 -10.64 9.56 26.35
N TYR B 145 -10.73 8.27 26.61
CA TYR B 145 -9.84 7.31 25.98
C TYR B 145 -10.69 6.14 25.46
N SER B 146 -10.12 5.42 24.49
CA SER B 146 -10.80 4.24 23.90
C SER B 146 -9.73 3.24 23.51
N ASN B 147 -9.68 2.10 24.22
CA ASN B 147 -8.70 1.07 23.99
C ASN B 147 -9.31 -0.14 23.28
N PRO B 148 -9.11 -0.24 21.97
CA PRO B 148 -9.68 -1.42 21.32
C PRO B 148 -9.00 -2.70 21.82
N ILE B 149 -9.74 -3.79 21.83
CA ILE B 149 -9.20 -5.06 22.28
C ILE B 149 -8.87 -5.76 20.98
N LEU B 150 -7.60 -5.97 20.77
CA LEU B 150 -7.12 -6.58 19.53
C LEU B 150 -6.47 -7.90 19.85
N PHE B 151 -5.98 -8.58 18.81
CA PHE B 151 -5.33 -9.88 19.03
C PHE B 151 -3.88 -9.94 18.64
N ALA B 152 -3.06 -10.39 19.59
CA ALA B 152 -1.64 -10.56 19.40
C ALA B 152 -1.45 -11.96 18.88
N TRP B 153 -0.45 -12.12 18.03
CA TRP B 153 -0.15 -13.40 17.44
C TRP B 153 1.34 -13.69 17.52
N ARG B 154 1.68 -14.95 17.78
CA ARG B 154 3.07 -15.39 17.82
C ARG B 154 3.47 -15.61 16.38
N LEU B 155 4.18 -14.63 15.83
CA LEU B 155 4.63 -14.61 14.44
C LEU B 155 5.79 -15.61 14.26
N ASP B 156 6.57 -15.83 15.34
CA ASP B 156 7.66 -16.79 15.29
C ASP B 156 7.09 -18.20 15.12
N THR B 157 6.09 -18.56 15.91
CA THR B 157 5.49 -19.89 15.78
C THR B 157 4.76 -20.02 14.43
N LEU B 158 4.08 -18.95 13.98
CA LEU B 158 3.37 -18.99 12.68
C LEU B 158 4.33 -19.28 11.52
N LYS B 159 5.50 -18.66 11.54
CA LYS B 159 6.46 -18.90 10.45
C LYS B 159 6.90 -20.37 10.43
N GLU B 160 7.06 -20.96 11.62
N GLU B 160 7.06 -20.97 11.60
CA GLU B 160 7.45 -22.35 11.73
CA GLU B 160 7.46 -22.37 11.68
C GLU B 160 6.39 -23.26 11.11
C GLU B 160 6.40 -23.24 11.03
N LEU B 161 5.14 -22.79 11.08
CA LEU B 161 4.04 -23.55 10.49
C LEU B 161 3.89 -23.21 8.99
N GLY B 162 4.73 -22.32 8.49
CA GLY B 162 4.69 -21.94 7.08
C GLY B 162 3.85 -20.68 6.79
N TYR B 163 3.59 -19.85 7.79
CA TYR B 163 2.80 -18.64 7.55
C TYR B 163 3.58 -17.37 7.78
N ASP B 164 3.43 -16.42 6.85
CA ASP B 164 4.08 -15.13 6.91
C ASP B 164 3.25 -14.11 7.66
N ALA B 165 2.00 -14.43 7.95
CA ALA B 165 1.14 -13.47 8.64
C ALA B 165 -0.03 -14.19 9.30
N PRO B 166 -0.64 -13.55 10.30
CA PRO B 166 -1.78 -14.16 10.97
C PRO B 166 -2.97 -14.45 10.07
N PRO B 167 -3.74 -15.51 10.36
CA PRO B 167 -4.91 -15.74 9.52
C PRO B 167 -5.96 -14.63 9.79
N LYS B 168 -6.90 -14.44 8.87
CA LYS B 168 -7.93 -13.41 9.00
C LYS B 168 -9.34 -13.95 9.25
N THR B 169 -9.62 -15.10 8.66
CA THR B 169 -10.94 -15.69 8.78
C THR B 169 -10.97 -16.93 9.64
N TYR B 170 -12.18 -17.35 10.03
CA TYR B 170 -12.36 -18.55 10.82
C TYR B 170 -11.71 -19.78 10.16
N SER B 171 -11.96 -19.99 8.87
CA SER B 171 -11.38 -21.16 8.18
C SER B 171 -9.85 -21.10 8.17
N GLU B 172 -9.28 -19.94 7.91
CA GLU B 172 -7.83 -19.80 7.92
C GLU B 172 -7.29 -20.11 9.31
N ALA B 173 -8.01 -19.70 10.36
CA ALA B 173 -7.59 -19.97 11.72
C ALA B 173 -7.63 -21.47 12.03
N LEU B 174 -8.67 -22.16 11.54
CA LEU B 174 -8.78 -23.60 11.75
C LEU B 174 -7.65 -24.32 10.98
N GLU B 175 -7.33 -23.86 9.78
CA GLU B 175 -6.25 -24.45 9.00
C GLU B 175 -4.90 -24.30 9.76
N VAL B 176 -4.64 -23.09 10.27
CA VAL B 176 -3.41 -22.86 11.04
C VAL B 176 -3.40 -23.70 12.31
N GLY B 177 -4.55 -23.77 12.97
CA GLY B 177 -4.70 -24.52 14.20
C GLY B 177 -4.41 -26.01 14.01
N LYS B 178 -4.88 -26.56 12.89
CA LYS B 178 -4.64 -27.96 12.62
C LYS B 178 -3.16 -28.20 12.40
N LYS B 179 -2.47 -27.27 11.74
CA LYS B 179 -1.05 -27.43 11.56
C LYS B 179 -0.35 -27.23 12.90
N LEU B 180 -0.87 -26.33 13.71
CA LEU B 180 -0.29 -26.10 15.03
C LEU B 180 -0.21 -27.42 15.84
N LYS B 181 -1.34 -28.13 15.91
CA LYS B 181 -1.45 -29.40 16.66
C LYS B 181 -0.59 -30.51 16.08
N ALA B 182 -0.51 -30.58 14.75
CA ALA B 182 0.28 -31.60 14.10
C ALA B 182 1.74 -31.41 14.48
N LYS B 183 2.24 -30.18 14.45
CA LYS B 183 3.63 -29.97 14.78
C LYS B 183 3.95 -29.77 16.28
N TYR B 184 3.07 -29.11 17.01
CA TYR B 184 3.28 -28.89 18.45
C TYR B 184 2.03 -29.32 19.19
N PRO B 185 1.88 -30.63 19.43
CA PRO B 185 0.69 -31.13 20.11
C PRO B 185 0.40 -30.45 21.45
N ASP B 186 1.42 -29.92 22.12
CA ASP B 186 1.19 -29.26 23.40
C ASP B 186 0.61 -27.86 23.28
N LYS B 187 0.72 -27.22 22.11
CA LYS B 187 0.21 -25.85 21.95
C LYS B 187 -1.29 -25.72 21.60
N VAL B 188 -1.85 -24.55 21.86
CA VAL B 188 -3.25 -24.28 21.58
C VAL B 188 -3.33 -22.92 20.89
N LEU B 189 -4.46 -22.65 20.23
CA LEU B 189 -4.66 -21.37 19.58
C LEU B 189 -4.82 -20.28 20.64
N TRP B 190 -5.76 -20.52 21.55
CA TRP B 190 -6.12 -19.58 22.60
C TRP B 190 -6.25 -20.24 23.97
N ALA B 191 -5.45 -19.75 24.91
CA ALA B 191 -5.43 -20.27 26.26
C ALA B 191 -5.74 -19.17 27.26
N LYS B 192 -6.87 -19.28 27.94
N LYS B 192 -6.84 -19.29 27.97
CA LYS B 192 -7.25 -18.27 28.92
CA LYS B 192 -7.18 -18.30 28.98
C LYS B 192 -8.27 -18.85 29.89
C LYS B 192 -8.24 -18.87 29.90
N GLY B 193 -7.94 -18.88 31.19
CA GLY B 193 -8.85 -19.41 32.21
C GLY B 193 -10.22 -18.75 32.15
N ASP B 194 -10.24 -17.46 31.80
CA ASP B 194 -11.48 -16.69 31.70
C ASP B 194 -12.51 -17.23 30.69
N LEU B 195 -12.06 -17.97 29.69
CA LEU B 195 -12.96 -18.54 28.67
C LEU B 195 -14.10 -19.38 29.27
N SER B 196 -13.88 -20.02 30.42
CA SER B 196 -14.91 -20.85 31.05
C SER B 196 -15.48 -20.22 32.34
N ASP B 197 -15.08 -18.99 32.63
CA ASP B 197 -15.55 -18.29 33.81
C ASP B 197 -16.69 -17.36 33.40
N PRO B 198 -17.84 -17.47 34.08
CA PRO B 198 -19.03 -16.66 33.74
C PRO B 198 -19.03 -15.20 34.22
N THR B 199 -18.01 -14.77 34.96
CA THR B 199 -17.95 -13.39 35.43
C THR B 199 -18.24 -12.43 34.25
N ALA B 200 -19.28 -11.62 34.44
CA ALA B 200 -19.78 -10.67 33.44
C ALA B 200 -18.77 -9.87 32.64
N TRP B 201 -17.89 -9.14 33.33
CA TRP B 201 -16.90 -8.31 32.61
C TRP B 201 -15.92 -9.08 31.72
N MSE B 202 -15.70 -10.37 32.00
CA MSE B 202 -14.76 -11.16 31.20
C MSE B 202 -15.18 -11.32 29.74
O MSE B 202 -14.35 -11.55 28.85
CB MSE B 202 -14.54 -12.52 31.84
CG MSE B 202 -13.89 -12.39 33.19
SE MSE B 202 -13.52 -14.11 34.00
CE MSE B 202 -12.53 -13.46 35.58
N ARG B 203 -16.47 -11.16 29.48
CA ARG B 203 -16.95 -11.27 28.13
C ARG B 203 -16.46 -10.10 27.31
N TRP B 204 -16.11 -8.98 27.95
CA TRP B 204 -15.62 -7.88 27.15
C TRP B 204 -14.30 -8.25 26.49
N PHE B 205 -13.66 -9.32 26.96
CA PHE B 205 -12.34 -9.70 26.43
C PHE B 205 -12.26 -11.00 25.62
N ASP B 206 -13.39 -11.59 25.30
CA ASP B 206 -13.40 -12.82 24.47
C ASP B 206 -14.58 -12.77 23.52
N PHE B 207 -15.79 -12.84 24.07
CA PHE B 207 -16.96 -12.81 23.24
C PHE B 207 -17.21 -11.47 22.50
N PHE B 208 -17.19 -10.34 23.21
CA PHE B 208 -17.48 -9.07 22.51
C PHE B 208 -16.56 -8.70 21.35
N PRO B 209 -15.24 -8.88 21.50
CA PRO B 209 -14.37 -8.56 20.36
C PRO B 209 -14.72 -9.34 19.10
N LEU B 210 -14.90 -10.64 19.25
CA LEU B 210 -15.27 -11.50 18.12
C LEU B 210 -16.73 -11.28 17.64
N TYR B 211 -17.67 -11.07 18.56
CA TYR B 211 -19.05 -10.84 18.17
C TYR B 211 -19.20 -9.49 17.47
N ASP B 212 -18.51 -8.48 18.00
CA ASP B 212 -18.54 -7.16 17.41
C ASP B 212 -17.97 -7.22 15.99
N ALA B 213 -16.91 -7.99 15.81
CA ALA B 213 -16.29 -8.13 14.48
C ALA B 213 -17.23 -8.85 13.49
N ALA B 214 -17.79 -9.97 13.93
CA ALA B 214 -18.69 -10.76 13.08
C ALA B 214 -20.02 -10.07 12.73
N SER B 215 -20.55 -9.27 13.65
CA SER B 215 -21.83 -8.62 13.43
C SER B 215 -21.74 -7.19 12.94
N LYS B 216 -20.54 -6.74 12.58
CA LYS B 216 -20.33 -5.37 12.12
C LYS B 216 -20.83 -4.38 13.15
N GLY B 217 -20.57 -4.68 14.40
CA GLY B 217 -20.94 -3.81 15.50
C GLY B 217 -22.36 -3.81 16.03
N ASN B 218 -23.05 -4.95 15.97
CA ASN B 218 -24.40 -5.03 16.50
C ASN B 218 -24.39 -4.75 18.01
N ALA B 219 -25.37 -4.00 18.50
CA ALA B 219 -25.43 -3.62 19.92
C ALA B 219 -25.73 -4.74 20.94
N PHE B 220 -26.17 -5.90 20.48
CA PHE B 220 -26.54 -7.03 21.31
C PHE B 220 -27.86 -6.72 22.03
N VAL B 221 -27.85 -5.67 22.85
CA VAL B 221 -29.05 -5.23 23.53
C VAL B 221 -29.16 -3.72 23.37
N GLU B 222 -30.34 -3.24 22.97
CA GLU B 222 -30.56 -1.81 22.83
C GLU B 222 -31.99 -1.39 23.11
N ASP B 223 -32.13 -0.26 23.78
CA ASP B 223 -33.42 0.31 24.15
C ASP B 223 -34.23 -0.77 24.88
N GLY B 224 -33.55 -1.56 25.71
CA GLY B 224 -34.18 -2.61 26.49
C GLY B 224 -34.55 -3.89 25.77
N LYS B 225 -34.28 -3.96 24.47
CA LYS B 225 -34.63 -5.15 23.70
C LYS B 225 -33.43 -5.93 23.18
N LEU B 226 -33.61 -7.22 23.01
CA LEU B 226 -32.54 -8.06 22.50
C LEU B 226 -32.56 -7.80 21.00
N VAL B 227 -31.44 -7.31 20.45
CA VAL B 227 -31.36 -7.02 19.02
C VAL B 227 -30.17 -7.78 18.39
N ALA B 228 -29.71 -8.81 19.10
CA ALA B 228 -28.58 -9.63 18.70
C ALA B 228 -28.71 -10.26 17.31
N ASP B 229 -27.60 -10.28 16.60
CA ASP B 229 -27.51 -10.86 15.26
C ASP B 229 -27.34 -12.38 15.42
N ASP B 230 -28.42 -13.13 15.20
CA ASP B 230 -28.42 -14.59 15.35
C ASP B 230 -27.42 -15.31 14.43
N LYS B 231 -27.34 -14.89 13.18
CA LYS B 231 -26.41 -15.48 12.23
C LYS B 231 -24.96 -15.32 12.75
N ALA B 232 -24.58 -14.09 13.06
CA ALA B 232 -23.23 -13.83 13.55
C ALA B 232 -22.95 -14.63 14.81
N GLY B 233 -23.86 -14.55 15.77
CA GLY B 233 -23.70 -15.28 17.02
C GLY B 233 -23.54 -16.78 16.90
N THR B 234 -24.39 -17.40 16.10
N THR B 234 -24.39 -17.41 16.08
CA THR B 234 -24.31 -18.85 15.91
CA THR B 234 -24.31 -18.85 15.90
C THR B 234 -23.06 -19.24 15.11
C THR B 234 -23.04 -19.22 15.13
N GLU B 235 -22.66 -18.42 14.14
CA GLU B 235 -21.43 -18.69 13.37
C GLU B 235 -20.22 -18.66 14.31
N LEU B 236 -20.20 -17.67 15.21
CA LEU B 236 -19.10 -17.54 16.17
C LEU B 236 -19.05 -18.73 17.12
N LEU B 237 -20.18 -19.11 17.67
CA LEU B 237 -20.19 -20.25 18.57
C LEU B 237 -19.79 -21.53 17.84
N THR B 238 -20.17 -21.66 16.58
CA THR B 238 -19.82 -22.83 15.80
C THR B 238 -18.32 -22.88 15.63
N PHE B 239 -17.72 -21.71 15.38
CA PHE B 239 -16.27 -21.63 15.21
C PHE B 239 -15.58 -22.01 16.52
N MSE B 240 -16.10 -21.54 17.66
CA MSE B 240 -15.49 -21.87 18.95
C MSE B 240 -15.62 -23.39 19.22
O MSE B 240 -14.72 -23.99 19.80
CB MSE B 240 -16.11 -21.05 20.09
CG MSE B 240 -15.87 -19.58 19.99
SE MSE B 240 -13.97 -19.09 20.14
CE MSE B 240 -13.68 -19.73 21.97
N SER B 241 -16.72 -23.99 18.80
N SER B 241 -16.73 -23.96 18.79
CA SER B 241 -16.91 -25.43 19.01
CA SER B 241 -16.98 -25.38 18.94
C SER B 241 -15.91 -26.22 18.17
C SER B 241 -15.95 -26.21 18.17
N GLU B 242 -15.61 -25.75 16.98
CA GLU B 242 -14.63 -26.43 16.11
C GLU B 242 -13.22 -26.34 16.75
N LEU B 243 -12.92 -25.20 17.37
CA LEU B 243 -11.62 -25.06 18.05
C LEU B 243 -11.61 -25.99 19.25
N GLN B 244 -12.73 -26.04 19.98
CA GLN B 244 -12.81 -26.90 21.15
C GLN B 244 -12.60 -28.36 20.80
N LYS B 245 -13.27 -28.84 19.76
CA LYS B 245 -13.13 -30.24 19.35
C LYS B 245 -11.69 -30.57 18.95
N ASN B 246 -10.98 -29.62 18.34
CA ASN B 246 -9.58 -29.88 17.96
C ASN B 246 -8.52 -29.53 19.02
N LYS B 247 -8.94 -29.47 20.27
CA LYS B 247 -8.03 -29.17 21.38
C LYS B 247 -7.23 -27.91 21.11
N LEU B 248 -7.89 -26.88 20.60
CA LEU B 248 -7.25 -25.60 20.31
C LEU B 248 -7.58 -24.52 21.33
N LEU B 249 -8.29 -24.91 22.39
CA LEU B 249 -8.66 -23.99 23.48
C LEU B 249 -8.15 -24.58 24.79
N LEU B 250 -7.69 -23.73 25.70
CA LEU B 250 -7.24 -24.17 27.02
C LEU B 250 -7.93 -23.23 27.98
N ALA B 251 -8.96 -23.72 28.65
CA ALA B 251 -9.74 -22.93 29.60
C ALA B 251 -9.25 -23.29 30.98
N SER B 252 -7.94 -23.46 31.08
CA SER B 252 -7.31 -23.82 32.32
C SER B 252 -6.64 -22.58 32.90
N LYS B 253 -5.87 -22.78 33.96
CA LYS B 253 -5.27 -21.67 34.68
C LYS B 253 -3.85 -21.20 34.36
N ALA B 254 -3.07 -21.95 33.60
CA ALA B 254 -1.68 -21.52 33.30
C ALA B 254 -1.58 -20.00 33.16
N THR B 255 -0.46 -19.40 33.57
CA THR B 255 -0.29 -17.95 33.43
C THR B 255 0.76 -17.63 32.36
N ASP B 256 0.59 -16.46 31.73
CA ASP B 256 1.48 -16.00 30.69
C ASP B 256 1.62 -17.06 29.58
N PRO B 257 0.50 -17.73 29.21
CA PRO B 257 0.59 -18.78 28.17
C PRO B 257 1.01 -18.25 26.80
N PHE B 258 0.62 -17.02 26.47
CA PHE B 258 1.02 -16.48 25.19
C PHE B 258 2.50 -16.14 25.20
N GLU B 259 2.97 -15.61 26.32
CA GLU B 259 4.35 -15.22 26.46
C GLU B 259 5.27 -16.41 26.61
N THR B 260 4.79 -17.49 27.22
CA THR B 260 5.65 -18.66 27.42
C THR B 260 5.53 -19.70 26.29
N GLY B 261 4.88 -19.35 25.19
CA GLY B 261 4.77 -20.27 24.05
C GLY B 261 3.72 -21.38 24.05
N THR B 262 2.81 -21.38 25.02
CA THR B 262 1.76 -22.40 25.08
C THR B 262 0.68 -22.08 24.01
N SER B 263 0.31 -20.81 23.90
CA SER B 263 -0.69 -20.38 22.94
C SER B 263 -0.09 -19.45 21.91
N ILE B 264 -0.74 -19.35 20.76
CA ILE B 264 -0.25 -18.48 19.67
C ILE B 264 -1.10 -17.26 19.38
N MSE B 265 -2.24 -17.13 20.07
CA MSE B 265 -3.12 -15.99 19.88
C MSE B 265 -3.64 -15.54 21.24
O MSE B 265 -3.98 -16.38 22.08
CB MSE B 265 -4.32 -16.38 19.01
CG MSE B 265 -5.21 -15.21 18.61
SE MSE B 265 -6.97 -15.77 17.88
CE MSE B 265 -7.85 -16.41 19.50
N ALA B 266 -3.74 -14.24 21.44
CA ALA B 266 -4.24 -13.73 22.70
C ALA B 266 -4.89 -12.35 22.62
N ASP B 267 -6.03 -12.19 23.30
N ASP B 267 -5.99 -12.17 23.36
CA ASP B 267 -6.70 -10.89 23.36
CA ASP B 267 -6.69 -10.88 23.42
C ASP B 267 -5.68 -9.96 24.05
C ASP B 267 -5.66 -9.95 24.05
N ASN B 268 -5.58 -8.72 23.57
CA ASN B 268 -4.60 -7.81 24.09
C ASN B 268 -5.04 -6.36 24.07
N GLY B 269 -4.75 -5.64 25.14
CA GLY B 269 -5.07 -4.21 25.23
C GLY B 269 -3.72 -3.52 25.28
N PRO B 270 -3.69 -2.19 25.15
CA PRO B 270 -2.44 -1.41 25.17
C PRO B 270 -1.65 -1.47 26.49
N TRP B 271 -2.32 -1.79 27.59
CA TRP B 271 -1.68 -1.88 28.89
C TRP B 271 -0.72 -3.07 29.03
N THR B 272 -0.72 -4.00 28.09
CA THR B 272 0.15 -5.17 28.21
C THR B 272 1.61 -4.87 27.82
N PHE B 273 1.80 -3.90 26.93
CA PHE B 273 3.16 -3.56 26.47
C PHE B 273 4.15 -3.12 27.56
N PRO B 274 3.74 -2.25 28.50
CA PRO B 274 4.70 -1.91 29.55
C PRO B 274 5.09 -3.15 30.37
N ASN B 275 4.14 -4.07 30.56
N ASN B 275 4.15 -4.07 30.56
CA ASN B 275 4.39 -5.31 31.28
CA ASN B 275 4.44 -5.28 31.31
C ASN B 275 5.39 -6.19 30.55
C ASN B 275 5.42 -6.17 30.55
N TRP B 276 5.28 -6.24 29.23
CA TRP B 276 6.18 -7.06 28.43
C TRP B 276 7.58 -6.46 28.39
N ASP B 277 7.68 -5.13 28.39
CA ASP B 277 9.01 -4.51 28.37
C ASP B 277 9.80 -4.93 29.61
N GLU B 278 9.09 -5.21 30.70
CA GLU B 278 9.69 -5.63 31.96
C GLU B 278 9.95 -7.14 32.01
N LYS B 279 8.86 -7.92 31.98
CA LYS B 279 8.95 -9.38 32.07
C LYS B 279 9.36 -10.14 30.82
N PHE B 280 9.04 -9.60 29.64
CA PHE B 280 9.36 -10.30 28.40
C PHE B 280 9.97 -9.35 27.36
N PRO B 281 11.19 -8.86 27.63
CA PRO B 281 11.82 -7.96 26.67
C PRO B 281 12.11 -8.57 25.29
N GLU B 282 12.05 -9.89 25.17
CA GLU B 282 12.32 -10.53 23.88
C GLU B 282 11.12 -10.42 22.91
N LEU B 283 9.96 -9.99 23.40
CA LEU B 283 8.80 -9.83 22.52
C LEU B 283 8.90 -8.52 21.75
N LYS B 284 9.19 -8.62 20.45
CA LYS B 284 9.33 -7.43 19.59
C LYS B 284 8.33 -7.36 18.44
N TYR B 285 7.67 -6.20 18.31
CA TYR B 285 6.64 -5.96 17.29
C TYR B 285 7.09 -6.20 15.86
N ASN B 286 6.29 -7.00 15.14
CA ASN B 286 6.59 -7.46 13.77
C ASN B 286 7.88 -8.24 13.64
N GLU B 287 8.41 -8.72 14.77
CA GLU B 287 9.60 -9.57 14.73
C GLU B 287 9.03 -10.90 15.20
N ASN B 288 8.65 -10.99 16.48
CA ASN B 288 8.06 -12.25 16.97
C ASN B 288 6.57 -12.15 17.34
N TYR B 289 5.97 -10.95 17.30
CA TYR B 289 4.53 -10.85 17.57
C TYR B 289 3.95 -9.81 16.65
N ALA B 290 2.65 -9.96 16.36
CA ALA B 290 1.89 -9.08 15.49
C ALA B 290 0.59 -8.79 16.20
N ILE B 291 -0.06 -7.68 15.83
CA ILE B 291 -1.35 -7.29 16.42
C ILE B 291 -2.32 -7.09 15.26
N THR B 292 -3.50 -7.71 15.35
CA THR B 292 -4.53 -7.61 14.30
C THR B 292 -5.93 -7.52 14.90
N ALA B 293 -6.90 -7.20 14.05
CA ALA B 293 -8.29 -7.14 14.45
C ALA B 293 -8.75 -8.58 14.75
N PRO B 294 -9.92 -8.73 15.33
CA PRO B 294 -10.37 -10.08 15.60
C PRO B 294 -10.69 -10.85 14.33
N LEU B 295 -10.63 -12.18 14.44
CA LEU B 295 -10.97 -13.05 13.34
C LEU B 295 -12.44 -12.82 12.94
N VAL B 296 -12.76 -13.03 11.66
CA VAL B 296 -14.12 -12.83 11.13
C VAL B 296 -14.54 -14.06 10.32
N PRO B 297 -15.85 -14.23 10.10
CA PRO B 297 -16.31 -15.35 9.28
C PRO B 297 -15.75 -15.23 7.87
N ASP B 298 -15.66 -16.37 7.19
CA ASP B 298 -15.12 -16.39 5.81
C ASP B 298 -15.86 -15.44 4.90
N SER B 299 -17.18 -15.38 5.05
CA SER B 299 -18.03 -14.50 4.23
C SER B 299 -17.64 -13.02 4.28
N MSE B 300 -16.85 -12.63 5.27
CA MSE B 300 -16.43 -11.25 5.43
C MSE B 300 -14.93 -11.07 5.19
O MSE B 300 -14.35 -10.11 5.65
CB MSE B 300 -16.81 -10.77 6.82
CG MSE B 300 -18.32 -10.64 7.01
SE MSE B 300 -18.80 -10.43 8.91
CE MSE B 300 -17.31 -9.36 9.49
N VAL B 301 -14.34 -12.00 4.44
CA VAL B 301 -12.91 -11.95 4.13
C VAL B 301 -12.50 -10.64 3.42
N ASN B 302 -13.43 -10.03 2.69
CA ASN B 302 -13.16 -8.79 1.98
C ASN B 302 -13.60 -7.56 2.77
N GLU B 303 -14.10 -7.76 3.99
CA GLU B 303 -14.49 -6.63 4.82
C GLU B 303 -13.25 -5.90 5.29
N GLU B 304 -13.30 -4.58 5.23
CA GLU B 304 -12.19 -3.73 5.65
C GLU B 304 -12.67 -3.03 6.93
N ASN B 305 -11.73 -2.56 7.74
CA ASN B 305 -12.06 -1.82 8.94
C ASN B 305 -12.94 -2.63 9.90
N VAL B 306 -12.45 -3.81 10.28
CA VAL B 306 -13.15 -4.72 11.16
C VAL B 306 -13.38 -4.14 12.55
N ALA B 307 -14.59 -4.33 13.05
CA ALA B 307 -14.97 -3.81 14.36
C ALA B 307 -14.46 -4.67 15.53
N THR B 308 -14.36 -4.06 16.69
CA THR B 308 -14.00 -4.79 17.90
C THR B 308 -14.62 -4.04 19.06
N TYR B 309 -14.46 -4.57 20.25
CA TYR B 309 -14.93 -3.93 21.44
C TYR B 309 -13.88 -2.95 21.94
N ALA B 310 -14.32 -1.84 22.48
CA ALA B 310 -13.40 -0.88 23.04
C ALA B 310 -13.59 -0.68 24.55
N ASP B 311 -12.51 -0.84 25.30
CA ASP B 311 -12.51 -0.57 26.72
C ASP B 311 -12.40 0.95 26.70
N SER B 312 -13.48 1.65 27.05
CA SER B 312 -13.49 3.10 26.92
C SER B 312 -14.25 3.78 28.04
N LYS B 313 -13.71 4.91 28.50
CA LYS B 313 -14.34 5.67 29.56
C LYS B 313 -14.24 7.16 29.31
N GLY B 314 -15.07 7.92 29.99
CA GLY B 314 -15.07 9.34 29.84
C GLY B 314 -15.72 10.14 30.94
N VAL B 315 -16.02 11.38 30.56
CA VAL B 315 -16.57 12.37 31.44
C VAL B 315 -18.08 12.53 31.43
N VAL B 316 -18.64 12.71 32.63
CA VAL B 316 -20.05 12.92 32.82
C VAL B 316 -20.20 14.17 33.69
N MSE B 317 -21.41 14.75 33.69
CA MSE B 317 -21.73 15.91 34.50
C MSE B 317 -22.92 15.56 35.37
O MSE B 317 -23.94 15.04 34.88
CB MSE B 317 -21.95 17.16 33.67
CG MSE B 317 -20.68 17.62 32.97
SE MSE B 317 -20.86 19.31 32.02
CE MSE B 317 -19.10 19.33 31.14
N TYR B 318 -22.79 15.82 36.65
CA TYR B 318 -23.81 15.48 37.64
C TYR B 318 -24.99 16.45 37.74
N ALA B 319 -26.17 15.88 38.01
CA ALA B 319 -27.43 16.65 38.11
C ALA B 319 -27.40 17.84 39.08
N GLN B 320 -26.57 17.76 40.11
CA GLN B 320 -26.42 18.84 41.10
C GLN B 320 -25.83 20.14 40.51
N ALA B 321 -24.96 20.01 39.51
CA ALA B 321 -24.34 21.19 38.91
C ALA B 321 -25.32 22.20 38.32
N THR B 322 -25.02 23.48 38.47
CA THR B 322 -25.85 24.55 37.91
C THR B 322 -25.51 24.70 36.42
N ASP B 323 -26.36 25.38 35.67
CA ASP B 323 -26.12 25.61 34.24
C ASP B 323 -24.79 26.31 33.99
N LYS B 324 -24.50 27.29 34.83
CA LYS B 324 -23.27 28.07 34.74
C LYS B 324 -22.02 27.21 34.98
N GLU B 325 -22.13 26.26 35.90
CA GLU B 325 -21.02 25.36 36.23
C GLU B 325 -20.80 24.36 35.11
N LYS B 326 -21.90 23.84 34.54
CA LYS B 326 -21.78 22.88 33.45
C LYS B 326 -21.15 23.54 32.23
N GLU B 327 -21.57 24.76 31.90
CA GLU B 327 -21.01 25.45 30.74
C GLU B 327 -19.52 25.71 30.94
N ALA B 328 -19.15 26.10 32.15
CA ALA B 328 -17.75 26.35 32.47
C ALA B 328 -16.96 25.03 32.33
N ALA B 329 -17.58 23.93 32.78
CA ALA B 329 -16.97 22.62 32.68
C ALA B 329 -16.78 22.24 31.22
N MSE B 330 -17.78 22.52 30.39
CA MSE B 330 -17.67 22.20 28.98
C MSE B 330 -16.65 23.15 28.33
O MSE B 330 -15.89 22.75 27.45
CB MSE B 330 -19.04 22.30 28.30
CG MSE B 330 -19.07 21.76 26.86
SE MSE B 330 -18.76 19.83 26.75
CE MSE B 330 -20.51 19.29 27.48
N ASP B 331 -16.60 24.41 28.78
CA ASP B 331 -15.65 25.34 28.17
C ASP B 331 -14.22 24.85 28.44
N PHE B 332 -14.01 24.25 29.60
CA PHE B 332 -12.71 23.71 29.95
C PHE B 332 -12.33 22.60 29.00
N LEU B 333 -13.27 21.71 28.72
CA LEU B 333 -13.00 20.63 27.77
C LEU B 333 -12.74 21.19 26.36
N LYS B 334 -13.45 22.25 25.97
CA LYS B 334 -13.21 22.85 24.67
C LYS B 334 -11.77 23.30 24.63
N PHE B 335 -11.31 23.92 25.73
CA PHE B 335 -9.92 24.40 25.81
C PHE B 335 -8.92 23.26 25.66
N VAL B 336 -9.11 22.20 26.41
CA VAL B 336 -8.20 21.05 26.36
C VAL B 336 -8.12 20.43 24.95
N TYR B 337 -9.26 20.16 24.34
CA TYR B 337 -9.26 19.55 23.01
C TYR B 337 -9.00 20.48 21.83
N ASN B 338 -8.70 21.74 22.11
CA ASN B 338 -8.41 22.72 21.07
C ASN B 338 -6.98 22.56 20.53
N ASP B 339 -6.09 21.94 21.30
CA ASP B 339 -4.68 21.71 20.88
C ASP B 339 -4.41 20.19 20.90
N ASP B 340 -4.09 19.64 19.72
CA ASP B 340 -3.82 18.22 19.54
C ASP B 340 -2.68 17.71 20.45
N LYS B 341 -1.78 18.62 20.81
CA LYS B 341 -0.67 18.27 21.67
C LYS B 341 -1.13 17.82 23.06
N ASN B 342 -2.35 18.19 23.46
CA ASN B 342 -2.86 17.75 24.76
C ASN B 342 -3.22 16.27 24.71
N ASP B 343 -3.78 15.80 23.59
CA ASP B 343 -4.08 14.36 23.44
C ASP B 343 -2.78 13.54 23.38
N LEU B 344 -1.77 14.10 22.73
CA LEU B 344 -0.47 13.43 22.64
C LEU B 344 0.11 13.31 24.04
N LYS B 345 0.08 14.40 24.80
CA LYS B 345 0.60 14.37 26.15
C LYS B 345 -0.13 13.28 26.94
N PHE B 346 -1.45 13.19 26.76
CA PHE B 346 -2.28 12.19 27.46
C PHE B 346 -1.83 10.77 27.15
N LEU B 347 -1.64 10.49 25.86
CA LEU B 347 -1.21 9.18 25.39
C LEU B 347 0.16 8.78 25.92
N GLU B 348 1.12 9.66 25.82
CA GLU B 348 2.46 9.28 26.29
C GLU B 348 2.61 9.26 27.80
N THR B 349 1.76 9.96 28.54
CA THR B 349 1.88 9.93 29.99
C THR B 349 1.00 8.85 30.63
N THR B 350 -0.15 8.53 30.05
CA THR B 350 -1.03 7.51 30.64
C THR B 350 -1.04 6.19 29.88
N ASN B 351 -0.52 6.17 28.66
CA ASN B 351 -0.54 4.95 27.81
C ASN B 351 -1.99 4.56 27.44
N LEU B 352 -2.93 5.49 27.56
CA LEU B 352 -4.32 5.26 27.19
C LEU B 352 -4.51 5.94 25.83
N ILE B 353 -5.18 5.24 24.92
CA ILE B 353 -5.42 5.72 23.57
C ILE B 353 -6.52 6.76 23.53
N PRO B 354 -6.22 7.96 23.00
CA PRO B 354 -7.23 9.01 22.90
C PRO B 354 -8.43 8.59 22.06
N ALA B 355 -9.63 8.94 22.54
CA ALA B 355 -10.86 8.63 21.83
C ALA B 355 -11.08 9.65 20.70
N ARG B 356 -10.30 9.49 19.63
N ARG B 356 -10.32 9.52 19.62
CA ARG B 356 -10.32 10.35 18.44
CA ARG B 356 -10.43 10.42 18.46
C ARG B 356 -10.33 9.45 17.22
C ARG B 356 -10.26 9.53 17.23
N ASP B 357 -10.75 9.99 16.10
CA ASP B 357 -10.78 9.22 14.86
C ASP B 357 -9.54 9.27 13.95
N ASP B 358 -8.64 10.23 14.16
CA ASP B 358 -7.51 10.47 13.23
C ASP B 358 -6.11 10.42 13.78
N ALA B 359 -5.90 9.79 14.92
CA ALA B 359 -4.57 9.83 15.52
C ALA B 359 -3.46 9.29 14.63
N THR B 360 -3.72 8.26 13.83
CA THR B 360 -2.66 7.71 13.02
C THR B 360 -2.31 8.54 11.80
N GLU B 361 -3.17 9.46 11.41
CA GLU B 361 -2.86 10.27 10.24
C GLU B 361 -2.51 11.71 10.62
N ASN B 362 -2.81 12.11 11.84
CA ASN B 362 -2.54 13.48 12.33
C ASN B 362 -1.01 13.67 12.58
N GLU B 363 -0.40 14.66 11.95
CA GLU B 363 1.04 14.87 12.10
C GLU B 363 1.50 15.11 13.55
N THR B 364 0.61 15.54 14.43
CA THR B 364 0.98 15.74 15.81
C THR B 364 1.44 14.44 16.44
N PHE B 365 0.86 13.31 16.02
CA PHE B 365 1.19 12.02 16.60
C PHE B 365 2.16 11.14 15.81
N THR B 366 2.65 11.58 14.67
CA THR B 366 3.53 10.74 13.83
C THR B 366 4.79 10.18 14.48
N ALA B 367 5.60 11.04 15.06
CA ALA B 367 6.84 10.60 15.69
C ALA B 367 6.57 9.60 16.81
N PHE B 368 5.53 9.82 17.61
CA PHE B 368 5.21 8.92 18.70
C PHE B 368 4.89 7.53 18.15
N PHE B 369 4.02 7.47 17.14
CA PHE B 369 3.70 6.17 16.55
C PHE B 369 4.86 5.51 15.81
N LYS B 370 5.82 6.28 15.28
CA LYS B 370 6.98 5.66 14.63
C LYS B 370 7.80 4.92 15.70
N GLU B 371 7.85 5.46 16.92
CA GLU B 371 8.59 4.82 18.03
C GLU B 371 7.72 3.76 18.72
N ASN B 372 6.40 3.88 18.63
CA ASN B 372 5.51 2.88 19.24
C ASN B 372 4.56 2.28 18.18
N PRO B 373 5.10 1.52 17.22
CA PRO B 373 4.25 0.98 16.19
C PRO B 373 3.13 0.08 16.70
N GLU B 374 3.35 -0.62 17.81
CA GLU B 374 2.32 -1.49 18.32
C GLU B 374 1.11 -0.70 18.79
N LEU B 375 1.31 0.51 19.29
CA LEU B 375 0.18 1.32 19.70
C LEU B 375 -0.57 1.91 18.51
N GLU B 376 0.12 2.04 17.37
CA GLU B 376 -0.51 2.61 16.19
C GLU B 376 -1.72 1.80 15.75
N VAL B 377 -1.58 0.48 15.78
CA VAL B 377 -2.65 -0.43 15.39
C VAL B 377 -3.91 -0.16 16.25
N TYR B 378 -3.74 0.05 17.55
CA TYR B 378 -4.87 0.35 18.42
C TYR B 378 -5.55 1.68 18.08
N ALA B 379 -4.73 2.70 17.85
CA ALA B 379 -5.23 4.02 17.52
C ALA B 379 -5.99 3.99 16.19
N ALA B 380 -5.49 3.22 15.22
CA ALA B 380 -6.12 3.08 13.90
C ALA B 380 -7.54 2.47 14.03
N ASN B 381 -7.71 1.58 14.99
CA ASN B 381 -9.00 0.92 15.21
C ASN B 381 -10.06 1.66 16.05
N VAL B 382 -9.66 2.74 16.69
CA VAL B 382 -10.58 3.49 17.55
C VAL B 382 -11.92 3.86 16.90
N PRO B 383 -11.89 4.48 15.71
CA PRO B 383 -13.19 4.84 15.11
C PRO B 383 -14.10 3.67 14.72
N TYR B 384 -13.57 2.46 14.66
CA TYR B 384 -14.37 1.32 14.26
C TYR B 384 -14.78 0.45 15.44
N SER B 385 -14.40 0.84 16.65
CA SER B 385 -14.68 0.07 17.84
C SER B 385 -16.00 0.44 18.47
N ILE B 386 -16.62 -0.48 19.20
N ILE B 386 -16.53 -0.51 19.24
CA ILE B 386 -17.87 -0.11 19.83
CA ILE B 386 -17.82 -0.38 19.89
C ILE B 386 -17.72 -0.34 21.33
C ILE B 386 -17.70 -0.41 21.42
N PRO B 387 -18.18 0.63 22.11
CA PRO B 387 -18.12 0.60 23.56
C PRO B 387 -19.16 -0.33 24.21
N ALA B 388 -19.09 -0.42 25.54
CA ALA B 388 -19.98 -1.27 26.35
C ALA B 388 -21.44 -0.91 26.09
N MSE B 389 -22.33 -1.88 26.30
N MSE B 389 -22.33 -1.86 26.32
CA MSE B 389 -23.76 -1.69 26.08
CA MSE B 389 -23.76 -1.69 26.13
C MSE B 389 -24.34 -0.64 27.03
C MSE B 389 -24.32 -0.60 27.03
O MSE B 389 -23.92 -0.55 28.18
O MSE B 389 -23.84 -0.44 28.16
CB MSE B 389 -24.52 -3.01 26.24
CB MSE B 389 -24.48 -2.98 26.48
CG MSE B 389 -24.63 -3.58 27.65
CG MSE B 389 -24.07 -4.21 25.71
SE MSE B 389 -25.70 -5.25 27.66
SE MSE B 389 -25.12 -5.73 26.32
CE MSE B 389 -24.37 -6.40 26.78
CE MSE B 389 -24.61 -5.67 28.20
N ASP B 390 -25.31 0.13 26.54
CA ASP B 390 -25.92 1.18 27.38
C ASP B 390 -27.18 0.65 28.04
N ASP B 391 -27.01 -0.37 28.88
CA ASP B 391 -28.14 -0.96 29.61
C ASP B 391 -27.68 -1.11 31.04
N ALA B 392 -28.55 -0.71 31.96
CA ALA B 392 -28.26 -0.76 33.40
C ALA B 392 -28.05 -2.17 33.94
N LYS B 393 -28.65 -3.15 33.27
CA LYS B 393 -28.55 -4.54 33.69
C LYS B 393 -27.47 -5.29 32.94
N TYR B 394 -26.43 -4.58 32.51
CA TYR B 394 -25.36 -5.19 31.75
C TYR B 394 -24.68 -6.36 32.47
N ASN B 395 -24.61 -6.35 33.79
CA ASN B 395 -23.98 -7.47 34.53
C ASN B 395 -24.76 -8.76 34.40
N ASP B 396 -26.06 -8.71 34.65
CA ASP B 396 -26.91 -9.89 34.51
C ASP B 396 -26.91 -10.37 33.06
N ILE B 397 -26.93 -9.43 32.13
CA ILE B 397 -26.91 -9.74 30.70
C ILE B 397 -25.63 -10.43 30.29
N GLN B 398 -24.50 -9.90 30.74
CA GLN B 398 -23.21 -10.48 30.37
C GLN B 398 -22.92 -11.80 31.07
N GLN B 399 -23.41 -11.97 32.29
CA GLN B 399 -23.18 -13.22 33.01
C GLN B 399 -23.91 -14.35 32.27
N ILE B 400 -25.08 -14.06 31.73
CA ILE B 400 -25.86 -15.05 30.98
C ILE B 400 -25.17 -15.49 29.68
N ILE B 401 -24.54 -14.56 28.98
CA ILE B 401 -23.83 -14.91 27.74
C ILE B 401 -22.87 -16.04 28.07
N GLY B 402 -22.14 -15.86 29.16
CA GLY B 402 -21.18 -16.84 29.60
C GLY B 402 -21.78 -18.12 30.13
N GLU B 403 -22.77 -18.01 31.03
CA GLU B 403 -23.42 -19.19 31.63
C GLU B 403 -24.13 -20.12 30.65
N GLU B 404 -24.96 -19.52 29.80
CA GLU B 404 -25.75 -20.26 28.83
C GLU B 404 -25.03 -20.65 27.54
N ALA B 405 -24.18 -19.76 27.03
CA ALA B 405 -23.54 -20.02 25.74
C ALA B 405 -22.03 -20.15 25.64
N TRP B 406 -21.30 -19.10 25.98
CA TRP B 406 -19.85 -19.14 25.83
C TRP B 406 -19.11 -20.19 26.67
N ASN B 407 -19.39 -20.26 27.97
CA ASN B 407 -18.69 -21.24 28.81
C ASN B 407 -18.98 -22.68 28.38
N PRO B 408 -20.26 -23.02 28.16
CA PRO B 408 -20.57 -24.39 27.73
C PRO B 408 -19.94 -24.79 26.40
N ILE B 409 -19.85 -23.85 25.47
CA ILE B 409 -19.23 -24.14 24.17
C ILE B 409 -17.73 -24.39 24.41
N VAL B 410 -17.11 -23.54 25.21
CA VAL B 410 -15.68 -23.68 25.52
C VAL B 410 -15.37 -25.01 26.23
N ARG B 411 -16.30 -25.48 27.06
CA ARG B 411 -16.11 -26.73 27.78
C ARG B 411 -16.63 -27.95 27.01
N GLY B 412 -17.27 -27.73 25.86
CA GLY B 412 -17.82 -28.80 25.03
C GLY B 412 -19.08 -29.41 25.61
N GLU B 413 -19.84 -28.62 26.37
CA GLU B 413 -21.07 -29.11 27.01
C GLU B 413 -22.35 -28.89 26.19
N LYS B 414 -22.32 -27.99 25.22
CA LYS B 414 -23.49 -27.72 24.37
C LYS B 414 -23.13 -27.53 22.91
N LYS B 415 -24.12 -27.63 22.04
CA LYS B 415 -23.94 -27.43 20.61
C LYS B 415 -24.29 -25.97 20.33
N PRO B 416 -23.68 -25.37 19.29
CA PRO B 416 -23.87 -23.97 18.93
C PRO B 416 -25.31 -23.43 18.92
N THR B 417 -26.21 -24.06 18.18
CA THR B 417 -27.60 -23.56 18.14
C THR B 417 -28.32 -23.64 19.50
N LYS B 418 -28.15 -24.75 20.22
CA LYS B 418 -28.80 -24.87 21.53
C LYS B 418 -28.21 -23.84 22.48
N ALA B 419 -26.90 -23.60 22.35
CA ALA B 419 -26.22 -22.64 23.21
C ALA B 419 -26.80 -21.25 22.99
N TRP B 420 -26.86 -20.83 21.73
CA TRP B 420 -27.37 -19.53 21.40
C TRP B 420 -28.85 -19.37 21.80
N SER B 421 -29.65 -20.40 21.53
N SER B 421 -29.65 -20.40 21.54
CA SER B 421 -31.08 -20.36 21.87
CA SER B 421 -31.08 -20.36 21.88
C SER B 421 -31.35 -20.29 23.38
C SER B 421 -31.33 -20.27 23.39
N ASP B 422 -30.56 -21.01 24.18
CA ASP B 422 -30.72 -20.97 25.64
C ASP B 422 -30.38 -19.55 26.08
N MSE B 423 -29.33 -19.00 25.51
CA MSE B 423 -28.90 -17.65 25.84
C MSE B 423 -29.99 -16.64 25.57
O MSE B 423 -30.27 -15.79 26.41
CB MSE B 423 -27.69 -17.25 25.02
CG MSE B 423 -27.14 -15.90 25.39
SE MSE B 423 -25.89 -15.24 24.08
CE MSE B 423 -27.20 -14.95 22.66
N LYS B 424 -30.60 -16.69 24.38
CA LYS B 424 -31.64 -15.72 24.03
C LYS B 424 -32.87 -15.79 24.92
N LYS B 425 -33.25 -16.99 25.35
CA LYS B 425 -34.43 -17.13 26.20
C LYS B 425 -34.15 -16.57 27.60
N ALA B 426 -32.92 -16.75 28.07
CA ALA B 426 -32.55 -16.24 29.39
C ALA B 426 -32.41 -14.71 29.33
N GLU B 427 -31.81 -14.17 28.27
CA GLU B 427 -31.68 -12.71 28.17
C GLU B 427 -33.08 -12.09 28.24
N ASP B 428 -34.02 -12.65 27.46
CA ASP B 428 -35.41 -12.17 27.43
C ASP B 428 -36.04 -12.17 28.81
N GLY B 429 -35.69 -13.15 29.64
CA GLY B 429 -36.22 -13.23 30.99
C GLY B 429 -35.77 -12.00 31.77
N VAL B 430 -34.49 -11.69 31.70
CA VAL B 430 -33.95 -10.53 32.39
C VAL B 430 -34.52 -9.20 31.87
N LEU B 431 -34.70 -9.10 30.56
CA LEU B 431 -35.23 -7.88 29.94
C LEU B 431 -36.75 -7.72 30.03
N GLN B 432 -37.48 -8.77 30.42
CA GLN B 432 -38.94 -8.66 30.50
C GLN B 432 -39.37 -7.77 31.66
N LYS C 29 19.05 -59.96 -22.66
CA LYS C 29 19.07 -58.73 -23.50
C LYS C 29 18.77 -57.50 -22.63
N THR C 30 19.81 -56.74 -22.30
CA THR C 30 19.68 -55.57 -21.43
C THR C 30 18.96 -54.37 -22.09
N LYS C 31 17.92 -53.88 -21.43
CA LYS C 31 17.14 -52.76 -21.96
C LYS C 31 17.30 -51.45 -21.19
N VAL C 32 17.86 -50.46 -21.88
CA VAL C 32 18.08 -49.13 -21.32
C VAL C 32 17.06 -48.22 -21.96
N THR C 33 16.33 -47.47 -21.14
CA THR C 33 15.36 -46.51 -21.63
C THR C 33 15.99 -45.15 -21.34
N PHE C 34 15.95 -44.28 -22.35
N PHE C 34 15.98 -44.27 -22.33
CA PHE C 34 16.55 -42.96 -22.30
CA PHE C 34 16.58 -42.94 -22.18
C PHE C 34 15.52 -41.90 -22.63
C PHE C 34 15.62 -41.86 -22.65
N TRP C 35 15.31 -40.96 -21.72
CA TRP C 35 14.39 -39.86 -21.97
C TRP C 35 15.21 -38.63 -22.34
N ALA C 36 15.10 -38.22 -23.60
CA ALA C 36 15.82 -37.06 -24.12
C ALA C 36 14.98 -35.79 -23.93
N ALA C 37 15.65 -34.65 -24.04
CA ALA C 37 15.02 -33.34 -23.88
C ALA C 37 13.80 -33.22 -24.76
N PRO C 38 12.87 -32.36 -24.34
CA PRO C 38 11.63 -32.18 -25.07
C PRO C 38 11.78 -31.34 -26.34
N ASN C 39 12.59 -31.82 -27.27
CA ASN C 39 12.73 -31.12 -28.54
C ASN C 39 13.29 -32.17 -29.50
N PRO C 40 12.70 -32.25 -30.71
CA PRO C 40 13.05 -33.25 -31.70
C PRO C 40 14.51 -33.34 -32.15
N THR C 41 15.22 -32.23 -32.24
CA THR C 41 16.60 -32.25 -32.71
C THR C 41 17.54 -32.92 -31.72
N GLN C 42 17.38 -32.56 -30.45
CA GLN C 42 18.20 -33.14 -29.42
C GLN C 42 17.82 -34.64 -29.32
N VAL C 43 16.54 -34.97 -29.43
CA VAL C 43 16.12 -36.36 -29.40
C VAL C 43 16.75 -37.12 -30.57
N LYS C 44 16.74 -36.53 -31.76
CA LYS C 44 17.34 -37.19 -32.95
C LYS C 44 18.83 -37.47 -32.72
N TYR C 45 19.54 -36.51 -32.13
CA TYR C 45 20.94 -36.68 -31.85
C TYR C 45 21.15 -37.93 -31.00
N TRP C 46 20.38 -38.05 -29.93
CA TRP C 46 20.53 -39.21 -29.05
C TRP C 46 20.08 -40.51 -29.70
N ASP C 47 19.04 -40.44 -30.52
CA ASP C 47 18.56 -41.63 -31.20
C ASP C 47 19.65 -42.17 -32.14
N GLU C 48 20.32 -41.26 -32.85
CA GLU C 48 21.39 -41.64 -33.77
C GLU C 48 22.53 -42.31 -33.02
N MSE C 49 22.90 -41.74 -31.88
CA MSE C 49 23.97 -42.32 -31.07
C MSE C 49 23.53 -43.74 -30.62
O MSE C 49 24.31 -44.67 -30.66
CB MSE C 49 24.25 -41.49 -29.81
CG MSE C 49 24.84 -40.11 -30.00
SE MSE C 49 26.55 -40.08 -31.00
CE MSE C 49 25.99 -40.39 -32.83
N ALA C 50 22.31 -43.85 -30.16
CA ALA C 50 21.77 -45.13 -29.69
C ALA C 50 21.82 -46.23 -30.77
N LYS C 51 21.42 -45.90 -31.99
CA LYS C 51 21.44 -46.87 -33.07
C LYS C 51 22.87 -47.26 -33.44
N ALA C 52 23.81 -46.32 -33.37
CA ALA C 52 25.21 -46.63 -33.68
C ALA C 52 25.79 -47.54 -32.59
N TYR C 53 25.39 -47.29 -31.34
CA TYR C 53 25.85 -48.11 -30.24
C TYR C 53 25.29 -49.54 -30.35
N GLU C 54 24.01 -49.66 -30.68
CA GLU C 54 23.37 -50.97 -30.83
C GLU C 54 24.03 -51.78 -31.93
N LYS C 55 24.48 -51.14 -33.00
CA LYS C 55 25.13 -51.90 -34.07
C LYS C 55 26.45 -52.50 -33.57
N GLU C 56 27.09 -51.88 -32.59
CA GLU C 56 28.35 -52.41 -32.06
C GLU C 56 28.10 -53.32 -30.85
N ASN C 57 26.92 -53.21 -30.24
CA ASN C 57 26.58 -54.04 -29.09
C ASN C 57 25.20 -54.67 -29.27
N PRO C 58 25.15 -55.76 -30.05
CA PRO C 58 23.90 -56.45 -30.35
C PRO C 58 23.07 -56.88 -29.12
N ASP C 59 23.70 -57.16 -27.99
CA ASP C 59 22.96 -57.60 -26.79
C ASP C 59 22.27 -56.47 -25.97
N VAL C 60 22.49 -55.22 -26.34
CA VAL C 60 21.89 -54.09 -25.62
C VAL C 60 20.99 -53.25 -26.51
N THR C 61 19.86 -52.82 -25.98
CA THR C 61 18.94 -51.96 -26.73
C THR C 61 18.80 -50.67 -25.93
N ILE C 62 18.94 -49.56 -26.62
CA ILE C 62 18.83 -48.24 -26.02
C ILE C 62 17.63 -47.57 -26.65
N GLU C 63 16.53 -47.52 -25.93
CA GLU C 63 15.30 -46.92 -26.42
C GLU C 63 15.24 -45.44 -26.05
N VAL C 64 15.45 -44.57 -27.04
CA VAL C 64 15.43 -43.12 -26.82
C VAL C 64 14.03 -42.59 -27.06
N SER C 65 13.52 -41.76 -26.17
CA SER C 65 12.20 -41.19 -26.37
C SER C 65 12.21 -39.72 -25.98
N GLN C 66 11.27 -38.95 -26.52
CA GLN C 66 11.20 -37.54 -26.19
C GLN C 66 10.42 -37.34 -24.90
N MSE C 67 11.05 -36.70 -23.94
CA MSE C 67 10.43 -36.46 -22.64
C MSE C 67 9.14 -35.67 -22.76
O MSE C 67 9.10 -34.64 -23.44
CB MSE C 67 11.42 -35.68 -21.79
CG MSE C 67 11.05 -35.47 -20.36
SE MSE C 67 12.50 -34.38 -19.63
CE MSE C 67 14.05 -35.44 -20.17
N LYS C 68 8.09 -36.17 -22.11
CA LYS C 68 6.80 -35.47 -22.10
C LYS C 68 6.94 -34.28 -21.17
N GLU C 69 6.09 -33.28 -21.35
CA GLU C 69 6.18 -32.08 -20.53
C GLU C 69 4.74 -31.79 -20.11
N SER C 70 4.36 -32.31 -18.95
CA SER C 70 2.98 -32.17 -18.47
C SER C 70 2.79 -31.81 -17.00
N PRO C 71 2.78 -30.51 -16.68
CA PRO C 71 2.95 -29.43 -17.65
C PRO C 71 4.42 -29.13 -17.91
N SER C 72 5.29 -29.68 -17.07
CA SER C 72 6.72 -29.46 -17.23
C SER C 72 7.46 -30.78 -17.16
N SER C 73 8.75 -30.75 -17.47
CA SER C 73 9.58 -31.94 -17.41
C SER C 73 9.70 -32.43 -15.97
N GLU C 74 9.79 -31.48 -15.04
CA GLU C 74 9.93 -31.79 -13.61
C GLU C 74 8.77 -32.67 -13.16
N ALA C 75 7.57 -32.25 -13.53
CA ALA C 75 6.34 -32.96 -13.18
C ALA C 75 6.32 -34.35 -13.80
N THR C 76 6.71 -34.44 -15.07
CA THR C 76 6.74 -35.72 -15.76
C THR C 76 7.66 -36.67 -15.02
N ILE C 77 8.85 -36.18 -14.68
CA ILE C 77 9.83 -36.99 -13.96
C ILE C 77 9.32 -37.40 -12.57
N GLN C 78 8.72 -36.49 -11.83
CA GLN C 78 8.21 -36.82 -10.49
C GLN C 78 7.14 -37.92 -10.48
N SER C 79 6.23 -37.89 -11.46
CA SER C 79 5.13 -38.88 -11.52
C SER C 79 5.66 -40.28 -11.83
N ALA C 80 6.65 -40.33 -12.74
CA ALA C 80 7.26 -41.58 -13.16
C ALA C 80 7.92 -42.25 -11.97
N ILE C 81 8.61 -41.43 -11.19
CA ILE C 81 9.27 -41.90 -9.99
C ILE C 81 8.22 -42.49 -9.05
N ALA C 82 7.13 -41.75 -8.82
CA ALA C 82 6.07 -42.23 -7.93
C ALA C 82 5.38 -43.48 -8.49
N SER C 83 5.24 -43.55 -9.80
CA SER C 83 4.60 -44.69 -10.44
C SER C 83 5.52 -45.92 -10.55
N LYS C 84 6.80 -45.73 -10.26
CA LYS C 84 7.81 -46.78 -10.37
C LYS C 84 8.03 -47.11 -11.83
N THR C 85 7.92 -46.07 -12.66
CA THR C 85 8.09 -46.19 -14.12
C THR C 85 9.10 -45.16 -14.66
N ALA C 86 10.13 -44.89 -13.87
CA ALA C 86 11.15 -43.94 -14.32
C ALA C 86 12.02 -44.67 -15.32
N PRO C 87 12.63 -43.91 -16.25
CA PRO C 87 13.51 -44.61 -17.20
C PRO C 87 14.81 -44.94 -16.52
N THR C 88 15.72 -45.58 -17.24
CA THR C 88 17.02 -45.88 -16.69
C THR C 88 17.77 -44.56 -16.53
N MSE C 89 17.60 -43.68 -17.51
N MSE C 89 17.60 -43.68 -17.51
CA MSE C 89 18.28 -42.39 -17.51
CA MSE C 89 18.31 -42.41 -17.53
C MSE C 89 17.49 -41.32 -18.24
C MSE C 89 17.52 -41.33 -18.27
O MSE C 89 16.63 -41.63 -19.06
O MSE C 89 16.69 -41.64 -19.11
CB MSE C 89 19.63 -42.55 -18.21
CB MSE C 89 19.62 -42.70 -18.27
CG MSE C 89 19.51 -43.13 -19.63
CG MSE C 89 20.62 -41.58 -18.40
SE MSE C 89 21.20 -43.54 -20.53
SE MSE C 89 22.24 -42.18 -19.36
CE MSE C 89 21.96 -41.75 -20.62
CE MSE C 89 21.45 -42.65 -21.07
N SER C 90 17.79 -40.06 -17.94
CA SER C 90 17.17 -38.90 -18.62
C SER C 90 18.20 -37.80 -18.67
N GLU C 91 18.06 -36.88 -19.63
CA GLU C 91 18.96 -35.73 -19.70
C GLU C 91 18.05 -34.59 -19.24
N ASN C 92 18.44 -33.37 -19.56
CA ASN C 92 17.66 -32.16 -19.25
C ASN C 92 17.52 -31.89 -17.76
N ILE C 93 18.49 -32.31 -16.95
CA ILE C 93 18.39 -32.07 -15.51
C ILE C 93 19.41 -31.01 -15.08
N ASN C 94 18.96 -29.92 -14.43
CA ASN C 94 19.88 -28.90 -13.96
C ASN C 94 20.35 -29.31 -12.53
N ARG C 95 21.32 -28.61 -11.97
CA ARG C 95 21.87 -29.01 -10.67
C ARG C 95 20.93 -28.88 -9.48
N SER C 96 20.09 -27.87 -9.47
CA SER C 96 19.15 -27.65 -8.38
C SER C 96 18.08 -28.73 -8.32
N PHE C 97 17.56 -29.11 -9.49
CA PHE C 97 16.56 -30.16 -9.56
C PHE C 97 17.23 -31.49 -9.20
N ALA C 98 18.48 -31.65 -9.61
CA ALA C 98 19.19 -32.88 -9.29
C ALA C 98 19.33 -33.01 -7.75
N ALA C 99 19.51 -31.87 -7.07
CA ALA C 99 19.62 -31.87 -5.61
C ALA C 99 18.33 -32.38 -4.97
N GLN C 100 17.19 -31.97 -5.52
CA GLN C 100 15.90 -32.45 -5.01
C GLN C 100 15.75 -33.96 -5.23
N LEU C 101 16.13 -34.43 -6.42
CA LEU C 101 16.04 -35.86 -6.72
C LEU C 101 17.00 -36.68 -5.85
N ALA C 102 18.20 -36.15 -5.62
CA ALA C 102 19.18 -36.83 -4.78
C ALA C 102 18.63 -36.91 -3.34
N ASP C 103 18.07 -35.81 -2.85
CA ASP C 103 17.51 -35.78 -1.48
C ASP C 103 16.46 -36.86 -1.25
N SER C 104 15.59 -37.10 -2.22
CA SER C 104 14.56 -38.12 -2.09
C SER C 104 15.08 -39.49 -2.56
N LYS C 105 16.38 -39.56 -2.88
CA LYS C 105 17.00 -40.80 -3.31
C LYS C 105 16.39 -41.39 -4.61
N ALA C 106 15.82 -40.53 -5.46
CA ALA C 106 15.23 -40.98 -6.75
C ALA C 106 16.30 -41.21 -7.81
N ILE C 107 17.46 -40.60 -7.64
CA ILE C 107 18.57 -40.77 -8.56
C ILE C 107 19.78 -41.26 -7.77
N VAL C 108 20.74 -41.89 -8.44
CA VAL C 108 21.90 -42.44 -7.76
C VAL C 108 23.20 -41.73 -8.09
N PRO C 109 24.19 -41.88 -7.20
CA PRO C 109 25.48 -41.27 -7.44
C PRO C 109 26.15 -41.99 -8.63
N LEU C 110 26.51 -41.21 -9.65
CA LEU C 110 27.12 -41.75 -10.85
C LEU C 110 28.51 -42.28 -10.56
N ASN C 111 29.14 -41.76 -9.52
CA ASN C 111 30.47 -42.20 -9.10
C ASN C 111 30.40 -43.65 -8.57
N ASP C 112 29.18 -44.17 -8.37
CA ASP C 112 29.02 -45.56 -7.91
C ASP C 112 28.69 -46.49 -9.08
N VAL C 113 28.77 -45.98 -10.32
CA VAL C 113 28.49 -46.79 -11.50
C VAL C 113 29.79 -46.90 -12.27
N LYS C 114 30.23 -48.12 -12.50
CA LYS C 114 31.47 -48.33 -13.22
C LYS C 114 31.39 -47.63 -14.58
N GLY C 115 32.47 -46.94 -14.93
CA GLY C 115 32.58 -46.24 -16.19
C GLY C 115 32.62 -44.72 -16.13
N LEU C 116 32.11 -44.12 -15.06
CA LEU C 116 32.07 -42.65 -14.96
C LEU C 116 33.42 -41.99 -15.26
N ASP C 117 34.47 -42.42 -14.56
CA ASP C 117 35.79 -41.83 -14.78
C ASP C 117 36.26 -41.97 -16.22
N ASP C 118 35.91 -43.07 -16.87
CA ASP C 118 36.28 -43.28 -18.26
C ASP C 118 35.60 -42.20 -19.11
N VAL C 119 34.36 -41.86 -18.79
CA VAL C 119 33.64 -40.84 -19.57
C VAL C 119 34.24 -39.45 -19.37
N VAL C 120 34.42 -39.07 -18.12
CA VAL C 120 34.99 -37.76 -17.78
C VAL C 120 36.39 -37.60 -18.39
N LYS C 121 37.16 -38.66 -18.32
CA LYS C 121 38.49 -38.64 -18.85
C LYS C 121 38.54 -38.44 -20.35
N GLU C 122 37.88 -39.32 -21.10
CA GLU C 122 37.93 -39.25 -22.57
C GLU C 122 37.32 -37.95 -23.11
N ARG C 123 36.35 -37.36 -22.41
CA ARG C 123 35.75 -36.14 -22.89
C ARG C 123 36.54 -34.87 -22.51
N ASN C 124 37.56 -35.03 -21.68
CA ASN C 124 38.42 -33.93 -21.24
C ASN C 124 37.53 -32.89 -20.54
N MSE C 125 36.73 -33.35 -19.59
CA MSE C 125 35.82 -32.48 -18.89
C MSE C 125 36.02 -32.52 -17.37
O MSE C 125 35.09 -32.22 -16.64
CB MSE C 125 34.35 -32.91 -19.18
CG MSE C 125 33.93 -34.25 -18.58
SE MSE C 125 32.07 -34.85 -18.91
CE MSE C 125 31.13 -33.37 -18.22
N SER C 126 37.22 -32.87 -16.90
CA SER C 126 37.43 -32.95 -15.47
C SER C 126 37.17 -31.67 -14.69
N GLU C 127 37.51 -30.51 -15.25
CA GLU C 127 37.32 -29.23 -14.54
C GLU C 127 35.81 -28.91 -14.55
N THR C 128 35.17 -29.05 -15.70
CA THR C 128 33.77 -28.81 -15.82
C THR C 128 32.96 -29.71 -14.86
N MSE C 129 33.29 -31.00 -14.83
CA MSE C 129 32.63 -31.97 -13.95
C MSE C 129 32.83 -31.67 -12.46
O MSE C 129 31.90 -31.78 -11.66
CB MSE C 129 33.17 -33.37 -14.25
CG MSE C 129 32.59 -34.49 -13.38
SE MSE C 129 30.63 -34.55 -13.52
CE MSE C 129 30.30 -36.36 -12.87
N ASP C 130 34.04 -31.28 -12.10
CA ASP C 130 34.39 -30.98 -10.71
C ASP C 130 33.52 -29.81 -10.17
N SER C 131 33.17 -28.85 -11.03
CA SER C 131 32.33 -27.70 -10.61
C SER C 131 30.92 -28.18 -10.18
N TRP C 132 30.50 -29.36 -10.62
CA TRP C 132 29.19 -29.88 -10.25
C TRP C 132 29.13 -30.68 -8.96
N LYS C 133 30.29 -31.04 -8.40
CA LYS C 133 30.35 -31.88 -7.20
C LYS C 133 29.37 -31.43 -6.10
N PHE C 134 28.56 -32.38 -5.64
CA PHE C 134 27.55 -32.10 -4.62
C PHE C 134 28.12 -32.07 -3.21
N SER C 135 27.32 -31.56 -2.29
N SER C 135 27.34 -31.56 -2.27
CA SER C 135 27.72 -31.43 -0.89
CA SER C 135 27.76 -31.44 -0.87
C SER C 135 28.16 -32.74 -0.25
C SER C 135 28.19 -32.76 -0.27
N ASP C 136 27.45 -33.83 -0.56
CA ASP C 136 27.79 -35.15 -0.02
C ASP C 136 29.02 -35.78 -0.70
N GLY C 137 29.71 -35.03 -1.56
CA GLY C 137 30.91 -35.56 -2.24
C GLY C 137 30.62 -36.34 -3.52
N ASN C 138 29.35 -36.66 -3.77
CA ASN C 138 28.98 -37.41 -4.97
C ASN C 138 28.69 -36.54 -6.21
N GLN C 139 28.60 -37.21 -7.35
CA GLN C 139 28.29 -36.58 -8.63
C GLN C 139 27.00 -37.23 -9.10
N TYR C 140 25.91 -36.47 -9.17
CA TYR C 140 24.61 -37.03 -9.60
C TYR C 140 24.26 -36.78 -11.04
N VAL C 141 24.99 -35.88 -11.69
CA VAL C 141 24.72 -35.54 -13.08
C VAL C 141 25.95 -35.52 -13.96
N LEU C 142 25.82 -36.04 -15.18
CA LEU C 142 26.90 -35.98 -16.17
C LEU C 142 26.48 -34.82 -17.10
N PRO C 143 27.08 -33.65 -16.94
CA PRO C 143 26.66 -32.51 -17.79
C PRO C 143 26.82 -32.77 -19.29
N VAL C 144 25.76 -32.49 -20.02
CA VAL C 144 25.74 -32.65 -21.47
C VAL C 144 26.23 -31.36 -22.12
N TYR C 145 25.64 -30.24 -21.70
CA TYR C 145 26.02 -28.94 -22.22
C TYR C 145 26.17 -27.92 -21.09
N SER C 146 26.91 -26.87 -21.38
CA SER C 146 27.16 -25.79 -20.42
C SER C 146 27.30 -24.49 -21.20
N ASN C 147 26.31 -23.62 -21.05
CA ASN C 147 26.26 -22.34 -21.77
C ASN C 147 26.59 -21.21 -20.83
N PRO C 148 27.83 -20.72 -20.87
CA PRO C 148 28.18 -19.63 -19.95
C PRO C 148 27.41 -18.37 -20.33
N ILE C 149 27.02 -17.58 -19.33
CA ILE C 149 26.30 -16.32 -19.60
C ILE C 149 27.37 -15.22 -19.67
N LEU C 150 27.55 -14.65 -20.84
CA LEU C 150 28.54 -13.63 -21.02
C LEU C 150 27.86 -12.32 -21.38
N PHE C 151 28.64 -11.28 -21.61
CA PHE C 151 28.08 -9.98 -21.94
C PHE C 151 28.49 -9.47 -23.29
N ALA C 152 27.48 -9.04 -24.04
CA ALA C 152 27.67 -8.46 -25.36
C ALA C 152 27.78 -6.95 -25.15
N TRP C 153 28.65 -6.33 -25.94
CA TRP C 153 28.89 -4.90 -25.91
C TRP C 153 28.81 -4.27 -27.31
N ARG C 154 28.16 -3.11 -27.44
CA ARG C 154 28.08 -2.40 -28.72
C ARG C 154 29.43 -1.72 -28.94
N LEU C 155 30.21 -2.30 -29.83
CA LEU C 155 31.55 -1.83 -30.12
C LEU C 155 31.48 -0.51 -30.94
N ASP C 156 30.48 -0.37 -31.80
CA ASP C 156 30.30 0.84 -32.59
C ASP C 156 30.06 2.04 -31.68
N THR C 157 29.18 1.87 -30.67
CA THR C 157 28.91 2.96 -29.76
C THR C 157 30.13 3.23 -28.88
N LEU C 158 30.83 2.17 -28.46
CA LEU C 158 32.03 2.37 -27.63
C LEU C 158 33.07 3.20 -28.38
N LYS C 159 33.23 2.97 -29.69
N LYS C 159 33.23 2.97 -29.69
CA LYS C 159 34.20 3.72 -30.49
CA LYS C 159 34.21 3.73 -30.46
C LYS C 159 33.85 5.20 -30.55
C LYS C 159 33.85 5.22 -30.51
N GLU C 160 32.57 5.52 -30.67
CA GLU C 160 32.12 6.92 -30.72
C GLU C 160 32.49 7.64 -29.42
N LEU C 161 32.63 6.88 -28.33
CA LEU C 161 33.00 7.48 -27.04
C LEU C 161 34.51 7.42 -26.81
N GLY C 162 35.25 7.07 -27.85
CA GLY C 162 36.71 7.00 -27.77
C GLY C 162 37.32 5.71 -27.18
N TYR C 163 36.57 4.61 -27.14
CA TYR C 163 37.10 3.34 -26.61
C TYR C 163 37.18 2.27 -27.67
N ASP C 164 38.31 1.58 -27.76
CA ASP C 164 38.51 0.50 -28.72
C ASP C 164 38.07 -0.87 -28.19
N ALA C 165 37.62 -0.94 -26.94
CA ALA C 165 37.23 -2.21 -26.38
C ALA C 165 36.36 -1.98 -25.17
N PRO C 166 35.60 -2.99 -24.75
CA PRO C 166 34.73 -2.81 -23.60
C PRO C 166 35.51 -2.60 -22.30
N PRO C 167 34.91 -1.90 -21.33
CA PRO C 167 35.62 -1.76 -20.07
C PRO C 167 35.61 -3.12 -19.32
N LYS C 168 36.61 -3.36 -18.48
CA LYS C 168 36.72 -4.60 -17.75
C LYS C 168 36.32 -4.52 -16.28
N THR C 169 36.50 -3.35 -15.67
CA THR C 169 36.19 -3.17 -14.25
C THR C 169 35.01 -2.25 -13.94
N TYR C 170 34.56 -2.29 -12.69
CA TYR C 170 33.43 -1.43 -12.30
C TYR C 170 33.72 0.06 -12.55
N SER C 171 34.85 0.54 -12.07
CA SER C 171 35.21 1.97 -12.27
C SER C 171 35.30 2.35 -13.75
N GLU C 172 35.90 1.49 -14.56
CA GLU C 172 36.00 1.77 -15.97
C GLU C 172 34.60 1.87 -16.58
N ALA C 173 33.70 0.99 -16.14
CA ALA C 173 32.33 0.96 -16.66
C ALA C 173 31.57 2.23 -16.26
N LEU C 174 31.75 2.70 -15.03
CA LEU C 174 31.09 3.93 -14.62
C LEU C 174 31.58 5.10 -15.46
N GLU C 175 32.89 5.09 -15.77
N GLU C 175 32.88 5.14 -15.77
CA GLU C 175 33.48 6.14 -16.60
CA GLU C 175 33.36 6.26 -16.58
C GLU C 175 32.88 6.11 -17.99
C GLU C 175 32.83 6.13 -18.02
N VAL C 176 32.78 4.91 -18.57
CA VAL C 176 32.22 4.76 -19.91
C VAL C 176 30.77 5.27 -19.86
N GLY C 177 30.04 4.89 -18.80
CA GLY C 177 28.64 5.29 -18.63
C GLY C 177 28.45 6.79 -18.62
N LYS C 178 29.30 7.50 -17.88
CA LYS C 178 29.21 8.95 -17.83
C LYS C 178 29.45 9.54 -19.20
N LYS C 179 30.42 8.99 -19.93
CA LYS C 179 30.65 9.49 -21.27
C LYS C 179 29.45 9.21 -22.17
N LEU C 180 28.85 8.03 -22.00
CA LEU C 180 27.67 7.63 -22.77
C LEU C 180 26.55 8.65 -22.59
N LYS C 181 26.21 8.91 -21.33
CA LYS C 181 25.14 9.84 -21.00
C LYS C 181 25.41 11.23 -21.50
N ALA C 182 26.66 11.68 -21.42
CA ALA C 182 26.99 13.05 -21.89
C ALA C 182 26.75 13.22 -23.39
N LYS C 183 27.01 12.20 -24.17
CA LYS C 183 26.82 12.30 -25.63
C LYS C 183 25.41 11.88 -26.02
N TYR C 184 24.84 10.88 -25.35
CA TYR C 184 23.49 10.37 -25.63
C TYR C 184 22.67 10.24 -24.37
N PRO C 185 21.99 11.31 -23.96
CA PRO C 185 21.18 11.30 -22.72
C PRO C 185 20.13 10.20 -22.63
N ASP C 186 19.63 9.72 -23.77
CA ASP C 186 18.62 8.67 -23.75
C ASP C 186 19.18 7.23 -23.80
N LYS C 187 20.49 7.05 -23.93
CA LYS C 187 21.04 5.69 -23.94
C LYS C 187 21.42 5.31 -22.52
N VAL C 188 21.52 4.00 -22.26
CA VAL C 188 21.89 3.49 -20.95
C VAL C 188 22.91 2.35 -21.09
N LEU C 189 23.47 1.90 -19.98
CA LEU C 189 24.40 0.79 -20.01
C LEU C 189 23.70 -0.57 -20.15
N TRP C 190 22.72 -0.82 -19.28
CA TRP C 190 22.04 -2.10 -19.26
C TRP C 190 20.53 -1.86 -19.22
N ALA C 191 19.79 -2.40 -20.19
CA ALA C 191 18.33 -2.26 -20.23
C ALA C 191 17.70 -3.64 -20.22
N LYS C 192 16.96 -3.92 -19.16
CA LYS C 192 16.32 -5.21 -19.02
C LYS C 192 15.24 -5.12 -17.94
N GLY C 193 13.99 -5.40 -18.30
CA GLY C 193 12.88 -5.36 -17.36
C GLY C 193 13.06 -6.36 -16.22
N ASP C 194 13.72 -7.49 -16.50
CA ASP C 194 13.94 -8.52 -15.48
C ASP C 194 14.78 -8.05 -14.29
N LEU C 195 15.59 -7.00 -14.47
CA LEU C 195 16.42 -6.47 -13.40
C LEU C 195 15.65 -6.15 -12.12
N SER C 196 14.41 -5.67 -12.25
CA SER C 196 13.61 -5.31 -11.08
C SER C 196 12.54 -6.35 -10.71
N ASP C 197 12.47 -7.45 -11.45
CA ASP C 197 11.50 -8.53 -11.23
C ASP C 197 12.13 -9.61 -10.30
N PRO C 198 11.42 -10.02 -9.21
CA PRO C 198 11.97 -11.01 -8.26
C PRO C 198 11.94 -12.50 -8.68
N THR C 199 11.33 -12.83 -9.81
CA THR C 199 11.27 -14.23 -10.23
C THR C 199 12.67 -14.86 -10.08
N ALA C 200 12.72 -15.98 -9.37
CA ALA C 200 13.97 -16.67 -9.04
C ALA C 200 14.94 -16.96 -10.18
N TRP C 201 14.47 -17.55 -11.28
CA TRP C 201 15.39 -17.91 -12.37
C TRP C 201 16.07 -16.69 -13.04
N MSE C 202 15.47 -15.51 -12.92
CA MSE C 202 16.05 -14.32 -13.54
C MSE C 202 17.40 -13.89 -12.94
O MSE C 202 18.16 -13.20 -13.58
CB MSE C 202 15.05 -13.17 -13.53
CG MSE C 202 13.82 -13.46 -14.36
SE MSE C 202 12.51 -12.04 -14.30
CE MSE C 202 11.21 -12.82 -15.54
N ARG C 203 17.67 -14.30 -11.70
CA ARG C 203 18.95 -13.97 -11.09
C ARG C 203 20.10 -14.67 -11.80
N TRP C 204 19.83 -15.78 -12.48
CA TRP C 204 20.88 -16.49 -13.20
C TRP C 204 21.41 -15.67 -14.38
N PHE C 205 20.69 -14.61 -14.76
CA PHE C 205 21.07 -13.78 -15.90
C PHE C 205 21.48 -12.36 -15.55
N ASP C 206 21.61 -12.07 -14.26
CA ASP C 206 22.06 -10.75 -13.83
C ASP C 206 22.97 -10.86 -12.62
N PHE C 207 22.41 -11.24 -11.49
CA PHE C 207 23.17 -11.35 -10.26
C PHE C 207 24.29 -12.38 -10.29
N PHE C 208 23.95 -13.61 -10.63
CA PHE C 208 24.94 -14.67 -10.64
C PHE C 208 26.13 -14.46 -11.54
N PRO C 209 25.91 -14.06 -12.79
CA PRO C 209 27.12 -13.88 -13.59
C PRO C 209 28.09 -12.89 -12.94
N LEU C 210 27.56 -11.75 -12.45
CA LEU C 210 28.40 -10.73 -11.81
C LEU C 210 28.97 -11.17 -10.44
N TYR C 211 28.15 -11.82 -9.61
CA TYR C 211 28.60 -12.30 -8.31
C TYR C 211 29.64 -13.42 -8.50
N ASP C 212 29.37 -14.35 -9.42
CA ASP C 212 30.35 -15.40 -9.71
C ASP C 212 31.72 -14.81 -10.14
N ALA C 213 31.70 -13.79 -10.99
CA ALA C 213 32.95 -13.16 -11.46
C ALA C 213 33.66 -12.46 -10.29
N ALA C 214 32.90 -11.70 -9.52
CA ALA C 214 33.45 -10.95 -8.40
C ALA C 214 34.00 -11.81 -7.24
N SER C 215 33.43 -12.98 -7.01
CA SER C 215 33.83 -13.83 -5.90
C SER C 215 34.64 -15.05 -6.27
N LYS C 216 35.13 -15.09 -7.51
CA LYS C 216 35.90 -16.22 -8.02
C LYS C 216 35.13 -17.52 -7.87
N GLY C 217 33.87 -17.49 -8.23
CA GLY C 217 33.06 -18.68 -8.18
C GLY C 217 32.55 -19.17 -6.85
N ASN C 218 32.28 -18.26 -5.91
CA ASN C 218 31.73 -18.66 -4.62
C ASN C 218 30.32 -19.26 -4.85
N ALA C 219 30.03 -20.36 -4.15
CA ALA C 219 28.76 -21.09 -4.30
C ALA C 219 27.49 -20.40 -3.78
N PHE C 220 27.69 -19.35 -2.98
CA PHE C 220 26.61 -18.55 -2.36
C PHE C 220 25.99 -19.36 -1.21
N VAL C 221 25.45 -20.52 -1.54
CA VAL C 221 24.92 -21.46 -0.54
C VAL C 221 25.56 -22.81 -0.83
N GLU C 222 26.14 -23.44 0.19
CA GLU C 222 26.77 -24.74 0.05
C GLU C 222 26.51 -25.57 1.31
N ASP C 223 26.23 -26.85 1.11
CA ASP C 223 25.94 -27.76 2.23
C ASP C 223 24.88 -27.14 3.16
N GLY C 224 23.85 -26.54 2.58
CA GLY C 224 22.77 -25.91 3.34
C GLY C 224 23.11 -24.68 4.17
N LYS C 225 24.30 -24.12 3.97
CA LYS C 225 24.75 -22.93 4.71
C LYS C 225 25.06 -21.76 3.79
N LEU C 226 24.86 -20.55 4.30
CA LEU C 226 25.14 -19.36 3.55
C LEU C 226 26.66 -19.19 3.62
N VAL C 227 27.33 -19.26 2.47
CA VAL C 227 28.79 -19.12 2.42
C VAL C 227 29.16 -17.94 1.54
N ALA C 228 28.19 -17.08 1.27
CA ALA C 228 28.37 -15.92 0.43
C ALA C 228 29.57 -15.07 0.84
N ASP C 229 30.19 -14.45 -0.15
CA ASP C 229 31.33 -13.57 0.02
C ASP C 229 30.78 -12.18 0.26
N ASP C 230 30.80 -11.74 1.51
CA ASP C 230 30.30 -10.42 1.89
C ASP C 230 30.94 -9.22 1.16
N LYS C 231 32.26 -9.27 0.99
CA LYS C 231 32.99 -8.22 0.32
C LYS C 231 32.58 -8.10 -1.14
N ALA C 232 32.56 -9.23 -1.85
CA ALA C 232 32.17 -9.25 -3.26
C ALA C 232 30.72 -8.83 -3.46
N GLY C 233 29.81 -9.32 -2.64
CA GLY C 233 28.40 -8.98 -2.78
C GLY C 233 28.11 -7.50 -2.54
N THR C 234 28.67 -6.96 -1.47
CA THR C 234 28.45 -5.56 -1.14
C THR C 234 29.09 -4.69 -2.22
N GLU C 235 30.26 -5.06 -2.73
CA GLU C 235 30.89 -4.26 -3.80
C GLU C 235 30.05 -4.30 -5.09
N LEU C 236 29.47 -5.46 -5.39
CA LEU C 236 28.62 -5.56 -6.57
C LEU C 236 27.39 -4.66 -6.39
N LEU C 237 26.74 -4.74 -5.23
CA LEU C 237 25.57 -3.87 -5.02
C LEU C 237 25.94 -2.38 -5.08
N THR C 238 27.13 -2.03 -4.57
CA THR C 238 27.59 -0.64 -4.59
C THR C 238 27.70 -0.19 -6.05
N PHE C 239 28.28 -1.05 -6.90
CA PHE C 239 28.40 -0.76 -8.32
C PHE C 239 27.02 -0.56 -8.97
N MSE C 240 26.11 -1.48 -8.71
CA MSE C 240 24.77 -1.38 -9.27
C MSE C 240 24.07 -0.12 -8.79
O MSE C 240 23.29 0.49 -9.53
CB MSE C 240 23.91 -2.61 -8.92
CG MSE C 240 24.42 -3.89 -9.54
SE MSE C 240 24.43 -3.93 -11.50
CE MSE C 240 22.53 -3.76 -11.84
N SER C 241 24.33 0.30 -7.56
N SER C 241 24.34 0.28 -7.55
CA SER C 241 23.70 1.51 -7.02
CA SER C 241 23.75 1.48 -6.99
C SER C 241 24.24 2.72 -7.78
C SER C 241 24.25 2.72 -7.74
N GLU C 242 25.52 2.69 -8.14
CA GLU C 242 26.12 3.80 -8.87
C GLU C 242 25.50 3.88 -10.28
N LEU C 243 25.26 2.74 -10.92
CA LEU C 243 24.63 2.75 -12.23
C LEU C 243 23.24 3.36 -12.09
N GLN C 244 22.54 2.94 -11.05
CA GLN C 244 21.19 3.44 -10.81
C GLN C 244 21.19 4.95 -10.62
N LYS C 245 22.07 5.46 -9.76
CA LYS C 245 22.18 6.90 -9.50
C LYS C 245 22.51 7.72 -10.75
N ASN C 246 23.34 7.17 -11.63
N ASN C 246 23.33 7.16 -11.63
CA ASN C 246 23.76 7.87 -12.84
CA ASN C 246 23.76 7.84 -12.85
C ASN C 246 22.90 7.63 -14.08
C ASN C 246 22.92 7.59 -14.08
N LYS C 247 21.68 7.11 -13.87
CA LYS C 247 20.75 6.82 -14.95
C LYS C 247 21.33 5.93 -16.04
N LEU C 248 22.00 4.87 -15.61
CA LEU C 248 22.64 3.91 -16.50
C LEU C 248 21.88 2.57 -16.61
N LEU C 249 20.81 2.43 -15.84
CA LEU C 249 20.00 1.24 -15.88
C LEU C 249 18.59 1.55 -16.35
N LEU C 250 18.01 0.65 -17.12
CA LEU C 250 16.64 0.81 -17.57
C LEU C 250 15.99 -0.54 -17.25
N ALA C 251 15.10 -0.51 -16.27
CA ALA C 251 14.41 -1.70 -15.85
C ALA C 251 12.96 -1.54 -16.21
N SER C 252 12.69 -1.41 -17.50
CA SER C 252 11.33 -1.26 -18.00
C SER C 252 11.09 -2.10 -19.24
N LYS C 253 9.88 -1.93 -19.76
CA LYS C 253 9.45 -2.58 -20.96
C LYS C 253 10.36 -1.97 -22.02
N ALA C 254 11.03 -2.79 -22.79
CA ALA C 254 11.91 -2.28 -23.84
C ALA C 254 12.14 -3.41 -24.82
N THR C 255 11.76 -3.17 -26.07
CA THR C 255 11.93 -4.15 -27.13
C THR C 255 13.34 -4.09 -27.67
N ASP C 256 14.07 -5.20 -27.58
CA ASP C 256 15.45 -5.29 -28.11
C ASP C 256 16.30 -4.02 -27.95
N PRO C 257 16.52 -3.57 -26.70
CA PRO C 257 17.30 -2.37 -26.47
C PRO C 257 18.75 -2.45 -26.94
N PHE C 258 19.41 -3.59 -26.77
CA PHE C 258 20.80 -3.71 -27.20
C PHE C 258 20.94 -3.64 -28.73
N GLU C 259 20.06 -4.36 -29.43
CA GLU C 259 20.08 -4.40 -30.89
C GLU C 259 19.60 -3.11 -31.56
N THR C 260 18.65 -2.43 -30.94
CA THR C 260 18.09 -1.22 -31.55
C THR C 260 18.61 0.13 -31.09
N GLY C 261 19.68 0.18 -30.29
CA GLY C 261 20.25 1.48 -29.87
C GLY C 261 19.97 2.08 -28.50
N THR C 262 19.24 1.38 -27.63
CA THR C 262 18.96 1.95 -26.31
C THR C 262 20.05 1.68 -25.28
N SER C 263 20.62 0.47 -25.28
CA SER C 263 21.66 0.09 -24.32
C SER C 263 22.95 -0.36 -25.02
N ILE C 264 24.08 -0.41 -24.29
CA ILE C 264 25.34 -0.81 -24.92
C ILE C 264 25.95 -2.10 -24.38
N MSE C 265 25.32 -2.70 -23.39
CA MSE C 265 25.79 -3.94 -22.79
C MSE C 265 24.56 -4.81 -22.52
O MSE C 265 23.53 -4.30 -22.11
CB MSE C 265 26.49 -3.66 -21.46
CG MSE C 265 27.14 -4.86 -20.79
SE MSE C 265 27.62 -4.53 -18.89
CE MSE C 265 25.84 -4.59 -18.12
N ALA C 266 24.68 -6.11 -22.73
CA ALA C 266 23.57 -7.03 -22.48
C ALA C 266 24.09 -8.43 -22.13
N ASP C 267 23.41 -9.11 -21.19
CA ASP C 267 23.77 -10.48 -20.80
C ASP C 267 23.32 -11.26 -22.00
N ASN C 268 24.09 -12.25 -22.40
CA ASN C 268 23.80 -12.97 -23.60
C ASN C 268 24.26 -14.43 -23.52
N GLY C 269 23.40 -15.35 -23.96
CA GLY C 269 23.71 -16.78 -24.01
C GLY C 269 23.91 -17.14 -25.48
N PRO C 270 24.45 -18.34 -25.79
CA PRO C 270 24.67 -18.75 -27.20
C PRO C 270 23.39 -18.82 -28.05
N TRP C 271 22.23 -18.94 -27.42
CA TRP C 271 20.95 -19.03 -28.15
C TRP C 271 20.53 -17.74 -28.88
N THR C 272 21.13 -16.61 -28.56
CA THR C 272 20.76 -15.34 -29.21
C THR C 272 21.24 -15.21 -30.67
N PHE C 273 22.37 -15.81 -31.00
CA PHE C 273 22.91 -15.67 -32.36
C PHE C 273 22.00 -16.13 -33.51
N PRO C 274 21.34 -17.29 -33.40
CA PRO C 274 20.45 -17.63 -34.51
C PRO C 274 19.37 -16.56 -34.66
N ASN C 275 18.88 -16.02 -33.54
N ASN C 275 18.88 -16.03 -33.54
CA ASN C 275 17.87 -14.96 -33.58
CA ASN C 275 17.87 -14.98 -33.57
C ASN C 275 18.43 -13.72 -34.28
C ASN C 275 18.42 -13.72 -34.24
N TRP C 276 19.65 -13.34 -33.94
CA TRP C 276 20.25 -12.17 -34.59
C TRP C 276 20.49 -12.45 -36.08
N ASP C 277 20.93 -13.67 -36.42
CA ASP C 277 21.15 -13.99 -37.82
C ASP C 277 19.87 -13.67 -38.61
N GLU C 278 18.71 -14.04 -38.04
CA GLU C 278 17.38 -13.80 -38.63
C GLU C 278 16.93 -12.33 -38.67
N LYS C 279 16.79 -11.76 -37.49
CA LYS C 279 16.30 -10.40 -37.31
C LYS C 279 17.29 -9.24 -37.37
N PHE C 280 18.54 -9.43 -36.92
CA PHE C 280 19.53 -8.34 -36.96
C PHE C 280 20.81 -8.78 -37.68
N PRO C 281 20.69 -9.02 -39.00
CA PRO C 281 21.82 -9.46 -39.79
C PRO C 281 23.00 -8.50 -39.74
N GLU C 282 22.75 -7.23 -39.45
CA GLU C 282 23.83 -6.25 -39.38
C GLU C 282 24.79 -6.44 -38.19
N LEU C 283 24.38 -7.18 -37.17
CA LEU C 283 25.29 -7.38 -36.03
C LEU C 283 26.37 -8.42 -36.38
N LYS C 284 27.61 -8.00 -36.42
CA LYS C 284 28.72 -8.90 -36.76
C LYS C 284 29.82 -8.86 -35.72
N TYR C 285 30.22 -10.06 -35.29
CA TYR C 285 31.25 -10.24 -34.25
C TYR C 285 32.54 -9.47 -34.52
N ASN C 286 33.04 -8.79 -33.49
CA ASN C 286 34.25 -7.95 -33.56
C ASN C 286 34.23 -6.81 -34.58
N GLU C 287 33.03 -6.48 -35.08
CA GLU C 287 32.88 -5.35 -35.98
C GLU C 287 32.04 -4.36 -35.17
N ASN C 288 30.77 -4.67 -34.95
CA ASN C 288 29.92 -3.78 -34.16
C ASN C 288 29.49 -4.38 -32.80
N TYR C 289 29.92 -5.62 -32.49
CA TYR C 289 29.62 -6.19 -31.17
C TYR C 289 30.80 -7.04 -30.69
N ALA C 290 31.01 -7.02 -29.38
CA ALA C 290 32.05 -7.81 -28.73
C ALA C 290 31.41 -8.70 -27.66
N ILE C 291 32.07 -9.81 -27.28
CA ILE C 291 31.53 -10.71 -26.25
C ILE C 291 32.61 -10.86 -25.19
N THR C 292 32.30 -10.55 -23.94
CA THR C 292 33.30 -10.63 -22.87
C THR C 292 32.75 -11.21 -21.57
N ALA C 293 33.67 -11.48 -20.64
CA ALA C 293 33.34 -11.97 -19.31
C ALA C 293 32.65 -10.85 -18.57
N PRO C 294 31.93 -11.17 -17.50
CA PRO C 294 31.31 -10.07 -16.77
C PRO C 294 32.34 -9.10 -16.18
N LEU C 295 31.89 -7.88 -15.91
CA LEU C 295 32.71 -6.86 -15.26
C LEU C 295 33.11 -7.34 -13.89
N VAL C 296 34.29 -6.91 -13.43
CA VAL C 296 34.80 -7.28 -12.10
C VAL C 296 35.22 -6.06 -11.29
N PRO C 297 35.32 -6.21 -9.97
CA PRO C 297 35.78 -5.11 -9.14
C PRO C 297 37.15 -4.66 -9.58
N ASP C 298 37.47 -3.40 -9.32
CA ASP C 298 38.77 -2.82 -9.70
C ASP C 298 39.96 -3.66 -9.22
N SER C 299 39.93 -4.14 -7.99
CA SER C 299 41.03 -4.94 -7.44
C SER C 299 41.26 -6.29 -8.08
N MSE C 300 40.44 -6.65 -9.05
CA MSE C 300 40.59 -7.95 -9.70
C MSE C 300 40.83 -7.83 -11.17
O MSE C 300 40.70 -8.81 -11.88
CB MSE C 300 39.33 -8.80 -9.46
CG MSE C 300 39.20 -9.22 -8.01
SE MSE C 300 37.49 -10.12 -7.72
CE MSE C 300 37.58 -11.37 -9.18
N VAL C 301 41.27 -6.65 -11.61
CA VAL C 301 41.54 -6.40 -13.00
C VAL C 301 42.59 -7.37 -13.55
N ASN C 302 43.51 -7.84 -12.70
CA ASN C 302 44.56 -8.76 -13.14
C ASN C 302 44.14 -10.25 -13.11
N GLU C 303 42.96 -10.54 -12.55
CA GLU C 303 42.50 -11.93 -12.52
C GLU C 303 42.28 -12.41 -13.92
N GLU C 304 42.77 -13.60 -14.23
CA GLU C 304 42.62 -14.17 -15.55
C GLU C 304 41.54 -15.23 -15.44
N ASN C 305 40.94 -15.61 -16.56
CA ASN C 305 39.92 -16.65 -16.60
C ASN C 305 38.78 -16.40 -15.61
N VAL C 306 38.08 -15.29 -15.82
CA VAL C 306 36.98 -14.88 -14.97
C VAL C 306 35.77 -15.84 -15.00
N ALA C 307 35.23 -16.12 -13.81
CA ALA C 307 34.11 -17.01 -13.71
C ALA C 307 32.76 -16.34 -14.06
N THR C 308 31.78 -17.18 -14.38
CA THR C 308 30.46 -16.70 -14.65
C THR C 308 29.51 -17.84 -14.37
N TYR C 309 28.23 -17.57 -14.50
CA TYR C 309 27.23 -18.58 -14.31
C TYR C 309 27.05 -19.36 -15.60
N ALA C 310 26.84 -20.66 -15.49
CA ALA C 310 26.61 -21.46 -16.69
C ALA C 310 25.24 -22.09 -16.61
N ASP C 311 24.46 -21.90 -17.68
CA ASP C 311 23.17 -22.53 -17.84
C ASP C 311 23.57 -23.93 -18.34
N SER C 312 23.43 -24.93 -17.47
CA SER C 312 23.87 -26.27 -17.80
C SER C 312 22.94 -27.37 -17.32
N LYS C 313 22.81 -28.40 -18.14
CA LYS C 313 21.96 -29.54 -17.81
C LYS C 313 22.61 -30.82 -18.22
N GLY C 314 22.20 -31.90 -17.59
CA GLY C 314 22.75 -33.20 -17.95
C GLY C 314 21.93 -34.42 -17.62
N VAL C 315 22.66 -35.53 -17.64
CA VAL C 315 22.14 -36.86 -17.42
C VAL C 315 22.16 -37.37 -16.00
N VAL C 316 21.07 -38.00 -15.58
CA VAL C 316 20.99 -38.62 -14.25
C VAL C 316 20.54 -40.05 -14.48
N MSE C 317 20.80 -40.93 -13.51
CA MSE C 317 20.34 -42.32 -13.62
C MSE C 317 19.42 -42.56 -12.42
O MSE C 317 19.76 -42.20 -11.28
CB MSE C 317 21.47 -43.31 -13.66
CG MSE C 317 22.33 -43.13 -14.91
SE MSE C 317 23.55 -44.59 -15.18
CE MSE C 317 24.59 -43.79 -16.67
N TYR C 318 18.26 -43.17 -12.68
CA TYR C 318 17.26 -43.42 -11.64
C TYR C 318 17.53 -44.66 -10.77
N ALA C 319 17.20 -44.55 -9.49
CA ALA C 319 17.44 -45.60 -8.51
C ALA C 319 16.69 -46.92 -8.84
N GLN C 320 15.65 -46.78 -9.64
CA GLN C 320 14.82 -47.89 -10.07
C GLN C 320 15.52 -48.86 -11.05
N ALA C 321 16.48 -48.37 -11.81
CA ALA C 321 17.17 -49.22 -12.77
C ALA C 321 18.02 -50.26 -12.03
N THR C 322 18.23 -51.40 -12.67
CA THR C 322 19.06 -52.45 -12.11
C THR C 322 20.50 -52.01 -12.33
N ASP C 323 21.42 -52.67 -11.64
CA ASP C 323 22.82 -52.30 -11.80
C ASP C 323 23.39 -52.63 -13.19
N LYS C 324 22.91 -53.70 -13.84
CA LYS C 324 23.45 -53.99 -15.17
C LYS C 324 22.89 -52.97 -16.19
N GLU C 325 21.70 -52.46 -15.94
CA GLU C 325 21.08 -51.46 -16.81
C GLU C 325 21.86 -50.14 -16.67
N LYS C 326 22.28 -49.82 -15.46
CA LYS C 326 23.04 -48.61 -15.23
C LYS C 326 24.42 -48.72 -15.87
N GLU C 327 25.05 -49.89 -15.77
CA GLU C 327 26.37 -50.07 -16.38
C GLU C 327 26.25 -50.01 -17.90
N ALA C 328 25.13 -50.46 -18.44
CA ALA C 328 24.90 -50.43 -19.88
C ALA C 328 24.72 -48.98 -20.32
N ALA C 329 23.95 -48.22 -19.53
CA ALA C 329 23.70 -46.82 -19.78
C ALA C 329 25.01 -46.05 -19.81
N MSE C 330 25.90 -46.35 -18.85
CA MSE C 330 27.18 -45.67 -18.76
C MSE C 330 28.10 -46.07 -19.91
O MSE C 330 28.89 -45.25 -20.40
CB MSE C 330 27.84 -45.95 -17.41
CG MSE C 330 29.06 -45.09 -17.15
SE MSE C 330 28.66 -43.19 -16.88
CE MSE C 330 27.74 -43.29 -15.14
N ASP C 331 28.01 -47.31 -20.35
CA ASP C 331 28.84 -47.79 -21.45
C ASP C 331 28.43 -47.07 -22.75
N PHE C 332 27.14 -46.76 -22.84
CA PHE C 332 26.60 -46.02 -23.97
C PHE C 332 27.20 -44.61 -23.97
N LEU C 333 27.27 -43.99 -22.80
CA LEU C 333 27.85 -42.66 -22.69
C LEU C 333 29.32 -42.72 -23.03
N LYS C 334 30.00 -43.79 -22.61
N LYS C 334 30.00 -43.80 -22.64
CA LYS C 334 31.40 -43.95 -22.93
CA LYS C 334 31.44 -43.95 -22.95
C LYS C 334 31.53 -43.93 -24.44
C LYS C 334 31.67 -44.10 -24.44
N PHE C 335 30.72 -44.72 -25.12
CA PHE C 335 30.76 -44.85 -26.56
C PHE C 335 30.57 -43.47 -27.20
N VAL C 336 29.53 -42.76 -26.78
CA VAL C 336 29.26 -41.44 -27.33
C VAL C 336 30.42 -40.44 -27.20
N TYR C 337 31.00 -40.34 -26.01
CA TYR C 337 32.10 -39.38 -25.82
C TYR C 337 33.47 -39.90 -26.18
N ASN C 338 33.52 -41.05 -26.84
CA ASN C 338 34.79 -41.63 -27.25
C ASN C 338 35.28 -40.99 -28.56
N ASP C 339 34.40 -40.23 -29.26
CA ASP C 339 34.78 -39.56 -30.51
C ASP C 339 34.39 -38.10 -30.34
N ASP C 340 35.38 -37.22 -30.42
CA ASP C 340 35.18 -35.78 -30.30
C ASP C 340 34.20 -35.24 -31.34
N LYS C 341 34.13 -35.89 -32.50
CA LYS C 341 33.20 -35.49 -33.56
C LYS C 341 31.71 -35.55 -33.15
N ASN C 342 31.40 -36.35 -32.13
CA ASN C 342 30.02 -36.46 -31.61
C ASN C 342 29.65 -35.16 -30.87
N ASP C 343 30.58 -34.60 -30.09
CA ASP C 343 30.32 -33.30 -29.43
C ASP C 343 30.25 -32.18 -30.49
N LEU C 344 31.06 -32.29 -31.54
CA LEU C 344 30.99 -31.28 -32.61
C LEU C 344 29.59 -31.34 -33.22
N LYS C 345 29.12 -32.56 -33.49
CA LYS C 345 27.79 -32.75 -34.05
C LYS C 345 26.71 -32.17 -33.09
N PHE C 346 26.84 -32.40 -31.80
CA PHE C 346 25.85 -31.86 -30.84
C PHE C 346 25.81 -30.33 -30.91
N LEU C 347 26.99 -29.73 -30.96
CA LEU C 347 27.10 -28.29 -31.03
C LEU C 347 26.49 -27.69 -32.29
N GLU C 348 26.82 -28.26 -33.44
CA GLU C 348 26.30 -27.70 -34.67
C GLU C 348 24.84 -27.95 -34.96
N THR C 349 24.26 -28.97 -34.35
CA THR C 349 22.86 -29.22 -34.59
C THR C 349 21.92 -28.64 -33.51
N THR C 350 22.37 -28.51 -32.26
CA THR C 350 21.52 -27.98 -31.19
C THR C 350 21.86 -26.55 -30.74
N ASN C 351 23.05 -26.09 -31.12
CA ASN C 351 23.60 -24.79 -30.77
C ASN C 351 23.83 -24.66 -29.25
N LEU C 352 23.98 -25.78 -28.55
CA LEU C 352 24.26 -25.83 -27.11
C LEU C 352 25.76 -26.15 -27.00
N ILE C 353 26.48 -25.45 -26.13
CA ILE C 353 27.93 -25.63 -25.95
C ILE C 353 28.24 -26.90 -25.13
N PRO C 354 29.05 -27.80 -25.69
CA PRO C 354 29.42 -29.04 -25.01
C PRO C 354 30.09 -28.79 -23.67
N ALA C 355 29.76 -29.62 -22.68
CA ALA C 355 30.32 -29.45 -21.35
C ALA C 355 31.68 -30.14 -21.27
N ARG C 356 32.69 -29.48 -21.84
CA ARG C 356 34.06 -29.99 -21.87
C ARG C 356 35.02 -28.80 -21.73
N ASP C 357 36.23 -29.10 -21.26
CA ASP C 357 37.26 -28.13 -20.97
C ASP C 357 38.13 -27.61 -22.12
N ASP C 358 38.18 -28.32 -23.25
CA ASP C 358 39.13 -27.97 -24.33
C ASP C 358 38.64 -27.74 -25.75
N ALA C 359 37.38 -27.41 -25.94
CA ALA C 359 36.87 -27.29 -27.29
C ALA C 359 37.59 -26.27 -28.17
N THR C 360 38.10 -25.19 -27.60
CA THR C 360 38.74 -24.19 -28.45
C THR C 360 40.16 -24.55 -28.86
N GLU C 361 40.76 -25.56 -28.22
CA GLU C 361 42.11 -25.96 -28.60
C GLU C 361 42.15 -27.31 -29.36
N ASN C 362 41.05 -28.03 -29.30
CA ASN C 362 40.90 -29.35 -29.90
C ASN C 362 40.71 -29.24 -31.44
N GLU C 363 41.62 -29.87 -32.18
CA GLU C 363 41.60 -29.85 -33.64
C GLU C 363 40.24 -30.17 -34.24
N THR C 364 39.49 -31.04 -33.58
CA THR C 364 38.17 -31.42 -34.06
C THR C 364 37.22 -30.22 -34.26
N PHE C 365 37.36 -29.19 -33.42
CA PHE C 365 36.48 -28.02 -33.46
C PHE C 365 37.04 -26.75 -34.11
N THR C 366 38.29 -26.79 -34.59
CA THR C 366 38.92 -25.61 -35.18
C THR C 366 38.16 -24.95 -36.33
N ALA C 367 37.80 -25.73 -37.34
CA ALA C 367 37.09 -25.21 -38.48
C ALA C 367 35.75 -24.62 -38.07
N PHE C 368 35.03 -25.29 -37.18
CA PHE C 368 33.74 -24.76 -36.73
C PHE C 368 33.89 -23.38 -36.06
N PHE C 369 34.84 -23.26 -35.14
CA PHE C 369 35.04 -21.99 -34.45
C PHE C 369 35.57 -20.90 -35.36
N LYS C 370 36.25 -21.27 -36.44
CA LYS C 370 36.70 -20.24 -37.38
C LYS C 370 35.49 -19.59 -38.02
N GLU C 371 34.45 -20.37 -38.31
CA GLU C 371 33.22 -19.84 -38.92
C GLU C 371 32.25 -19.25 -37.90
N ASN C 372 32.40 -19.64 -36.63
CA ASN C 372 31.53 -19.17 -35.55
C ASN C 372 32.43 -18.60 -34.43
N PRO C 373 33.13 -17.50 -34.73
CA PRO C 373 34.05 -16.95 -33.73
C PRO C 373 33.36 -16.52 -32.44
N GLU C 374 32.11 -16.11 -32.54
CA GLU C 374 31.38 -15.69 -31.35
C GLU C 374 31.15 -16.85 -30.38
N LEU C 375 30.99 -18.05 -30.92
CA LEU C 375 30.75 -19.20 -30.07
C LEU C 375 32.04 -19.66 -29.40
N GLU C 376 33.18 -19.29 -29.97
CA GLU C 376 34.45 -19.71 -29.39
C GLU C 376 34.66 -19.11 -28.02
N VAL C 377 34.21 -17.88 -27.81
N VAL C 377 34.22 -17.88 -27.79
CA VAL C 377 34.35 -17.21 -26.52
CA VAL C 377 34.39 -17.25 -26.47
C VAL C 377 33.53 -17.96 -25.44
C VAL C 377 33.53 -17.99 -25.42
N TYR C 378 32.37 -18.49 -25.83
CA TYR C 378 31.52 -19.23 -24.89
C TYR C 378 32.17 -20.58 -24.51
N ALA C 379 32.71 -21.28 -25.51
CA ALA C 379 33.36 -22.57 -25.27
C ALA C 379 34.62 -22.38 -24.41
N ALA C 380 35.35 -21.28 -24.63
CA ALA C 380 36.56 -20.99 -23.84
C ALA C 380 36.26 -20.83 -22.32
N ASN C 381 35.09 -20.30 -22.00
N ASN C 381 35.10 -20.25 -22.00
CA ASN C 381 34.69 -20.05 -20.61
CA ASN C 381 34.62 -20.04 -20.60
C ASN C 381 33.99 -21.20 -19.87
C ASN C 381 33.97 -21.21 -19.87
N VAL C 382 33.67 -22.29 -20.58
CA VAL C 382 33.02 -23.44 -19.96
C VAL C 382 33.74 -23.97 -18.70
N PRO C 383 35.04 -24.23 -18.78
CA PRO C 383 35.65 -24.74 -17.57
C PRO C 383 35.74 -23.76 -16.39
N TYR C 384 35.48 -22.47 -16.60
CA TYR C 384 35.57 -21.50 -15.50
C TYR C 384 34.22 -21.05 -14.98
N SER C 385 33.15 -21.62 -15.54
N SER C 385 33.17 -21.62 -15.58
CA SER C 385 31.79 -21.25 -15.16
CA SER C 385 31.81 -21.30 -15.23
C SER C 385 31.22 -22.22 -14.13
C SER C 385 31.36 -22.08 -14.00
N ILE C 386 30.47 -21.71 -13.18
N ILE C 386 30.20 -21.67 -13.48
CA ILE C 386 29.88 -22.57 -12.16
CA ILE C 386 29.66 -22.28 -12.29
C ILE C 386 28.37 -22.64 -12.40
C ILE C 386 28.19 -22.59 -12.51
N PRO C 387 27.78 -23.84 -12.31
CA PRO C 387 26.37 -24.11 -12.52
C PRO C 387 25.48 -23.65 -11.36
N ALA C 388 24.19 -23.93 -11.46
CA ALA C 388 23.25 -23.53 -10.42
C ALA C 388 23.55 -24.24 -9.08
N MSE C 389 23.09 -23.66 -7.97
CA MSE C 389 23.33 -24.22 -6.65
C MSE C 389 22.70 -25.60 -6.43
O MSE C 389 21.61 -25.89 -6.96
CB MSE C 389 22.86 -23.25 -5.56
CG MSE C 389 21.37 -22.92 -5.60
SE MSE C 389 20.85 -21.68 -4.15
CE MSE C 389 21.97 -20.19 -4.66
N ASP C 390 23.39 -26.46 -5.66
CA ASP C 390 22.86 -27.81 -5.38
C ASP C 390 22.06 -27.77 -4.09
N ASP C 391 20.99 -27.00 -4.09
CA ASP C 391 20.15 -26.90 -2.92
C ASP C 391 18.71 -27.00 -3.41
N ALA C 392 17.94 -27.88 -2.79
CA ALA C 392 16.54 -28.12 -3.14
C ALA C 392 15.66 -26.85 -3.04
N LYS C 393 15.98 -25.99 -2.10
CA LYS C 393 15.24 -24.75 -1.88
C LYS C 393 15.74 -23.55 -2.70
N TYR C 394 16.40 -23.80 -3.84
CA TYR C 394 16.98 -22.72 -4.66
C TYR C 394 15.96 -21.63 -5.02
N ASN C 395 14.73 -22.04 -5.33
CA ASN C 395 13.69 -21.08 -5.71
C ASN C 395 13.54 -19.99 -4.66
N ASP C 396 13.30 -20.37 -3.40
CA ASP C 396 13.15 -19.42 -2.30
C ASP C 396 14.45 -18.64 -2.08
N ILE C 397 15.58 -19.36 -2.11
CA ILE C 397 16.87 -18.73 -1.91
C ILE C 397 17.10 -17.60 -2.94
N GLN C 398 16.85 -17.91 -4.21
CA GLN C 398 17.06 -16.93 -5.28
C GLN C 398 16.02 -15.85 -5.28
N GLN C 399 14.80 -16.18 -4.90
CA GLN C 399 13.74 -15.19 -4.84
C GLN C 399 14.13 -14.15 -3.80
N ILE C 400 14.76 -14.58 -2.71
CA ILE C 400 15.21 -13.65 -1.66
C ILE C 400 16.28 -12.68 -2.15
N ILE C 401 17.20 -13.16 -3.00
CA ILE C 401 18.23 -12.28 -3.55
C ILE C 401 17.61 -11.07 -4.25
N GLY C 402 16.60 -11.32 -5.06
CA GLY C 402 15.94 -10.25 -5.80
C GLY C 402 15.10 -9.35 -4.91
N GLU C 403 14.23 -9.95 -4.11
CA GLU C 403 13.35 -9.16 -3.23
C GLU C 403 14.05 -8.30 -2.20
N GLU C 404 15.05 -8.87 -1.54
CA GLU C 404 15.73 -8.14 -0.47
C GLU C 404 16.89 -7.25 -0.87
N ALA C 405 17.62 -7.67 -1.90
CA ALA C 405 18.81 -6.93 -2.32
C ALA C 405 18.85 -6.36 -3.74
N TRP C 406 18.78 -7.24 -4.71
CA TRP C 406 18.94 -6.83 -6.11
C TRP C 406 17.86 -5.90 -6.67
N ASN C 407 16.59 -6.26 -6.54
CA ASN C 407 15.53 -5.41 -7.05
C ASN C 407 15.51 -4.02 -6.38
N PRO C 408 15.70 -3.97 -5.05
CA PRO C 408 15.69 -2.67 -4.39
C PRO C 408 16.87 -1.78 -4.80
N ILE C 409 18.02 -2.37 -5.04
CA ILE C 409 19.15 -1.59 -5.46
C ILE C 409 18.89 -1.03 -6.84
N VAL C 410 18.34 -1.87 -7.71
CA VAL C 410 18.03 -1.46 -9.08
C VAL C 410 17.05 -0.30 -9.09
N ARG C 411 16.12 -0.32 -8.14
CA ARG C 411 15.13 0.74 -8.02
C ARG C 411 15.59 1.93 -7.17
N GLY C 412 16.69 1.79 -6.45
CA GLY C 412 17.19 2.88 -5.59
C GLY C 412 16.42 3.02 -4.28
N GLU C 413 15.87 1.91 -3.78
CA GLU C 413 15.08 1.92 -2.53
C GLU C 413 15.87 1.59 -1.27
N LYS C 414 17.09 1.06 -1.44
CA LYS C 414 17.95 0.72 -0.31
C LYS C 414 19.41 0.99 -0.60
N LYS C 415 20.18 1.09 0.47
CA LYS C 415 21.62 1.30 0.36
C LYS C 415 22.29 -0.08 0.30
N PRO C 416 23.42 -0.19 -0.42
CA PRO C 416 24.10 -1.48 -0.57
C PRO C 416 24.36 -2.29 0.70
N THR C 417 24.89 -1.68 1.76
N THR C 417 24.91 -1.65 1.73
CA THR C 417 25.16 -2.46 2.96
CA THR C 417 25.21 -2.34 2.99
C THR C 417 23.85 -3.00 3.57
C THR C 417 23.96 -2.86 3.70
N LYS C 418 22.87 -2.12 3.74
N LYS C 418 22.88 -2.09 3.63
CA LYS C 418 21.58 -2.51 4.31
CA LYS C 418 21.62 -2.48 4.28
C LYS C 418 20.92 -3.61 3.47
C LYS C 418 20.94 -3.60 3.47
N ALA C 419 20.99 -3.48 2.14
CA ALA C 419 20.39 -4.48 1.25
C ALA C 419 21.05 -5.84 1.43
N TRP C 420 22.37 -5.86 1.52
CA TRP C 420 23.08 -7.13 1.69
C TRP C 420 22.77 -7.79 3.04
N SER C 421 22.74 -7.01 4.12
CA SER C 421 22.44 -7.55 5.45
C SER C 421 21.00 -8.03 5.54
N ASP C 422 20.07 -7.32 4.90
CA ASP C 422 18.67 -7.75 4.89
C ASP C 422 18.61 -9.12 4.18
N MSE C 423 19.29 -9.22 3.04
CA MSE C 423 19.31 -10.45 2.29
C MSE C 423 19.86 -11.60 3.14
O MSE C 423 19.29 -12.69 3.16
CB MSE C 423 20.22 -10.31 1.06
CG MSE C 423 20.14 -11.47 0.10
SE MSE C 423 21.70 -11.48 -1.03
CE MSE C 423 22.99 -11.89 0.41
N LYS C 424 20.98 -11.37 3.84
CA LYS C 424 21.57 -12.43 4.69
C LYS C 424 20.62 -12.91 5.77
N LYS C 425 19.90 -11.99 6.40
CA LYS C 425 18.96 -12.36 7.45
C LYS C 425 17.82 -13.19 6.88
N ALA C 426 17.32 -12.82 5.70
CA ALA C 426 16.24 -13.57 5.10
C ALA C 426 16.75 -14.94 4.65
N GLU C 427 17.97 -15.00 4.10
CA GLU C 427 18.52 -16.30 3.68
C GLU C 427 18.69 -17.24 4.89
N ASP C 428 19.17 -16.69 6.00
CA ASP C 428 19.36 -17.51 7.20
C ASP C 428 18.04 -18.08 7.67
N GLY C 429 16.97 -17.28 7.62
CA GLY C 429 15.65 -17.76 8.02
C GLY C 429 15.26 -18.97 7.19
N VAL C 430 15.47 -18.91 5.87
CA VAL C 430 15.12 -20.03 4.97
C VAL C 430 16.00 -21.27 5.16
N LEU C 431 17.29 -21.05 5.36
CA LEU C 431 18.26 -22.12 5.55
C LEU C 431 18.15 -22.86 6.91
N GLN C 432 17.58 -22.23 7.93
CA GLN C 432 17.47 -22.84 9.27
C GLN C 432 16.20 -23.67 9.53
C1 PGE D . 16.74 -19.41 -22.83
O1 PGE D . 17.20 -20.51 -23.61
C2 PGE D . 16.87 -19.72 -21.34
O2 PGE D . 15.96 -18.92 -20.60
C3 PGE D . 15.92 -19.25 -19.21
C4 PGE D . 14.79 -20.25 -18.93
O4 PGE D . 11.56 -21.42 -16.13
C6 PGE D . 12.66 -21.47 -17.06
C5 PGE D . 12.54 -20.38 -18.13
O3 PGE D . 13.74 -19.62 -18.18
#